data_2ZZG
#
_entry.id   2ZZG
#
_cell.length_a   70.874
_cell.length_b   89.205
_cell.length_c   94.905
_cell.angle_alpha   117.31
_cell.angle_beta   90.40
_cell.angle_gamma   107.36
#
_symmetry.space_group_name_H-M   'P 1'
#
loop_
_entity.id
_entity.type
_entity.pdbx_description
1 polymer 'Alanyl-tRNA synthetase'
2 non-polymer 'ZINC ION'
3 non-polymer "'5'-O-(N-(L-ALANYL)-SULFAMOYL)ADENOSINE"
4 water water
#
_entity_poly.entity_id   1
_entity_poly.type   'polypeptide(L)'
_entity_poly.pdbx_seq_one_letter_code
;MEFIMKTRMFEEEGWIRKKCKVCGKPFWTLDPDRETCGDPPCDEYQFIGKPGIPRKYTLDEMREKFLRFFEKHEIYPHGR
VKRYPVLPRWRDDVLLVGASIMDFQPWVISGEADPPANPLVISQPSIRFTDIDNVGITGRHFTIFEMMAHHAFNYPGKPI
YWMDETVELAFEFFTKELKMKPEDITFKENPWAGGGNAGPAFEVLYRGLEVATLVFMQYKKAPENAPQDQVVVIKGEKYI
PMETKVVDTGYGLERLVWMSQGTPTAYDAVLGYVVEPLKKMAGIEKIDEKILMENSRLAGMFDIEDLGDLRYLREQVAKR
VGITVEELEKAIRPYELIYAIADHTKALTFMLADGVVPSNVKAGYLARLLIRKSIRHLRELGLEVPLSEIVALHIKELHK
TFPEFKEMEDIILEMIELEEKKYAETLRRGSDLVRREIAKLKKKGIKEIPVEKLVTFYESHGLTPEIVKEIAEKEGVKVN
IPDNFYSMVAKEAERTKEEKGEELVDFELLKDLPDTRRLYYEDPFMKEFDAKVLRVIKDWVILDATAFYPEGGGQPYDTG
VLIVNGREVKVTNVQKVGKVIIHKVEDPGAFKEGMIVHGKIDWKRRIQHMRHHTGTHVLMGALVRVLGRHVWQAGSQLTT
DWARLDISHYKRISEEELKEIEMLANRIVMEDRKVTWEWLPRTTAEQKYGFRLYQGGVVPGREIRVVKIEDWDVQACGGT
HLPSTGLVGPIKILRTERIQDGVERIIFACGE
;
_entity_poly.pdbx_strand_id   A,B
#
loop_
_chem_comp.id
_chem_comp.type
_chem_comp.name
_chem_comp.formula
A5A non-polymer '5'-O-(N-(L-ALANYL)-SULFAMOYL)ADENOSINE 'C13 H19 N7 O7 S'
ZN non-polymer 'ZINC ION' 'Zn 2'
#
# COMPACT_ATOMS: atom_id res chain seq x y z
N GLU A 2 22.25 9.44 -3.38
CA GLU A 2 22.95 8.68 -2.30
C GLU A 2 24.35 8.20 -2.78
N PHE A 3 24.46 7.91 -4.08
CA PHE A 3 25.67 7.30 -4.67
C PHE A 3 26.54 8.31 -5.41
N ILE A 4 27.78 7.91 -5.69
CA ILE A 4 28.82 8.85 -6.13
C ILE A 4 28.73 9.35 -7.59
N MET A 5 29.14 8.48 -8.52
CA MET A 5 28.97 8.66 -9.97
C MET A 5 30.09 9.35 -10.73
N LYS A 6 31.21 9.64 -10.07
CA LYS A 6 32.37 10.12 -10.79
C LYS A 6 32.92 8.96 -11.63
N THR A 7 33.11 9.20 -12.92
CA THR A 7 33.94 8.29 -13.71
C THR A 7 35.21 8.96 -14.18
N ARG A 8 36.21 8.13 -14.46
CA ARG A 8 37.43 8.53 -15.10
C ARG A 8 37.10 9.45 -16.27
N MET A 9 36.42 8.90 -17.27
CA MET A 9 36.01 9.67 -18.43
C MET A 9 35.46 11.07 -18.12
N PHE A 10 34.64 11.20 -17.08
CA PHE A 10 34.04 12.51 -16.78
C PHE A 10 35.11 13.49 -16.32
N GLU A 11 35.99 12.98 -15.48
CA GLU A 11 37.04 13.76 -14.85
C GLU A 11 38.10 14.16 -15.87
N GLU A 12 38.46 13.23 -16.74
CA GLU A 12 39.53 13.43 -17.73
C GLU A 12 39.12 14.26 -18.93
N GLU A 13 37.88 14.12 -19.40
CA GLU A 13 37.44 14.79 -20.62
C GLU A 13 36.63 16.06 -20.30
N GLY A 14 36.61 16.42 -19.03
CA GLY A 14 35.99 17.68 -18.60
C GLY A 14 34.50 17.76 -18.81
N TRP A 15 33.78 16.75 -18.33
CA TRP A 15 32.34 16.79 -18.21
C TRP A 15 31.98 17.63 -16.99
N ILE A 16 30.79 18.23 -16.98
CA ILE A 16 30.30 18.95 -15.80
C ILE A 16 29.04 18.28 -15.26
N ARG A 17 29.01 18.05 -13.95
CA ARG A 17 27.82 17.53 -13.28
C ARG A 17 26.93 18.71 -12.84
N LYS A 18 25.68 18.71 -13.30
CA LYS A 18 24.71 19.75 -12.94
C LYS A 18 23.42 19.15 -12.41
N LYS A 19 22.61 19.95 -11.71
CA LYS A 19 21.23 19.56 -11.40
C LYS A 19 20.27 20.24 -12.37
N CYS A 20 19.55 19.43 -13.14
CA CYS A 20 18.60 19.94 -14.11
C CYS A 20 17.73 21.07 -13.55
N LYS A 21 17.56 22.15 -14.32
CA LYS A 21 16.74 23.29 -13.90
C LYS A 21 15.28 22.93 -13.64
N VAL A 22 14.77 21.97 -14.40
CA VAL A 22 13.37 21.54 -14.31
C VAL A 22 13.12 20.53 -13.19
N CYS A 23 13.92 19.47 -13.16
CA CYS A 23 13.71 18.34 -12.25
C CYS A 23 14.80 18.16 -11.18
N GLY A 24 15.85 18.98 -11.24
CA GLY A 24 16.87 19.01 -10.19
C GLY A 24 17.73 17.77 -10.05
N LYS A 25 17.72 16.93 -11.08
CA LYS A 25 18.48 15.70 -11.06
C LYS A 25 19.92 15.88 -11.54
N PRO A 26 20.84 15.17 -10.88
CA PRO A 26 22.23 15.11 -11.30
C PRO A 26 22.32 14.65 -12.74
N PHE A 27 23.07 15.38 -13.55
CA PHE A 27 23.39 14.91 -14.90
C PHE A 27 24.75 15.41 -15.36
N TRP A 28 25.35 14.69 -16.29
CA TRP A 28 26.71 14.95 -16.76
C TRP A 28 26.72 15.39 -18.19
N THR A 29 27.08 16.65 -18.40
CA THR A 29 27.13 17.24 -19.72
C THR A 29 28.51 17.79 -20.14
N LEU A 30 28.85 17.57 -21.40
CA LEU A 30 30.07 18.10 -22.02
C LEU A 30 29.86 19.55 -22.51
N ASP A 31 28.64 20.07 -22.33
CA ASP A 31 28.22 21.35 -22.88
C ASP A 31 27.87 22.33 -21.74
N PRO A 32 28.62 23.45 -21.62
CA PRO A 32 28.52 24.23 -20.36
C PRO A 32 27.22 25.05 -20.27
N ASP A 33 26.37 24.92 -21.30
CA ASP A 33 25.16 25.73 -21.47
C ASP A 33 23.90 25.00 -21.02
N ARG A 34 23.67 23.84 -21.66
CA ARG A 34 22.68 22.85 -21.24
C ARG A 34 22.38 22.92 -19.74
N GLU A 35 21.18 23.42 -19.41
CA GLU A 35 20.74 23.52 -18.02
C GLU A 35 19.79 22.41 -17.58
N THR A 36 19.19 21.72 -18.55
CA THR A 36 18.24 20.65 -18.25
C THR A 36 18.89 19.29 -18.45
N CYS A 37 18.32 18.25 -17.86
CA CYS A 37 18.89 16.90 -17.89
C CYS A 37 19.02 16.23 -19.28
N GLY A 38 18.21 16.69 -20.23
CA GLY A 38 18.10 16.05 -21.55
C GLY A 38 16.94 15.07 -21.74
N ASP A 39 16.07 14.97 -20.73
CA ASP A 39 14.95 14.00 -20.69
C ASP A 39 13.58 14.67 -20.66
N PRO A 40 12.65 14.27 -21.56
CA PRO A 40 11.24 14.73 -21.47
C PRO A 40 10.60 14.51 -20.09
N PRO A 41 9.82 15.48 -19.60
CA PRO A 41 9.39 16.74 -20.23
C PRO A 41 10.39 17.92 -20.20
N CYS A 42 11.59 17.73 -19.64
CA CYS A 42 12.65 18.77 -19.61
C CYS A 42 13.19 19.16 -20.99
N ASP A 43 13.22 18.19 -21.90
CA ASP A 43 13.58 18.44 -23.28
C ASP A 43 12.48 17.94 -24.21
N GLU A 44 12.57 18.32 -25.49
CA GLU A 44 11.63 17.90 -26.52
C GLU A 44 12.31 16.91 -27.47
N TYR A 45 11.52 16.29 -28.33
CA TYR A 45 12.11 15.52 -29.40
C TYR A 45 12.71 16.51 -30.40
N GLN A 46 13.99 16.31 -30.72
CA GLN A 46 14.66 17.16 -31.73
C GLN A 46 15.41 16.33 -32.78
N PHE A 47 14.75 15.33 -33.36
CA PHE A 47 15.40 14.51 -34.39
C PHE A 47 14.43 14.03 -35.47
N ILE A 48 13.18 14.48 -35.36
CA ILE A 48 12.15 14.13 -36.34
C ILE A 48 12.37 14.88 -37.67
N GLY A 49 12.76 14.14 -38.71
CA GLY A 49 13.11 14.75 -39.99
C GLY A 49 14.54 15.24 -40.03
N LYS A 50 15.16 15.30 -38.84
CA LYS A 50 16.55 15.67 -38.67
C LYS A 50 17.30 14.56 -37.95
N PRO A 51 17.43 13.37 -38.59
CA PRO A 51 18.00 12.20 -37.88
C PRO A 51 19.28 12.55 -37.11
N GLY A 52 19.46 11.97 -35.92
CA GLY A 52 20.64 12.23 -35.08
C GLY A 52 21.77 11.22 -35.26
N ILE A 53 21.61 10.35 -36.25
CA ILE A 53 22.67 9.44 -36.64
C ILE A 53 22.84 9.55 -38.14
N PRO A 54 24.06 9.97 -38.58
CA PRO A 54 24.51 10.10 -39.96
C PRO A 54 23.81 9.21 -40.99
N ARG A 55 24.05 7.91 -40.95
CA ARG A 55 23.42 7.03 -41.93
C ARG A 55 22.05 6.49 -41.45
N LYS A 56 21.34 5.77 -42.33
CA LYS A 56 20.10 5.11 -41.97
C LYS A 56 20.33 3.62 -41.66
N TYR A 57 19.88 3.18 -40.48
CA TYR A 57 20.03 1.77 -40.07
C TYR A 57 18.72 0.98 -40.02
N THR A 58 18.80 -0.28 -40.40
CA THR A 58 17.70 -1.21 -40.18
C THR A 58 17.92 -1.87 -38.84
N LEU A 59 16.81 -2.29 -38.22
CA LEU A 59 16.81 -3.22 -37.09
C LEU A 59 17.91 -4.26 -37.18
N ASP A 60 18.06 -4.88 -38.34
CA ASP A 60 19.02 -5.97 -38.51
C ASP A 60 20.47 -5.50 -38.63
N GLU A 61 20.68 -4.33 -39.23
CA GLU A 61 22.02 -3.75 -39.34
C GLU A 61 22.49 -3.32 -37.97
N MET A 62 21.63 -2.53 -37.33
CA MET A 62 21.93 -1.91 -36.06
C MET A 62 22.21 -2.95 -34.98
N ARG A 63 21.38 -3.98 -34.93
CA ARG A 63 21.59 -5.07 -33.99
C ARG A 63 22.97 -5.65 -34.24
N GLU A 64 23.19 -6.13 -35.47
CA GLU A 64 24.45 -6.76 -35.85
C GLU A 64 25.66 -5.84 -35.62
N LYS A 65 25.49 -4.54 -35.84
CA LYS A 65 26.52 -3.56 -35.52
C LYS A 65 26.91 -3.67 -34.05
N PHE A 66 26.02 -3.24 -33.16
CA PHE A 66 26.18 -3.38 -31.71
C PHE A 66 26.81 -4.70 -31.34
N LEU A 67 26.24 -5.81 -31.81
CA LEU A 67 26.72 -7.13 -31.44
C LEU A 67 28.17 -7.32 -31.80
N ARG A 68 28.52 -6.95 -33.04
CA ARG A 68 29.87 -7.11 -33.53
C ARG A 68 30.86 -6.26 -32.72
N PHE A 69 30.60 -4.96 -32.64
CA PHE A 69 31.40 -4.04 -31.82
C PHE A 69 31.94 -4.60 -30.51
N PHE A 70 31.10 -5.15 -29.64
CA PHE A 70 31.58 -5.63 -28.33
C PHE A 70 32.25 -6.98 -28.39
N GLU A 71 31.87 -7.75 -29.40
CA GLU A 71 32.35 -9.10 -29.60
C GLU A 71 33.81 -9.04 -30.02
N LYS A 72 34.11 -8.05 -30.86
CA LYS A 72 35.42 -7.93 -31.52
C LYS A 72 36.28 -6.82 -30.94
N HIS A 73 35.75 -6.13 -29.94
CA HIS A 73 36.42 -4.99 -29.30
C HIS A 73 37.89 -5.27 -28.98
N GLU A 74 38.75 -4.30 -29.26
CA GLU A 74 40.21 -4.46 -29.17
C GLU A 74 40.66 -4.76 -27.74
N ILE A 75 40.12 -4.01 -26.78
CA ILE A 75 40.58 -4.02 -25.40
C ILE A 75 39.84 -5.05 -24.58
N TYR A 76 38.51 -4.97 -24.53
CA TYR A 76 37.66 -5.96 -23.85
C TYR A 76 36.81 -6.73 -24.83
N PRO A 77 37.15 -8.00 -25.11
CA PRO A 77 36.26 -8.72 -26.04
C PRO A 77 35.08 -9.35 -25.28
N HIS A 78 33.87 -9.24 -25.82
CA HIS A 78 32.70 -9.84 -25.17
C HIS A 78 32.31 -11.14 -25.84
N GLY A 79 31.91 -12.13 -25.04
CA GLY A 79 31.30 -13.35 -25.55
C GLY A 79 29.86 -13.12 -26.01
N ARG A 80 29.56 -13.52 -27.24
CA ARG A 80 28.20 -13.41 -27.79
C ARG A 80 27.30 -14.54 -27.29
N VAL A 81 26.17 -14.18 -26.68
CA VAL A 81 25.21 -15.14 -26.10
C VAL A 81 23.85 -15.13 -26.82
N LYS A 82 23.32 -16.34 -27.07
CA LYS A 82 22.07 -16.51 -27.80
C LYS A 82 20.88 -16.15 -26.91
N ARG A 83 19.96 -15.35 -27.47
CA ARG A 83 18.86 -14.75 -26.73
C ARG A 83 18.02 -15.80 -25.99
N TYR A 84 17.46 -15.38 -24.86
CA TYR A 84 16.63 -16.23 -24.03
C TYR A 84 15.15 -16.08 -24.33
N PRO A 85 14.37 -17.13 -24.02
CA PRO A 85 12.94 -17.08 -24.21
C PRO A 85 12.36 -16.01 -23.29
N VAL A 86 11.41 -15.24 -23.80
CA VAL A 86 10.75 -14.20 -23.01
C VAL A 86 9.88 -14.79 -21.91
N LEU A 87 9.66 -16.10 -21.96
CA LEU A 87 8.99 -16.80 -20.89
C LEU A 87 10.05 -17.39 -19.96
N PRO A 88 10.28 -16.73 -18.80
CA PRO A 88 11.31 -17.08 -17.81
C PRO A 88 11.25 -18.50 -17.21
N ARG A 89 11.60 -19.51 -17.99
CA ARG A 89 11.69 -20.91 -17.53
C ARG A 89 12.60 -21.20 -16.33
N TRP A 90 13.55 -20.30 -16.06
CA TRP A 90 14.61 -20.51 -15.05
C TRP A 90 14.28 -19.85 -13.72
N ARG A 91 13.12 -19.20 -13.61
CA ARG A 91 12.77 -18.56 -12.34
C ARG A 91 11.25 -18.46 -12.13
N ASP A 92 10.85 -18.19 -10.88
CA ASP A 92 9.45 -18.21 -10.47
C ASP A 92 8.91 -16.87 -9.97
N ASP A 93 9.62 -15.78 -10.23
CA ASP A 93 9.23 -14.49 -9.63
C ASP A 93 8.78 -13.43 -10.64
N VAL A 94 9.17 -13.58 -11.89
CA VAL A 94 8.73 -12.64 -12.92
C VAL A 94 7.94 -13.41 -13.95
N LEU A 95 6.96 -12.73 -14.54
CA LEU A 95 6.06 -13.35 -15.51
C LEU A 95 6.66 -13.45 -16.91
N LEU A 96 7.27 -12.36 -17.34
CA LEU A 96 7.92 -12.28 -18.64
C LEU A 96 9.30 -11.73 -18.43
N VAL A 97 10.13 -11.72 -19.48
CA VAL A 97 11.46 -11.08 -19.42
C VAL A 97 11.41 -9.59 -19.75
N GLY A 98 11.78 -8.76 -18.79
CA GLY A 98 11.62 -7.29 -18.91
C GLY A 98 12.88 -6.55 -19.31
N ALA A 99 13.99 -6.91 -18.68
CA ALA A 99 15.29 -6.43 -19.07
C ALA A 99 16.14 -7.65 -19.34
N SER A 100 17.21 -7.46 -20.11
CA SER A 100 18.11 -8.54 -20.46
C SER A 100 18.72 -9.17 -19.21
N ILE A 101 19.04 -8.35 -18.22
CA ILE A 101 19.61 -8.84 -16.96
C ILE A 101 18.81 -9.99 -16.35
N MET A 102 17.51 -10.02 -16.66
CA MET A 102 16.60 -10.97 -16.02
C MET A 102 16.94 -12.40 -16.40
N ASP A 103 17.59 -12.54 -17.56
CA ASP A 103 18.15 -13.81 -18.00
C ASP A 103 19.15 -14.42 -17.00
N PHE A 104 19.66 -13.58 -16.09
CA PHE A 104 20.79 -13.98 -15.28
C PHE A 104 20.45 -13.95 -13.80
N GLN A 105 19.27 -13.45 -13.47
CA GLN A 105 18.82 -13.60 -12.08
C GLN A 105 18.12 -14.94 -11.86
N PRO A 106 18.19 -15.46 -10.63
CA PRO A 106 19.08 -14.93 -9.63
C PRO A 106 20.39 -15.73 -9.62
N TRP A 107 20.46 -16.83 -10.37
CA TRP A 107 21.51 -17.85 -10.22
C TRP A 107 22.90 -17.38 -10.64
N VAL A 108 22.96 -16.69 -11.78
CA VAL A 108 24.23 -16.20 -12.30
C VAL A 108 24.70 -15.05 -11.41
N ILE A 109 23.81 -14.13 -11.05
CA ILE A 109 24.20 -13.02 -10.20
C ILE A 109 24.50 -13.48 -8.77
N SER A 110 24.13 -14.70 -8.41
CA SER A 110 24.45 -15.22 -7.08
C SER A 110 25.70 -16.11 -7.14
N GLY A 111 26.32 -16.19 -8.32
CA GLY A 111 27.51 -17.01 -8.50
C GLY A 111 27.22 -18.49 -8.27
N GLU A 112 25.93 -18.79 -8.14
CA GLU A 112 25.51 -20.16 -8.08
C GLU A 112 25.54 -20.82 -9.45
N ALA A 113 25.53 -20.04 -10.51
CA ALA A 113 25.60 -20.57 -11.86
C ALA A 113 26.54 -19.75 -12.72
N ASP A 114 27.38 -20.43 -13.48
CA ASP A 114 28.43 -19.78 -14.26
C ASP A 114 27.86 -19.00 -15.44
N PRO A 115 28.28 -17.75 -15.60
CA PRO A 115 27.73 -16.96 -16.73
C PRO A 115 28.19 -17.58 -18.02
N PRO A 116 27.33 -17.59 -19.05
CA PRO A 116 27.70 -18.10 -20.39
C PRO A 116 28.93 -17.43 -21.01
N ALA A 117 29.28 -16.25 -20.50
CA ALA A 117 30.45 -15.48 -20.90
C ALA A 117 30.68 -14.37 -19.86
N ASN A 118 31.84 -13.73 -19.91
CA ASN A 118 32.16 -12.66 -18.97
C ASN A 118 33.35 -11.86 -19.50
N PRO A 119 33.09 -10.74 -20.19
CA PRO A 119 31.77 -10.17 -20.33
C PRO A 119 30.99 -10.84 -21.46
N LEU A 120 29.75 -10.40 -21.64
CA LEU A 120 28.86 -10.95 -22.67
C LEU A 120 28.01 -9.89 -23.32
N VAL A 121 27.63 -10.17 -24.55
CA VAL A 121 26.76 -9.29 -25.31
C VAL A 121 25.58 -10.09 -25.89
N ILE A 122 24.40 -9.49 -25.78
CA ILE A 122 23.13 -10.16 -26.07
C ILE A 122 22.12 -9.13 -26.60
N SER A 123 21.27 -9.59 -27.50
CA SER A 123 20.15 -8.79 -27.95
C SER A 123 18.87 -9.42 -27.42
N GLN A 124 18.30 -8.85 -26.37
CA GLN A 124 17.24 -9.54 -25.62
C GLN A 124 15.81 -8.98 -25.76
N PRO A 125 14.93 -9.72 -26.46
CA PRO A 125 13.54 -9.38 -26.53
C PRO A 125 12.98 -9.16 -25.13
N SER A 126 12.32 -8.03 -24.96
CA SER A 126 11.84 -7.65 -23.67
C SER A 126 10.39 -7.19 -23.79
N ILE A 127 9.61 -7.54 -22.77
CA ILE A 127 8.19 -7.26 -22.73
C ILE A 127 7.83 -6.49 -21.47
N ARG A 128 7.23 -5.32 -21.66
CA ARG A 128 6.88 -4.44 -20.55
C ARG A 128 5.46 -3.93 -20.69
N PHE A 129 4.58 -4.31 -19.77
CA PHE A 129 3.20 -3.85 -19.79
C PHE A 129 3.01 -2.66 -18.92
N THR A 130 4.11 -2.10 -18.42
CA THR A 130 3.96 -0.94 -17.58
C THR A 130 3.75 0.23 -18.48
N ASP A 131 4.01 0.04 -19.77
CA ASP A 131 3.90 1.14 -20.73
C ASP A 131 2.94 0.85 -21.85
N ILE A 132 2.15 -0.19 -21.66
CA ILE A 132 1.18 -0.60 -22.65
C ILE A 132 0.21 0.54 -23.02
N ASP A 133 -0.08 1.43 -22.09
CA ASP A 133 -0.95 2.57 -22.42
C ASP A 133 -0.21 3.68 -23.17
N ASN A 134 1.09 3.53 -23.36
CA ASN A 134 1.85 4.55 -24.08
C ASN A 134 2.05 4.19 -25.54
N VAL A 135 2.24 2.90 -25.81
CA VAL A 135 2.32 2.40 -27.17
C VAL A 135 1.34 3.07 -28.11
N GLY A 136 1.84 3.62 -29.20
CA GLY A 136 0.99 4.27 -30.21
C GLY A 136 0.68 5.74 -29.93
N ILE A 137 0.95 6.18 -28.71
CA ILE A 137 0.77 7.58 -28.30
C ILE A 137 2.08 8.41 -28.23
N THR A 138 3.07 7.89 -27.50
CA THR A 138 4.28 8.64 -27.25
C THR A 138 5.27 8.50 -28.41
N GLY A 139 5.12 7.45 -29.21
CA GLY A 139 6.02 7.28 -30.32
C GLY A 139 7.31 6.57 -29.97
N ARG A 140 7.58 6.40 -28.68
CA ARG A 140 8.82 5.76 -28.24
C ARG A 140 8.65 4.40 -27.54
N HIS A 141 7.48 4.14 -26.93
CA HIS A 141 7.28 2.87 -26.21
C HIS A 141 6.74 1.71 -27.05
N PHE A 142 7.15 0.51 -26.67
CA PHE A 142 6.64 -0.71 -27.26
C PHE A 142 6.30 -1.65 -26.12
N THR A 143 5.59 -2.71 -26.47
CA THR A 143 5.37 -3.81 -25.57
C THR A 143 6.58 -4.67 -25.67
N ILE A 144 7.07 -4.80 -26.91
CA ILE A 144 8.15 -5.70 -27.26
C ILE A 144 9.25 -4.93 -27.98
N PHE A 145 10.44 -4.98 -27.40
CA PHE A 145 11.59 -4.33 -27.97
C PHE A 145 12.82 -5.16 -27.66
N GLU A 146 13.92 -4.88 -28.35
CA GLU A 146 15.14 -5.60 -28.08
C GLU A 146 16.09 -4.81 -27.21
N MET A 147 16.26 -5.30 -25.99
CA MET A 147 17.29 -4.77 -25.15
C MET A 147 18.64 -5.40 -25.49
N MET A 148 19.53 -4.57 -26.04
CA MET A 148 20.89 -4.98 -26.31
C MET A 148 21.72 -4.60 -25.12
N ALA A 149 22.62 -5.50 -24.75
CA ALA A 149 23.32 -5.33 -23.49
C ALA A 149 24.64 -6.05 -23.47
N HIS A 150 25.63 -5.38 -22.89
CA HIS A 150 26.89 -5.98 -22.57
C HIS A 150 26.98 -6.10 -21.06
N HIS A 151 27.22 -7.31 -20.60
CA HIS A 151 27.15 -7.58 -19.17
C HIS A 151 28.49 -8.08 -18.69
N ALA A 152 28.78 -7.79 -17.42
CA ALA A 152 30.06 -8.12 -16.78
C ALA A 152 29.88 -8.48 -15.32
N PHE A 153 30.25 -9.71 -14.98
CA PHE A 153 30.06 -10.21 -13.63
C PHE A 153 31.39 -10.20 -12.88
N ASN A 154 31.44 -9.39 -11.82
CA ASN A 154 32.64 -9.21 -11.06
C ASN A 154 32.43 -9.88 -9.76
N TYR A 155 32.79 -11.16 -9.72
CA TYR A 155 32.85 -11.89 -8.45
C TYR A 155 34.12 -11.52 -7.68
N PRO A 156 34.13 -11.73 -6.34
CA PRO A 156 35.19 -11.17 -5.50
C PRO A 156 36.59 -11.67 -5.87
N GLY A 157 37.53 -10.71 -5.87
CA GLY A 157 38.91 -10.93 -6.29
C GLY A 157 39.01 -11.46 -7.70
N LYS A 158 38.41 -10.74 -8.65
CA LYS A 158 38.34 -11.20 -10.04
C LYS A 158 37.51 -10.24 -10.87
N PRO A 159 38.03 -9.01 -11.10
CA PRO A 159 37.32 -8.08 -11.98
C PRO A 159 37.28 -8.50 -13.45
N ILE A 160 36.25 -7.99 -14.14
CA ILE A 160 36.12 -8.02 -15.60
C ILE A 160 36.20 -6.55 -16.05
N TYR A 161 35.17 -5.78 -15.72
CA TYR A 161 35.24 -4.32 -15.74
C TYR A 161 34.13 -3.69 -14.90
N TRP A 162 34.15 -2.38 -14.76
CA TRP A 162 33.22 -1.77 -13.86
C TRP A 162 32.80 -0.43 -14.43
N MET A 163 32.49 0.53 -13.56
CA MET A 163 31.83 1.76 -13.96
C MET A 163 32.61 2.54 -15.03
N ASP A 164 33.89 2.79 -14.76
CA ASP A 164 34.77 3.56 -15.67
C ASP A 164 34.78 3.05 -17.11
N GLU A 165 35.07 1.77 -17.26
CA GLU A 165 35.18 1.11 -18.54
C GLU A 165 33.85 1.10 -19.25
N THR A 166 32.77 1.06 -18.47
CA THR A 166 31.40 0.92 -18.99
C THR A 166 30.92 2.19 -19.67
N VAL A 167 31.08 3.33 -19.00
CA VAL A 167 30.64 4.59 -19.58
C VAL A 167 31.43 4.87 -20.86
N GLU A 168 32.53 4.14 -21.01
CA GLU A 168 33.43 4.34 -22.13
C GLU A 168 33.02 3.50 -23.31
N LEU A 169 32.96 2.18 -23.11
CA LEU A 169 32.53 1.27 -24.17
C LEU A 169 31.22 1.75 -24.76
N ALA A 170 30.38 2.31 -23.88
CA ALA A 170 29.15 2.95 -24.30
C ALA A 170 29.48 4.15 -25.18
N PHE A 171 30.16 5.13 -24.59
CA PHE A 171 30.46 6.41 -25.26
C PHE A 171 31.25 6.22 -26.55
N GLU A 172 32.14 5.24 -26.56
CA GLU A 172 32.85 4.86 -27.76
C GLU A 172 31.83 4.57 -28.85
N PHE A 173 31.01 3.55 -28.63
CA PHE A 173 30.00 3.05 -29.59
C PHE A 173 29.09 4.14 -30.16
N PHE A 174 28.68 5.08 -29.32
CA PHE A 174 27.78 6.12 -29.79
C PHE A 174 28.48 7.06 -30.76
N THR A 175 29.68 7.47 -30.37
CA THR A 175 30.46 8.44 -31.15
C THR A 175 31.31 7.79 -32.26
N LYS A 176 32.08 6.75 -31.92
CA LYS A 176 32.94 6.10 -32.92
C LYS A 176 32.28 5.03 -33.79
N GLU A 177 31.01 4.70 -33.52
CA GLU A 177 30.26 3.73 -34.33
C GLU A 177 29.09 4.36 -35.05
N LEU A 178 28.26 5.09 -34.31
CA LEU A 178 27.04 5.64 -34.86
C LEU A 178 27.27 7.07 -35.29
N LYS A 179 28.40 7.63 -34.86
CA LYS A 179 28.79 9.01 -35.12
C LYS A 179 27.76 9.99 -34.58
N MET A 180 27.53 9.95 -33.27
CA MET A 180 26.60 10.87 -32.62
C MET A 180 27.39 12.09 -32.14
N LYS A 181 26.72 13.23 -32.07
CA LYS A 181 27.34 14.46 -31.63
C LYS A 181 27.64 14.41 -30.12
N PRO A 182 28.91 14.21 -29.75
CA PRO A 182 29.29 13.94 -28.36
C PRO A 182 28.80 14.97 -27.34
N GLU A 183 28.57 16.20 -27.77
CA GLU A 183 28.07 17.20 -26.82
C GLU A 183 26.53 17.35 -26.86
N ASP A 184 25.87 16.36 -27.46
CA ASP A 184 24.41 16.24 -27.37
C ASP A 184 24.00 15.06 -26.46
N ILE A 185 24.91 14.09 -26.32
CA ILE A 185 24.83 13.06 -25.30
C ILE A 185 24.89 13.64 -23.87
N THR A 186 24.02 13.15 -23.00
CA THR A 186 24.03 13.52 -21.61
C THR A 186 23.96 12.22 -20.82
N PHE A 187 24.26 12.29 -19.53
CA PHE A 187 24.28 11.10 -18.66
C PHE A 187 23.53 11.39 -17.36
N LYS A 188 22.23 11.10 -17.33
CA LYS A 188 21.43 11.41 -16.16
C LYS A 188 21.64 10.36 -15.08
N GLU A 189 21.62 10.82 -13.82
CA GLU A 189 21.77 9.94 -12.69
C GLU A 189 20.41 9.52 -12.14
N ASN A 190 20.20 8.21 -12.08
CA ASN A 190 19.00 7.64 -11.50
C ASN A 190 19.27 6.21 -11.12
N PRO A 191 18.83 5.80 -9.92
CA PRO A 191 19.06 4.40 -9.63
C PRO A 191 18.10 3.51 -10.41
N TRP A 192 18.45 2.24 -10.54
CA TRP A 192 17.60 1.33 -11.25
C TRP A 192 17.48 0.10 -10.40
N ALA A 193 16.23 -0.32 -10.18
CA ALA A 193 15.89 -1.53 -9.46
C ALA A 193 15.16 -2.41 -10.43
N GLY A 194 15.18 -3.72 -10.22
CA GLY A 194 14.50 -4.62 -11.14
C GLY A 194 14.81 -6.08 -10.94
N GLY A 195 13.77 -6.88 -10.76
CA GLY A 195 13.86 -8.33 -10.68
C GLY A 195 14.68 -8.89 -9.55
N GLY A 196 14.86 -8.11 -8.48
CA GLY A 196 15.57 -8.60 -7.31
C GLY A 196 16.85 -7.87 -7.02
N ASN A 197 17.27 -6.98 -7.91
CA ASN A 197 18.54 -6.26 -7.75
C ASN A 197 18.44 -4.77 -8.06
N ALA A 198 19.40 -4.02 -7.55
CA ALA A 198 19.42 -2.57 -7.73
C ALA A 198 20.83 -2.01 -7.84
N GLY A 199 20.91 -0.72 -8.12
CA GLY A 199 22.16 -0.02 -8.06
C GLY A 199 22.00 1.31 -8.72
N PRO A 200 22.99 2.20 -8.58
CA PRO A 200 22.91 3.47 -9.28
C PRO A 200 23.15 3.25 -10.77
N ALA A 201 22.66 4.17 -11.58
CA ALA A 201 22.64 3.93 -13.00
C ALA A 201 22.66 5.20 -13.78
N PHE A 202 23.10 5.10 -15.01
CA PHE A 202 23.06 6.24 -15.87
C PHE A 202 22.01 6.03 -16.90
N GLU A 203 21.20 7.08 -17.07
CA GLU A 203 20.29 7.18 -18.21
C GLU A 203 21.00 7.96 -19.29
N VAL A 204 21.39 7.26 -20.36
CA VAL A 204 22.01 7.89 -21.52
C VAL A 204 20.96 8.56 -22.40
N LEU A 205 21.05 9.89 -22.51
CA LEU A 205 20.04 10.74 -23.18
C LEU A 205 20.58 11.50 -24.39
N TYR A 206 19.84 11.52 -25.48
CA TYR A 206 20.36 12.07 -26.73
C TYR A 206 19.28 12.64 -27.63
N ARG A 207 19.35 13.96 -27.80
CA ARG A 207 18.48 14.69 -28.72
C ARG A 207 17.02 14.60 -28.28
N GLY A 208 16.81 14.31 -27.00
CA GLY A 208 15.47 14.24 -26.43
C GLY A 208 14.93 12.84 -26.24
N LEU A 209 15.74 11.83 -26.56
CA LEU A 209 15.35 10.45 -26.40
C LEU A 209 16.38 9.60 -25.63
N GLU A 210 15.96 9.12 -24.46
CA GLU A 210 16.69 8.11 -23.73
C GLU A 210 16.92 6.86 -24.56
N VAL A 211 18.17 6.61 -24.98
CA VAL A 211 18.52 5.47 -25.85
C VAL A 211 19.21 4.32 -25.12
N ALA A 212 19.82 4.61 -23.98
CA ALA A 212 20.45 3.52 -23.22
C ALA A 212 20.34 3.77 -21.73
N THR A 213 20.57 2.71 -20.95
CA THR A 213 20.58 2.83 -19.50
C THR A 213 21.71 1.94 -19.01
N LEU A 214 22.52 2.48 -18.09
CA LEU A 214 23.65 1.71 -17.56
C LEU A 214 23.54 1.61 -16.06
N VAL A 215 23.53 0.37 -15.57
CA VAL A 215 23.30 0.12 -14.16
C VAL A 215 24.52 -0.56 -13.54
N PHE A 216 24.85 -0.05 -12.37
CA PHE A 216 25.96 -0.57 -11.60
C PHE A 216 25.47 -1.25 -10.35
N MET A 217 25.14 -2.51 -10.57
CA MET A 217 24.41 -3.34 -9.66
C MET A 217 25.25 -3.99 -8.61
N GLN A 218 24.89 -3.70 -7.37
CA GLN A 218 25.59 -4.18 -6.21
C GLN A 218 24.59 -4.43 -5.07
N TYR A 219 23.33 -4.62 -5.42
CA TYR A 219 22.31 -4.76 -4.41
C TYR A 219 21.38 -5.91 -4.66
N LYS A 220 20.91 -6.47 -3.56
CA LYS A 220 19.95 -7.53 -3.58
C LYS A 220 18.88 -7.19 -2.55
N LYS A 221 17.71 -7.77 -2.71
CA LYS A 221 16.55 -7.47 -1.86
C LYS A 221 16.70 -7.93 -0.41
N ALA A 222 16.11 -7.15 0.51
CA ALA A 222 15.75 -7.59 1.90
C ALA A 222 16.76 -8.55 2.53
N PRO A 223 16.34 -9.66 3.18
CA PRO A 223 15.03 -10.18 3.59
C PRO A 223 14.57 -9.62 4.95
N GLU A 224 13.33 -9.94 5.32
CA GLU A 224 12.75 -9.53 6.60
C GLU A 224 13.67 -9.93 7.78
N GLN A 228 20.22 -6.28 10.06
CA GLN A 228 18.94 -5.99 9.42
C GLN A 228 18.66 -4.48 9.35
N ASP A 229 19.72 -3.66 9.34
CA ASP A 229 19.63 -2.26 8.91
C ASP A 229 20.99 -1.67 8.45
N GLN A 230 21.61 -2.40 7.52
CA GLN A 230 22.61 -1.87 6.61
C GLN A 230 21.92 -1.83 5.25
N VAL A 231 20.71 -1.29 5.27
CA VAL A 231 19.80 -1.33 4.15
C VAL A 231 19.73 0.03 3.45
N VAL A 232 19.44 0.01 2.17
CA VAL A 232 19.24 1.22 1.39
C VAL A 232 17.98 1.10 0.54
N VAL A 233 17.13 2.12 0.56
CA VAL A 233 15.93 2.10 -0.26
C VAL A 233 16.32 2.56 -1.67
N ILE A 234 15.96 1.78 -2.71
CA ILE A 234 16.26 2.24 -4.07
C ILE A 234 15.06 2.87 -4.82
N LYS A 235 13.91 2.20 -4.80
CA LYS A 235 12.71 2.82 -5.38
C LYS A 235 11.44 2.52 -4.55
N GLY A 236 11.58 2.62 -3.23
CA GLY A 236 10.52 2.25 -2.32
C GLY A 236 10.56 0.76 -2.03
N GLU A 237 11.74 0.16 -2.13
CA GLU A 237 11.94 -1.19 -1.62
C GLU A 237 13.24 -1.18 -0.85
N LYS A 238 13.56 -2.32 -0.24
CA LYS A 238 14.73 -2.41 0.62
C LYS A 238 15.78 -3.35 0.03
N TYR A 239 17.02 -2.86 -0.04
CA TYR A 239 18.18 -3.67 -0.47
C TYR A 239 19.33 -3.62 0.52
N ILE A 240 20.16 -4.65 0.50
CA ILE A 240 21.43 -4.72 1.24
C ILE A 240 22.55 -4.92 0.22
N PRO A 241 23.80 -4.53 0.56
CA PRO A 241 24.83 -4.69 -0.47
C PRO A 241 25.09 -6.17 -0.74
N MET A 242 25.63 -6.47 -1.92
CA MET A 242 25.89 -7.83 -2.31
C MET A 242 27.32 -8.03 -2.81
N GLU A 243 27.82 -9.25 -2.65
CA GLU A 243 29.17 -9.63 -3.05
C GLU A 243 29.47 -9.31 -4.51
N THR A 244 28.63 -9.80 -5.42
CA THR A 244 28.87 -9.58 -6.83
C THR A 244 28.68 -8.10 -7.18
N LYS A 245 29.37 -7.64 -8.21
CA LYS A 245 29.15 -6.31 -8.73
C LYS A 245 28.93 -6.41 -10.22
N VAL A 246 27.70 -6.17 -10.64
CA VAL A 246 27.33 -6.55 -11.99
C VAL A 246 27.10 -5.34 -12.87
N VAL A 247 27.54 -5.47 -14.11
CA VAL A 247 27.34 -4.43 -15.10
C VAL A 247 26.07 -4.74 -15.92
N ASP A 248 25.03 -3.94 -15.66
CA ASP A 248 23.72 -4.10 -16.29
C ASP A 248 23.51 -2.98 -17.28
N THR A 249 23.61 -3.31 -18.56
CA THR A 249 23.38 -2.32 -19.60
C THR A 249 22.10 -2.63 -20.36
N GLY A 250 21.50 -1.61 -20.97
CA GLY A 250 20.27 -1.77 -21.69
C GLY A 250 20.23 -0.75 -22.77
N TYR A 251 20.28 -1.26 -24.00
CA TYR A 251 20.30 -0.43 -25.21
C TYR A 251 19.03 -0.61 -26.06
N GLY A 252 18.22 0.45 -26.08
CA GLY A 252 17.03 0.49 -26.91
C GLY A 252 17.37 0.46 -28.39
N LEU A 253 17.29 -0.75 -28.97
CA LEU A 253 17.52 -0.98 -30.40
C LEU A 253 16.58 -0.18 -31.30
N GLU A 254 15.28 -0.43 -31.17
CA GLU A 254 14.22 0.39 -31.77
C GLU A 254 14.56 1.86 -31.66
N ARG A 255 14.90 2.29 -30.45
CA ARG A 255 15.10 3.71 -30.20
C ARG A 255 16.25 4.29 -31.02
N LEU A 256 17.35 3.55 -31.08
CA LEU A 256 18.49 3.87 -31.95
C LEU A 256 18.14 3.90 -33.44
N VAL A 257 17.41 2.87 -33.90
CA VAL A 257 17.04 2.80 -35.31
C VAL A 257 16.06 3.94 -35.65
N TRP A 258 15.25 4.33 -34.68
CA TRP A 258 14.40 5.48 -34.86
C TRP A 258 15.32 6.67 -35.10
N MET A 259 16.34 6.79 -34.25
CA MET A 259 17.29 7.91 -34.28
C MET A 259 17.96 8.04 -35.65
N SER A 260 18.29 6.91 -36.27
CA SER A 260 18.93 6.91 -37.56
C SER A 260 17.94 6.97 -38.72
N GLN A 261 16.80 7.63 -38.49
CA GLN A 261 15.72 7.61 -39.47
C GLN A 261 14.84 8.86 -39.39
N GLY A 262 14.64 9.40 -38.19
CA GLY A 262 13.92 10.67 -38.06
C GLY A 262 12.47 10.65 -38.51
N THR A 263 11.92 9.45 -38.63
CA THR A 263 10.51 9.23 -38.97
C THR A 263 9.64 9.80 -37.85
N PRO A 264 8.31 9.87 -38.07
CA PRO A 264 7.51 10.54 -37.03
C PRO A 264 7.32 9.71 -35.73
N THR A 265 7.42 8.38 -35.84
CA THR A 265 7.39 7.48 -34.68
C THR A 265 8.38 6.32 -34.88
N ALA A 266 8.87 5.74 -33.79
CA ALA A 266 9.75 4.56 -33.84
C ALA A 266 9.08 3.38 -34.55
N TYR A 267 7.74 3.45 -34.58
CA TYR A 267 6.90 2.41 -35.16
C TYR A 267 6.98 2.40 -36.69
N ASP A 268 6.96 3.61 -37.26
CA ASP A 268 7.15 3.80 -38.69
C ASP A 268 8.50 3.26 -39.11
N ALA A 269 9.50 3.46 -38.26
CA ALA A 269 10.85 3.00 -38.54
C ALA A 269 11.07 1.49 -38.36
N VAL A 270 10.45 0.85 -37.37
CA VAL A 270 10.74 -0.58 -37.17
C VAL A 270 9.64 -1.51 -37.69
N LEU A 271 8.39 -1.05 -37.57
CA LEU A 271 7.24 -1.86 -37.89
C LEU A 271 6.55 -1.30 -39.11
N GLY A 272 7.33 -1.06 -40.17
CA GLY A 272 6.77 -0.57 -41.41
C GLY A 272 6.01 -1.66 -42.14
N TYR A 273 6.53 -2.89 -42.09
CA TYR A 273 5.96 -4.01 -42.84
C TYR A 273 4.58 -4.46 -42.40
N VAL A 274 4.05 -3.75 -41.41
CA VAL A 274 2.76 -4.07 -40.81
C VAL A 274 1.91 -2.81 -40.80
N VAL A 275 2.52 -1.69 -40.42
CA VAL A 275 1.83 -0.40 -40.34
C VAL A 275 1.27 0.08 -41.68
N GLU A 276 2.13 0.17 -42.70
CA GLU A 276 1.72 0.67 -44.01
C GLU A 276 0.69 -0.22 -44.71
N PRO A 277 0.87 -1.57 -44.69
CA PRO A 277 -0.20 -2.42 -45.21
C PRO A 277 -1.53 -2.07 -44.57
N LEU A 278 -1.55 -2.03 -43.23
CA LEU A 278 -2.74 -1.72 -42.46
C LEU A 278 -3.36 -0.36 -42.71
N LYS A 279 -2.61 0.56 -43.28
CA LYS A 279 -3.12 1.89 -43.54
C LYS A 279 -4.00 1.86 -44.78
N LYS A 280 -3.54 1.09 -45.76
CA LYS A 280 -4.29 0.87 -46.98
C LYS A 280 -5.61 0.15 -46.66
N MET A 281 -5.52 -0.96 -45.94
CA MET A 281 -6.69 -1.72 -45.51
C MET A 281 -7.72 -0.88 -44.73
N ALA A 282 -7.25 0.08 -43.93
CA ALA A 282 -8.15 0.99 -43.24
C ALA A 282 -8.61 2.08 -44.19
N GLY A 283 -7.86 2.24 -45.27
CA GLY A 283 -8.12 3.31 -46.22
C GLY A 283 -7.97 4.67 -45.58
N ILE A 284 -7.20 4.71 -44.49
CA ILE A 284 -6.94 5.96 -43.79
C ILE A 284 -6.10 6.88 -44.66
N GLU A 285 -6.25 8.18 -44.41
CA GLU A 285 -5.65 9.20 -45.26
C GLU A 285 -4.34 9.72 -44.64
N LYS A 286 -3.30 9.84 -45.47
CA LYS A 286 -1.99 10.35 -45.01
C LYS A 286 -2.09 11.77 -44.46
N ILE A 287 -2.17 11.84 -43.13
CA ILE A 287 -2.42 13.03 -42.29
C ILE A 287 -1.74 14.36 -42.69
N ASP A 288 -2.44 15.47 -42.41
CA ASP A 288 -1.92 16.83 -42.64
C ASP A 288 -0.59 17.03 -41.93
N GLU A 289 0.39 17.56 -42.65
CA GLU A 289 1.77 17.70 -42.14
C GLU A 289 1.90 18.67 -40.98
N LYS A 290 1.33 19.86 -41.13
CA LYS A 290 1.33 20.88 -40.07
C LYS A 290 0.59 20.36 -38.81
N ILE A 291 -0.15 19.28 -38.99
CA ILE A 291 -0.78 18.54 -37.89
C ILE A 291 0.14 17.39 -37.43
N LEU A 292 0.62 16.58 -38.38
CA LEU A 292 1.43 15.39 -38.08
C LEU A 292 2.73 15.70 -37.34
N MET A 293 3.40 16.77 -37.76
CA MET A 293 4.70 17.10 -37.20
C MET A 293 4.59 17.85 -35.86
N GLU A 294 3.56 18.68 -35.71
CA GLU A 294 3.36 19.38 -34.45
C GLU A 294 2.64 18.54 -33.40
N ASN A 295 2.44 17.26 -33.73
CA ASN A 295 2.00 16.26 -32.77
C ASN A 295 3.10 15.23 -32.50
N SER A 296 3.86 14.89 -33.55
CA SER A 296 4.99 13.99 -33.45
C SER A 296 6.07 14.51 -32.48
N ARG A 297 6.25 15.83 -32.49
CA ARG A 297 7.22 16.55 -31.66
C ARG A 297 6.84 16.57 -30.17
N LEU A 298 5.57 16.87 -29.88
CA LEU A 298 5.12 17.06 -28.50
C LEU A 298 4.63 15.78 -27.85
N ALA A 299 4.69 14.68 -28.58
CA ALA A 299 4.19 13.37 -28.15
C ALA A 299 4.99 12.77 -26.99
N GLY A 300 6.29 13.04 -26.97
CA GLY A 300 7.18 12.53 -25.93
C GLY A 300 7.05 13.25 -24.60
N MET A 301 6.25 14.30 -24.57
CA MET A 301 6.13 15.16 -23.39
C MET A 301 5.06 14.67 -22.42
N PHE A 302 4.40 13.58 -22.80
CA PHE A 302 3.30 13.04 -22.00
C PHE A 302 3.32 11.52 -21.88
N ASP A 303 3.38 11.08 -20.62
CA ASP A 303 3.19 9.68 -20.23
C ASP A 303 1.93 9.65 -19.38
N ILE A 304 1.56 8.47 -18.88
CA ILE A 304 0.43 8.40 -17.95
C ILE A 304 0.62 7.46 -16.77
N GLU A 305 0.32 7.99 -15.58
CA GLU A 305 0.44 7.26 -14.31
C GLU A 305 -0.87 7.31 -13.53
N ASP A 309 -4.25 11.50 -17.60
CA ASP A 309 -4.36 12.93 -17.89
C ASP A 309 -3.96 13.31 -19.34
N LEU A 310 -3.93 12.31 -20.23
CA LEU A 310 -3.73 12.48 -21.68
C LEU A 310 -4.69 13.51 -22.29
N ARG A 311 -5.88 13.60 -21.72
CA ARG A 311 -6.89 14.60 -22.07
C ARG A 311 -6.26 15.98 -22.33
N TYR A 312 -5.46 16.44 -21.38
CA TYR A 312 -4.94 17.79 -21.39
C TYR A 312 -3.77 18.01 -22.37
N LEU A 313 -2.99 16.97 -22.63
CA LEU A 313 -2.02 17.01 -23.74
C LEU A 313 -2.78 17.21 -25.02
N ARG A 314 -3.92 16.52 -25.14
CA ARG A 314 -4.74 16.60 -26.34
C ARG A 314 -5.24 18.03 -26.59
N GLU A 315 -5.49 18.77 -25.51
CA GLU A 315 -5.93 20.15 -25.60
C GLU A 315 -4.77 21.10 -25.85
N GLN A 316 -3.56 20.64 -25.50
CA GLN A 316 -2.36 21.47 -25.59
C GLN A 316 -1.69 21.34 -26.95
N VAL A 317 -2.07 20.32 -27.71
CA VAL A 317 -1.60 20.17 -29.08
C VAL A 317 -2.73 20.67 -29.99
N ALA A 318 -3.96 20.59 -29.49
CA ALA A 318 -5.11 21.18 -30.17
C ALA A 318 -4.94 22.70 -30.28
N LYS A 319 -4.88 23.39 -29.14
CA LYS A 319 -4.55 24.82 -29.10
C LYS A 319 -3.27 25.13 -29.86
N ARG A 320 -2.28 24.24 -29.76
CA ARG A 320 -1.00 24.50 -30.41
C ARG A 320 -1.14 24.48 -31.92
N VAL A 321 -1.59 23.35 -32.48
CA VAL A 321 -1.73 23.21 -33.94
C VAL A 321 -2.81 24.13 -34.54
N GLY A 322 -3.91 24.33 -33.80
CA GLY A 322 -4.89 25.36 -34.16
C GLY A 322 -6.33 24.90 -34.36
N ILE A 323 -6.65 23.70 -33.88
CA ILE A 323 -7.95 23.06 -34.14
C ILE A 323 -8.61 22.56 -32.83
N THR A 324 -9.81 21.98 -32.92
CA THR A 324 -10.45 21.39 -31.73
C THR A 324 -9.85 20.03 -31.39
N VAL A 325 -10.06 19.58 -30.16
CA VAL A 325 -9.63 18.24 -29.74
C VAL A 325 -10.19 17.13 -30.66
N GLU A 326 -11.49 17.18 -30.94
CA GLU A 326 -12.18 16.22 -31.84
C GLU A 326 -11.57 16.23 -33.23
N GLU A 327 -11.22 17.42 -33.70
CA GLU A 327 -10.65 17.63 -35.03
C GLU A 327 -9.31 16.91 -35.13
N LEU A 328 -8.58 16.93 -34.01
CA LEU A 328 -7.27 16.30 -33.90
C LEU A 328 -7.41 14.83 -33.56
N GLU A 329 -8.31 14.53 -32.63
CA GLU A 329 -8.70 13.17 -32.27
C GLU A 329 -8.96 12.34 -33.54
N LYS A 330 -9.99 12.74 -34.30
CA LYS A 330 -10.21 12.33 -35.69
C LYS A 330 -8.92 11.97 -36.46
N ALA A 331 -7.94 12.88 -36.43
CA ALA A 331 -6.73 12.79 -37.25
C ALA A 331 -5.71 11.74 -36.82
N ILE A 332 -5.31 11.78 -35.54
CA ILE A 332 -4.28 10.86 -35.04
C ILE A 332 -4.80 9.50 -34.58
N ARG A 333 -6.03 9.50 -34.05
CA ARG A 333 -6.66 8.30 -33.51
C ARG A 333 -6.43 7.02 -34.33
N PRO A 334 -6.64 7.06 -35.66
CA PRO A 334 -6.42 5.84 -36.43
C PRO A 334 -4.98 5.35 -36.40
N TYR A 335 -4.04 6.28 -36.31
CA TYR A 335 -2.62 5.98 -36.27
C TYR A 335 -2.23 5.29 -34.96
N GLU A 336 -2.76 5.82 -33.86
CA GLU A 336 -2.59 5.20 -32.54
C GLU A 336 -3.00 3.74 -32.61
N LEU A 337 -4.19 3.51 -33.14
CA LEU A 337 -4.74 2.17 -33.25
C LEU A 337 -3.88 1.27 -34.12
N ILE A 338 -3.52 1.75 -35.30
CA ILE A 338 -2.66 0.95 -36.17
C ILE A 338 -1.34 0.58 -35.47
N TYR A 339 -0.71 1.57 -34.83
CA TYR A 339 0.58 1.32 -34.16
C TYR A 339 0.48 0.23 -33.09
N ALA A 340 -0.46 0.39 -32.15
CA ALA A 340 -0.72 -0.60 -31.12
C ALA A 340 -0.91 -2.01 -31.72
N ILE A 341 -1.80 -2.15 -32.70
CA ILE A 341 -2.03 -3.43 -33.33
C ILE A 341 -0.71 -4.02 -33.76
N ALA A 342 0.02 -3.27 -34.58
CA ALA A 342 1.35 -3.66 -35.09
C ALA A 342 2.30 -4.12 -33.99
N ASP A 343 2.42 -3.27 -32.97
CA ASP A 343 3.20 -3.58 -31.80
C ASP A 343 2.69 -4.82 -31.05
N HIS A 344 1.49 -4.72 -30.46
CA HIS A 344 0.91 -5.80 -29.65
C HIS A 344 1.02 -7.17 -30.32
N THR A 345 0.74 -7.20 -31.62
CA THR A 345 0.77 -8.45 -32.35
C THR A 345 2.18 -9.04 -32.46
N LYS A 346 3.21 -8.19 -32.35
CA LYS A 346 4.61 -8.64 -32.37
C LYS A 346 4.93 -9.25 -31.03
N ALA A 347 4.49 -8.56 -29.97
CA ALA A 347 4.58 -9.07 -28.62
C ALA A 347 4.00 -10.47 -28.61
N LEU A 348 2.83 -10.59 -29.25
CA LEU A 348 2.11 -11.86 -29.33
C LEU A 348 2.89 -12.94 -30.05
N THR A 349 3.60 -12.56 -31.11
CA THR A 349 4.36 -13.53 -31.89
C THR A 349 5.50 -14.10 -31.06
N PHE A 350 6.14 -13.23 -30.27
CA PHE A 350 7.30 -13.63 -29.42
C PHE A 350 6.90 -14.47 -28.22
N MET A 351 5.75 -14.17 -27.62
CA MET A 351 5.22 -14.92 -26.49
C MET A 351 4.75 -16.32 -26.87
N LEU A 352 4.03 -16.41 -27.98
CA LEU A 352 3.44 -17.67 -28.36
C LEU A 352 4.48 -18.67 -28.85
N ALA A 353 5.49 -18.14 -29.54
CA ALA A 353 6.67 -18.90 -30.00
C ALA A 353 7.53 -19.37 -28.84
N ASP A 354 7.47 -18.63 -27.74
CA ASP A 354 8.18 -19.01 -26.54
C ASP A 354 7.24 -19.81 -25.62
N GLY A 355 6.21 -20.41 -26.23
CA GLY A 355 5.35 -21.36 -25.52
C GLY A 355 4.42 -20.80 -24.48
N VAL A 356 4.12 -19.50 -24.55
CA VAL A 356 3.08 -18.87 -23.71
C VAL A 356 1.72 -19.30 -24.21
N VAL A 357 0.92 -19.95 -23.37
CA VAL A 357 -0.41 -20.38 -23.81
C VAL A 357 -1.52 -19.52 -23.23
N PRO A 358 -2.30 -18.83 -24.10
CA PRO A 358 -3.27 -17.86 -23.58
C PRO A 358 -4.18 -18.50 -22.55
N SER A 359 -4.42 -17.82 -21.45
CA SER A 359 -5.29 -18.31 -20.40
C SER A 359 -5.76 -17.16 -19.52
N ASN A 360 -5.92 -17.38 -18.22
CA ASN A 360 -6.51 -16.35 -17.35
C ASN A 360 -5.61 -16.00 -16.20
N VAL A 361 -4.39 -16.52 -16.29
CA VAL A 361 -3.40 -16.43 -15.22
C VAL A 361 -1.96 -16.25 -15.77
N LYS A 362 -1.19 -15.45 -15.03
CA LYS A 362 0.23 -15.30 -15.28
C LYS A 362 0.45 -14.86 -16.73
N ALA A 363 1.46 -15.40 -17.39
CA ALA A 363 1.79 -14.99 -18.74
C ALA A 363 0.56 -15.14 -19.64
N GLY A 364 -0.20 -16.22 -19.43
CA GLY A 364 -1.34 -16.55 -20.28
C GLY A 364 -2.32 -15.42 -20.34
N TYR A 365 -2.72 -14.95 -19.16
CA TYR A 365 -3.56 -13.77 -18.98
C TYR A 365 -3.16 -12.57 -19.86
N LEU A 366 -1.85 -12.38 -19.94
CA LEU A 366 -1.27 -11.28 -20.66
C LEU A 366 -1.46 -11.41 -22.17
N ALA A 367 -0.97 -12.52 -22.74
CA ALA A 367 -1.22 -12.85 -24.14
C ALA A 367 -2.68 -12.57 -24.53
N ARG A 368 -3.62 -13.16 -23.79
CA ARG A 368 -5.07 -12.96 -23.97
C ARG A 368 -5.49 -11.48 -23.97
N LEU A 369 -5.11 -10.76 -22.91
CA LEU A 369 -5.29 -9.31 -22.81
C LEU A 369 -4.82 -8.64 -24.10
N LEU A 370 -3.57 -8.87 -24.46
CA LEU A 370 -3.03 -8.36 -25.70
C LEU A 370 -3.92 -8.65 -26.91
N ILE A 371 -4.44 -9.88 -26.99
CA ILE A 371 -5.32 -10.29 -28.10
C ILE A 371 -6.65 -9.54 -28.07
N ARG A 372 -7.26 -9.42 -26.90
CA ARG A 372 -8.49 -8.69 -26.83
C ARG A 372 -8.30 -7.24 -27.30
N LYS A 373 -7.29 -6.56 -26.77
CA LYS A 373 -7.06 -5.15 -27.10
C LYS A 373 -6.83 -5.00 -28.60
N SER A 374 -6.11 -5.93 -29.20
CA SER A 374 -5.83 -5.89 -30.62
C SER A 374 -7.10 -5.99 -31.44
N ILE A 375 -7.90 -7.03 -31.20
CA ILE A 375 -9.17 -7.28 -31.93
C ILE A 375 -10.07 -6.07 -31.87
N ARG A 376 -10.28 -5.57 -30.65
CA ARG A 376 -10.99 -4.32 -30.41
C ARG A 376 -10.53 -3.10 -31.22
N HIS A 377 -9.23 -2.95 -31.39
CA HIS A 377 -8.68 -1.88 -32.21
C HIS A 377 -8.98 -2.09 -33.68
N LEU A 378 -8.85 -3.33 -34.15
CA LEU A 378 -9.21 -3.69 -35.51
C LEU A 378 -10.67 -3.34 -35.78
N ARG A 379 -11.50 -3.55 -34.76
CA ARG A 379 -12.91 -3.24 -34.86
C ARG A 379 -13.10 -1.74 -34.79
N GLU A 380 -12.24 -1.04 -34.06
CA GLU A 380 -12.33 0.41 -34.02
C GLU A 380 -11.94 1.04 -35.36
N LEU A 381 -11.02 0.41 -36.08
CA LEU A 381 -10.61 0.89 -37.41
C LEU A 381 -11.59 0.45 -38.50
N GLY A 382 -12.63 -0.27 -38.08
CA GLY A 382 -13.58 -0.88 -39.00
C GLY A 382 -12.89 -1.82 -39.96
N LEU A 383 -11.98 -2.65 -39.45
CA LEU A 383 -11.30 -3.64 -40.26
C LEU A 383 -11.66 -5.04 -39.82
N GLU A 384 -11.70 -5.96 -40.78
CA GLU A 384 -12.16 -7.32 -40.52
C GLU A 384 -11.17 -8.41 -40.92
N VAL A 385 -9.97 -7.97 -41.28
CA VAL A 385 -8.87 -8.89 -41.50
C VAL A 385 -8.65 -9.67 -40.19
N PRO A 386 -8.52 -11.01 -40.27
CA PRO A 386 -8.30 -11.77 -39.03
C PRO A 386 -6.93 -11.48 -38.40
N LEU A 387 -6.87 -11.52 -37.08
CA LEU A 387 -5.64 -11.20 -36.36
C LEU A 387 -4.49 -12.08 -36.81
N SER A 388 -4.72 -13.38 -36.89
CA SER A 388 -3.69 -14.30 -37.35
C SER A 388 -3.00 -13.85 -38.64
N GLU A 389 -3.73 -13.15 -39.50
CA GLU A 389 -3.14 -12.60 -40.72
C GLU A 389 -2.13 -11.50 -40.43
N ILE A 390 -2.48 -10.55 -39.55
CA ILE A 390 -1.48 -9.60 -39.06
C ILE A 390 -0.24 -10.32 -38.52
N VAL A 391 -0.43 -11.31 -37.64
CA VAL A 391 0.68 -12.05 -37.04
C VAL A 391 1.66 -12.69 -38.05
N ALA A 392 1.15 -13.23 -39.16
CA ALA A 392 2.00 -13.82 -40.23
C ALA A 392 3.00 -12.80 -40.84
N LEU A 393 2.54 -11.57 -41.03
CA LEU A 393 3.42 -10.50 -41.42
C LEU A 393 4.66 -10.47 -40.53
N HIS A 394 4.44 -10.63 -39.22
CA HIS A 394 5.53 -10.70 -38.24
C HIS A 394 6.34 -11.97 -38.43
N ILE A 395 5.69 -13.08 -38.75
CA ILE A 395 6.44 -14.31 -38.94
C ILE A 395 7.20 -14.24 -40.26
N LYS A 396 6.55 -13.76 -41.32
CA LYS A 396 7.21 -13.70 -42.63
C LYS A 396 8.51 -12.92 -42.50
N GLU A 397 8.38 -11.74 -41.89
CA GLU A 397 9.45 -10.81 -41.68
C GLU A 397 10.58 -11.29 -40.74
N LEU A 398 10.22 -11.89 -39.62
CA LEU A 398 11.22 -12.12 -38.58
C LEU A 398 11.81 -13.52 -38.57
N HIS A 399 11.22 -14.45 -39.30
CA HIS A 399 11.64 -15.84 -39.24
C HIS A 399 13.04 -16.04 -39.81
N LYS A 400 13.51 -15.03 -40.54
CA LYS A 400 14.88 -15.00 -41.06
C LYS A 400 15.87 -14.84 -39.90
N THR A 401 15.66 -13.82 -39.07
CA THR A 401 16.48 -13.62 -37.87
C THR A 401 16.04 -14.50 -36.68
N PHE A 402 14.73 -14.75 -36.56
CA PHE A 402 14.22 -15.65 -35.54
C PHE A 402 13.66 -16.92 -36.17
N PRO A 403 14.51 -17.95 -36.30
CA PRO A 403 14.13 -19.23 -36.91
C PRO A 403 12.93 -19.97 -36.27
N GLU A 404 12.68 -19.77 -34.97
CA GLU A 404 11.57 -20.49 -34.28
C GLU A 404 10.18 -19.99 -34.66
N PHE A 405 10.08 -18.78 -35.18
CA PHE A 405 8.79 -18.27 -35.65
C PHE A 405 8.21 -19.09 -36.79
N LYS A 406 9.09 -19.63 -37.62
CA LYS A 406 8.68 -20.52 -38.71
C LYS A 406 8.38 -21.95 -38.19
N GLU A 407 9.05 -22.37 -37.13
CA GLU A 407 8.89 -23.71 -36.51
C GLU A 407 7.64 -23.88 -35.64
N MET A 408 7.21 -22.79 -35.00
CA MET A 408 6.07 -22.80 -34.09
C MET A 408 4.87 -22.18 -34.78
N GLU A 409 5.05 -21.86 -36.06
CA GLU A 409 4.08 -21.14 -36.91
C GLU A 409 2.63 -21.65 -36.92
N ASP A 410 2.47 -22.96 -36.95
CA ASP A 410 1.15 -23.57 -36.93
C ASP A 410 0.50 -23.49 -35.56
N ILE A 411 1.26 -23.80 -34.52
CA ILE A 411 0.78 -23.65 -33.16
C ILE A 411 0.44 -22.17 -32.93
N ILE A 412 1.34 -21.27 -33.30
CA ILE A 412 1.11 -19.84 -33.09
C ILE A 412 -0.20 -19.38 -33.74
N LEU A 413 -0.31 -19.59 -35.05
CA LEU A 413 -1.44 -19.10 -35.84
C LEU A 413 -2.75 -19.68 -35.34
N GLU A 414 -2.75 -21.00 -35.18
CA GLU A 414 -3.87 -21.78 -34.66
C GLU A 414 -4.35 -21.24 -33.31
N MET A 415 -3.41 -20.94 -32.40
CA MET A 415 -3.73 -20.40 -31.09
C MET A 415 -4.45 -19.09 -31.17
N ILE A 416 -4.05 -18.25 -32.12
CA ILE A 416 -4.69 -16.95 -32.37
C ILE A 416 -6.12 -17.18 -32.81
N GLU A 417 -6.27 -18.05 -33.81
CA GLU A 417 -7.56 -18.41 -34.40
C GLU A 417 -8.60 -18.72 -33.35
N LEU A 418 -8.23 -19.59 -32.42
CA LEU A 418 -9.16 -20.11 -31.44
C LEU A 418 -9.54 -19.07 -30.43
N GLU A 419 -8.59 -18.19 -30.12
CA GLU A 419 -8.81 -17.11 -29.16
C GLU A 419 -9.67 -16.04 -29.76
N GLU A 420 -9.51 -15.87 -31.07
CA GLU A 420 -10.29 -14.91 -31.83
C GLU A 420 -11.70 -15.42 -32.07
N LYS A 421 -11.86 -16.73 -32.27
CA LYS A 421 -13.17 -17.35 -32.29
C LYS A 421 -13.82 -17.14 -30.92
N LYS A 422 -13.15 -17.63 -29.88
CA LYS A 422 -13.66 -17.54 -28.50
C LYS A 422 -14.08 -16.12 -28.10
N TYR A 423 -13.36 -15.11 -28.59
CA TYR A 423 -13.71 -13.75 -28.23
C TYR A 423 -15.08 -13.38 -28.79
N ALA A 424 -15.31 -13.72 -30.06
CA ALA A 424 -16.59 -13.50 -30.72
C ALA A 424 -17.77 -13.85 -29.80
N GLU A 425 -17.72 -15.02 -29.18
CA GLU A 425 -18.77 -15.45 -28.27
C GLU A 425 -18.70 -14.77 -26.90
N THR A 426 -17.49 -14.66 -26.34
CA THR A 426 -17.33 -14.13 -24.98
C THR A 426 -17.85 -12.71 -24.94
N LEU A 427 -17.65 -12.00 -26.04
CA LEU A 427 -18.21 -10.67 -26.24
C LEU A 427 -19.73 -10.73 -26.13
N ARG A 428 -20.38 -11.53 -26.99
CA ARG A 428 -21.84 -11.62 -27.03
C ARG A 428 -22.52 -11.84 -25.67
N ARG A 429 -22.15 -12.92 -24.99
CA ARG A 429 -22.70 -13.25 -23.69
C ARG A 429 -22.26 -12.28 -22.60
N GLY A 430 -21.15 -11.60 -22.84
CA GLY A 430 -20.56 -10.66 -21.89
C GLY A 430 -21.22 -9.31 -21.95
N SER A 431 -21.46 -8.84 -23.18
CA SER A 431 -22.23 -7.61 -23.46
C SER A 431 -23.57 -7.65 -22.74
N ASP A 432 -24.29 -8.74 -22.94
CA ASP A 432 -25.56 -9.01 -22.25
C ASP A 432 -25.43 -9.04 -20.73
N LEU A 433 -24.47 -9.81 -20.24
CA LEU A 433 -24.27 -9.97 -18.81
C LEU A 433 -23.93 -8.69 -18.10
N VAL A 434 -23.15 -7.82 -18.75
CA VAL A 434 -22.81 -6.53 -18.16
C VAL A 434 -23.99 -5.55 -18.20
N ARG A 435 -24.55 -5.36 -19.40
CA ARG A 435 -25.71 -4.48 -19.58
C ARG A 435 -26.76 -4.75 -18.54
N ARG A 436 -27.03 -6.04 -18.31
CA ARG A 436 -27.95 -6.50 -17.28
C ARG A 436 -27.58 -6.00 -15.88
N GLU A 437 -26.30 -6.14 -15.51
CA GLU A 437 -25.87 -5.75 -14.16
C GLU A 437 -25.45 -4.28 -14.07
N ILE A 438 -25.50 -3.59 -15.20
CA ILE A 438 -25.45 -2.12 -15.22
C ILE A 438 -26.86 -1.57 -15.00
N ALA A 439 -27.84 -2.05 -15.77
CA ALA A 439 -29.25 -1.68 -15.60
C ALA A 439 -29.65 -1.86 -14.13
N LYS A 440 -28.99 -2.81 -13.47
CA LYS A 440 -29.11 -3.09 -12.04
C LYS A 440 -28.64 -1.89 -11.21
N LEU A 441 -27.70 -1.14 -11.77
CA LEU A 441 -27.03 -0.09 -11.01
C LEU A 441 -27.59 1.31 -11.25
N LYS A 442 -28.09 1.60 -12.45
CA LYS A 442 -28.70 2.91 -12.73
C LYS A 442 -29.79 3.22 -11.69
N LYS A 443 -30.66 2.22 -11.49
CA LYS A 443 -31.73 2.29 -10.51
C LYS A 443 -31.22 2.20 -9.06
N LYS A 444 -30.08 1.52 -8.86
CA LYS A 444 -29.39 1.47 -7.56
C LYS A 444 -28.81 2.86 -7.21
N GLY A 445 -28.96 3.80 -8.15
CA GLY A 445 -28.48 5.18 -7.98
C GLY A 445 -26.98 5.34 -8.20
N ILE A 446 -26.52 5.01 -9.40
CA ILE A 446 -25.11 5.13 -9.80
C ILE A 446 -25.08 5.67 -11.24
N LYS A 447 -24.47 6.84 -11.46
CA LYS A 447 -24.55 7.53 -12.77
C LYS A 447 -23.29 7.49 -13.66
N GLU A 448 -22.27 6.73 -13.24
CA GLU A 448 -20.94 6.80 -13.87
C GLU A 448 -20.23 5.46 -14.16
N ILE A 449 -20.13 4.58 -13.14
CA ILE A 449 -19.33 3.32 -13.13
C ILE A 449 -17.89 3.56 -12.64
N PRO A 450 -17.57 3.12 -11.40
CA PRO A 450 -16.19 3.28 -10.89
C PRO A 450 -15.16 2.48 -11.67
N VAL A 451 -13.90 2.80 -11.44
CA VAL A 451 -12.79 2.13 -12.09
C VAL A 451 -12.78 0.66 -11.65
N GLU A 452 -12.81 0.46 -10.34
CA GLU A 452 -12.92 -0.85 -9.73
C GLU A 452 -13.87 -1.82 -10.44
N LYS A 453 -15.11 -1.39 -10.63
CA LYS A 453 -16.13 -2.17 -11.34
C LYS A 453 -15.74 -2.45 -12.78
N LEU A 454 -15.04 -1.51 -13.40
CA LEU A 454 -14.61 -1.66 -14.77
C LEU A 454 -13.57 -2.76 -14.89
N VAL A 455 -12.76 -2.89 -13.84
CA VAL A 455 -11.74 -3.94 -13.74
C VAL A 455 -12.35 -5.32 -13.43
N THR A 456 -13.48 -5.33 -12.72
CA THR A 456 -14.26 -6.54 -12.53
C THR A 456 -14.77 -7.01 -13.90
N PHE A 457 -15.33 -6.08 -14.66
CA PHE A 457 -15.92 -6.37 -15.97
C PHE A 457 -14.92 -6.93 -16.97
N TYR A 458 -13.65 -6.62 -16.82
CA TYR A 458 -12.64 -7.28 -17.62
C TYR A 458 -12.27 -8.61 -17.00
N GLU A 459 -11.96 -8.60 -15.72
CA GLU A 459 -11.48 -9.80 -15.02
C GLU A 459 -12.41 -10.97 -15.21
N SER A 460 -13.71 -10.73 -15.06
CA SER A 460 -14.69 -11.82 -15.07
C SER A 460 -15.54 -11.98 -16.35
N HIS A 461 -15.66 -10.92 -17.16
CA HIS A 461 -16.47 -11.02 -18.38
C HIS A 461 -15.66 -10.94 -19.68
N GLY A 462 -14.48 -10.34 -19.61
CA GLY A 462 -13.56 -10.32 -20.75
C GLY A 462 -13.84 -9.15 -21.64
N LEU A 463 -14.40 -8.10 -21.04
CA LEU A 463 -14.77 -6.91 -21.78
C LEU A 463 -13.84 -5.72 -21.51
N THR A 464 -13.19 -5.25 -22.58
CA THR A 464 -12.44 -4.02 -22.53
C THR A 464 -13.45 -2.87 -22.30
N PRO A 465 -13.01 -1.73 -21.77
CA PRO A 465 -14.01 -0.74 -21.40
C PRO A 465 -14.45 0.19 -22.54
N GLU A 466 -13.81 0.08 -23.70
CA GLU A 466 -14.34 0.71 -24.91
C GLU A 466 -15.68 0.04 -25.27
N ILE A 467 -15.88 -1.20 -24.78
CA ILE A 467 -17.16 -1.91 -24.93
C ILE A 467 -18.13 -1.58 -23.78
N VAL A 468 -17.62 -1.54 -22.56
CA VAL A 468 -18.46 -1.22 -21.41
C VAL A 468 -18.98 0.22 -21.42
N LYS A 469 -18.24 1.14 -22.04
CA LYS A 469 -18.65 2.56 -22.08
C LYS A 469 -19.82 2.84 -23.01
N GLU A 470 -19.88 2.13 -24.14
CA GLU A 470 -21.00 2.29 -25.05
C GLU A 470 -22.24 1.65 -24.44
N ILE A 471 -22.17 0.36 -24.18
CA ILE A 471 -23.26 -0.34 -23.49
C ILE A 471 -23.84 0.44 -22.30
N ALA A 472 -22.99 1.10 -21.53
CA ALA A 472 -23.46 1.86 -20.38
C ALA A 472 -24.03 3.23 -20.75
N GLU A 473 -23.70 3.73 -21.95
CA GLU A 473 -24.19 5.05 -22.34
C GLU A 473 -25.51 4.92 -23.12
N LYS A 474 -25.69 3.82 -23.85
CA LYS A 474 -26.97 3.52 -24.48
C LYS A 474 -27.98 3.21 -23.38
N GLU A 475 -27.61 3.52 -22.14
CA GLU A 475 -28.52 3.50 -21.02
C GLU A 475 -28.13 4.51 -19.92
N GLY A 476 -27.43 5.57 -20.33
CA GLY A 476 -27.24 6.77 -19.50
C GLY A 476 -26.38 6.63 -18.25
N VAL A 477 -25.26 5.93 -18.39
CA VAL A 477 -24.20 5.88 -17.37
C VAL A 477 -22.93 6.24 -18.16
N LYS A 478 -21.91 6.83 -17.52
CA LYS A 478 -20.88 7.55 -18.29
C LYS A 478 -19.56 6.86 -18.70
N VAL A 479 -19.10 7.28 -19.89
CA VAL A 479 -17.86 6.80 -20.55
C VAL A 479 -16.59 7.36 -19.87
N ASN A 480 -16.16 6.72 -18.79
CA ASN A 480 -14.97 7.18 -18.06
C ASN A 480 -13.78 6.22 -18.00
N ILE A 481 -13.06 6.11 -19.12
CA ILE A 481 -11.90 5.21 -19.21
C ILE A 481 -10.60 5.89 -18.73
N PRO A 482 -10.04 5.39 -17.59
CA PRO A 482 -8.73 5.85 -17.17
C PRO A 482 -7.70 5.65 -18.29
N ASP A 483 -6.87 6.65 -18.52
CA ASP A 483 -5.82 6.60 -19.55
C ASP A 483 -4.88 5.41 -19.35
N ASN A 484 -4.47 5.21 -18.10
CA ASN A 484 -3.56 4.13 -17.76
C ASN A 484 -4.29 2.84 -17.44
N PHE A 485 -5.41 2.61 -18.09
CA PHE A 485 -6.24 1.46 -17.79
C PHE A 485 -5.48 0.14 -17.95
N TYR A 486 -5.05 -0.14 -19.18
CA TYR A 486 -4.52 -1.45 -19.54
C TYR A 486 -3.34 -1.91 -18.70
N SER A 487 -2.52 -0.97 -18.26
CA SER A 487 -1.36 -1.31 -17.45
C SER A 487 -1.79 -1.64 -16.04
N MET A 488 -2.81 -0.93 -15.57
CA MET A 488 -3.39 -1.21 -14.26
C MET A 488 -4.08 -2.59 -14.22
N VAL A 489 -4.65 -3.00 -15.35
CA VAL A 489 -5.22 -4.32 -15.53
C VAL A 489 -4.13 -5.40 -15.58
N ALA A 490 -3.00 -5.09 -16.21
CA ALA A 490 -1.89 -6.02 -16.36
C ALA A 490 -1.25 -6.38 -15.02
N LYS A 491 -1.41 -5.51 -14.03
CA LYS A 491 -0.88 -5.77 -12.69
C LYS A 491 -1.55 -6.99 -12.10
N GLU A 492 -2.85 -7.14 -12.37
CA GLU A 492 -3.66 -8.19 -11.76
C GLU A 492 -3.33 -9.57 -12.26
N ALA A 493 -2.07 -9.83 -12.62
CA ALA A 493 -1.75 -11.08 -13.28
C ALA A 493 -1.12 -12.17 -12.38
N GLU A 494 -1.04 -11.93 -11.06
CA GLU A 494 -0.49 -12.91 -10.07
C GLU A 494 -0.89 -12.72 -8.58
N ARG A 495 -0.91 -13.83 -7.83
CA ARG A 495 -1.24 -13.87 -6.40
C ARG A 495 0.00 -14.09 -5.51
N THR A 496 -0.17 -13.85 -4.20
CA THR A 496 0.85 -14.01 -3.14
C THR A 496 2.11 -13.18 -3.38
N LEU A 504 4.17 -23.85 8.78
CA LEU A 504 4.38 -24.95 7.83
C LEU A 504 5.34 -26.02 8.41
N VAL A 505 4.78 -26.97 9.17
CA VAL A 505 5.42 -28.26 9.64
C VAL A 505 6.55 -28.26 10.71
N ASP A 506 7.63 -27.49 10.48
CA ASP A 506 8.81 -27.50 11.37
C ASP A 506 9.90 -26.46 10.97
N PHE A 507 10.47 -25.76 11.95
CA PHE A 507 11.58 -24.82 11.68
C PHE A 507 12.56 -24.60 12.84
N GLU A 508 13.64 -23.89 12.53
CA GLU A 508 14.53 -23.28 13.53
C GLU A 508 15.68 -24.18 13.94
N LEU A 509 15.37 -25.18 14.76
CA LEU A 509 16.38 -26.05 15.38
C LEU A 509 17.19 -26.87 14.39
N LEU A 510 17.12 -26.50 13.11
CA LEU A 510 17.65 -27.33 12.04
C LEU A 510 18.96 -26.84 11.41
N LYS A 511 19.18 -25.52 11.40
CA LYS A 511 20.35 -24.93 10.74
C LYS A 511 21.67 -25.49 11.26
N ASP A 512 21.72 -25.75 12.56
CA ASP A 512 22.92 -26.28 13.22
C ASP A 512 23.27 -27.71 12.81
N LEU A 513 22.25 -28.53 12.51
CA LEU A 513 22.44 -29.93 12.08
C LEU A 513 23.03 -30.06 10.68
N PRO A 514 23.78 -31.16 10.44
CA PRO A 514 24.36 -31.31 9.10
C PRO A 514 23.29 -31.73 8.11
N ASP A 515 23.61 -31.69 6.82
CA ASP A 515 22.72 -32.18 5.77
C ASP A 515 22.43 -33.66 5.97
N THR A 516 21.26 -34.10 5.51
CA THR A 516 20.95 -35.50 5.59
C THR A 516 21.49 -36.16 4.36
N ARG A 517 22.21 -37.24 4.57
CA ARG A 517 22.66 -38.03 3.46
C ARG A 517 21.46 -38.75 2.86
N ARG A 518 21.32 -38.61 1.54
CA ARG A 518 20.19 -39.14 0.82
C ARG A 518 20.55 -40.45 0.11
N LEU A 519 20.40 -41.55 0.83
CA LEU A 519 20.82 -42.86 0.36
C LEU A 519 20.04 -43.32 -0.86
N TYR A 520 18.84 -42.79 -1.02
CA TYR A 520 18.05 -43.09 -2.22
C TYR A 520 18.63 -42.51 -3.52
N TYR A 521 19.53 -41.54 -3.42
CA TYR A 521 20.16 -41.01 -4.61
C TYR A 521 21.34 -41.87 -5.06
N GLU A 522 21.98 -42.52 -4.10
CA GLU A 522 23.09 -43.41 -4.39
C GLU A 522 22.55 -44.70 -4.99
N ASP A 523 21.58 -45.29 -4.30
CA ASP A 523 20.88 -46.47 -4.78
C ASP A 523 19.36 -46.35 -4.58
N PRO A 524 18.60 -46.25 -5.68
CA PRO A 524 17.16 -46.16 -5.55
C PRO A 524 16.54 -47.47 -5.09
N PHE A 525 17.26 -48.57 -5.30
CA PHE A 525 16.75 -49.90 -4.90
C PHE A 525 17.11 -50.30 -3.48
N MET A 526 17.97 -49.52 -2.84
CA MET A 526 18.20 -49.63 -1.40
C MET A 526 16.87 -49.49 -0.65
N LYS A 527 16.61 -50.43 0.24
CA LYS A 527 15.34 -50.46 0.99
C LYS A 527 15.56 -50.69 2.47
N GLU A 528 16.82 -50.90 2.84
CA GLU A 528 17.23 -51.00 4.24
C GLU A 528 18.50 -50.22 4.49
N PHE A 529 18.64 -49.69 5.70
CA PHE A 529 19.79 -48.85 6.02
C PHE A 529 19.90 -48.67 7.54
N ASP A 530 21.06 -48.19 7.99
CA ASP A 530 21.27 -47.85 9.40
C ASP A 530 21.71 -46.40 9.54
N ALA A 531 21.37 -45.77 10.66
CA ALA A 531 21.69 -44.37 10.83
C ALA A 531 21.64 -43.97 12.30
N LYS A 532 22.25 -42.83 12.61
CA LYS A 532 22.34 -42.34 13.97
C LYS A 532 21.25 -41.29 14.14
N VAL A 533 20.50 -41.36 15.22
CA VAL A 533 19.48 -40.36 15.49
C VAL A 533 20.11 -39.03 15.87
N LEU A 534 20.06 -38.06 14.97
CA LEU A 534 20.69 -36.77 15.25
C LEU A 534 19.92 -35.88 16.22
N ARG A 535 18.60 -36.06 16.32
CA ARG A 535 17.72 -35.11 17.02
C ARG A 535 16.27 -35.59 16.95
N VAL A 536 15.47 -35.29 17.97
CA VAL A 536 14.08 -35.69 17.96
C VAL A 536 13.14 -34.58 18.39
N ILE A 537 12.98 -33.54 17.57
CA ILE A 537 11.96 -32.48 17.79
C ILE A 537 10.51 -33.01 17.63
N LYS A 538 9.61 -32.62 18.55
CA LYS A 538 8.22 -33.15 18.57
C LYS A 538 8.19 -34.66 18.31
N ASP A 539 7.37 -35.10 17.35
CA ASP A 539 7.41 -36.52 16.91
C ASP A 539 8.10 -36.73 15.56
N TRP A 540 8.89 -35.73 15.17
CA TRP A 540 9.80 -35.82 14.03
C TRP A 540 11.19 -36.23 14.47
N VAL A 541 11.76 -37.21 13.79
CA VAL A 541 13.10 -37.72 14.08
C VAL A 541 14.02 -37.33 12.94
N ILE A 542 15.15 -36.72 13.29
CA ILE A 542 16.19 -36.46 12.31
C ILE A 542 17.30 -37.53 12.34
N LEU A 543 17.73 -37.97 11.16
CA LEU A 543 18.85 -38.91 11.08
C LEU A 543 19.97 -38.28 10.24
N ASP A 544 21.12 -38.93 10.23
CA ASP A 544 22.26 -38.41 9.49
C ASP A 544 22.15 -38.81 8.03
N ALA A 545 21.82 -40.07 7.83
CA ALA A 545 21.52 -40.63 6.51
C ALA A 545 20.18 -41.38 6.56
N THR A 546 19.51 -41.43 5.41
CA THR A 546 18.17 -42.02 5.30
C THR A 546 17.88 -42.54 3.89
N ALA A 547 17.19 -43.68 3.80
CA ALA A 547 16.72 -44.22 2.51
C ALA A 547 15.25 -43.79 2.23
N PHE A 548 14.60 -43.22 3.24
CA PHE A 548 13.25 -42.66 3.09
C PHE A 548 13.25 -41.44 2.21
N TYR A 549 12.52 -41.53 1.11
CA TYR A 549 12.34 -40.41 0.21
C TYR A 549 11.31 -39.45 0.77
N PRO A 550 11.71 -38.19 1.03
CA PRO A 550 10.74 -37.19 1.50
C PRO A 550 9.83 -36.65 0.39
N GLU A 551 8.59 -36.28 0.73
CA GLU A 551 7.69 -35.61 -0.21
C GLU A 551 8.37 -34.54 -1.07
N GLY A 552 7.86 -34.40 -2.29
CA GLY A 552 8.39 -33.46 -3.25
C GLY A 552 8.53 -34.08 -4.62
N GLY A 553 8.30 -33.26 -5.64
CA GLY A 553 8.52 -33.67 -7.03
C GLY A 553 7.24 -34.06 -7.71
N GLY A 554 6.19 -34.25 -6.90
CA GLY A 554 4.97 -34.87 -7.36
C GLY A 554 4.84 -36.22 -6.69
N GLN A 555 5.99 -36.82 -6.38
CA GLN A 555 6.05 -38.09 -5.66
C GLN A 555 5.88 -37.90 -4.15
N PRO A 556 4.96 -38.66 -3.55
CA PRO A 556 4.74 -38.49 -2.11
C PRO A 556 5.84 -39.20 -1.34
N TYR A 557 5.78 -39.11 -0.02
CA TYR A 557 6.85 -39.61 0.80
C TYR A 557 6.88 -41.10 0.79
N ASP A 558 8.05 -41.64 1.15
CA ASP A 558 8.22 -43.04 1.45
C ASP A 558 7.62 -43.26 2.81
N THR A 559 7.19 -44.49 3.07
CA THR A 559 6.93 -44.88 4.45
C THR A 559 7.66 -46.20 4.82
N GLY A 560 7.55 -46.60 6.08
CA GLY A 560 8.20 -47.82 6.57
C GLY A 560 8.39 -47.83 8.07
N VAL A 561 9.34 -48.64 8.53
CA VAL A 561 9.67 -48.74 9.95
C VAL A 561 11.06 -48.24 10.26
N LEU A 562 11.23 -47.73 11.47
CA LEU A 562 12.54 -47.60 12.10
C LEU A 562 12.59 -48.60 13.25
N ILE A 563 13.45 -49.60 13.13
CA ILE A 563 13.69 -50.57 14.23
C ILE A 563 14.68 -50.01 15.29
N VAL A 564 14.20 -49.84 16.52
CA VAL A 564 14.97 -49.22 17.62
C VAL A 564 14.77 -50.01 18.92
N ASN A 565 15.88 -50.38 19.55
CA ASN A 565 15.93 -51.33 20.69
C ASN A 565 15.01 -52.54 20.46
N GLY A 566 15.14 -53.13 19.27
CA GLY A 566 14.33 -54.29 18.88
C GLY A 566 12.85 -54.03 18.58
N ARG A 567 12.38 -52.83 18.89
CA ARG A 567 10.99 -52.45 18.59
C ARG A 567 10.85 -51.89 17.17
N GLU A 568 9.71 -52.19 16.53
CA GLU A 568 9.35 -51.57 15.25
C GLU A 568 8.57 -50.33 15.58
N VAL A 569 8.93 -49.22 14.97
CA VAL A 569 8.13 -48.02 15.06
C VAL A 569 7.80 -47.58 13.64
N LYS A 570 6.60 -47.08 13.43
CA LYS A 570 6.15 -46.73 12.08
C LYS A 570 6.50 -45.30 11.71
N VAL A 571 7.01 -45.14 10.48
CA VAL A 571 7.29 -43.86 9.87
C VAL A 571 6.09 -43.56 9.00
N THR A 572 5.31 -42.56 9.41
CA THR A 572 4.04 -42.22 8.77
C THR A 572 4.17 -41.04 7.81
N ASN A 573 5.26 -40.31 7.92
CA ASN A 573 5.48 -39.11 7.12
C ASN A 573 6.97 -38.79 7.05
N VAL A 574 7.47 -38.50 5.86
CA VAL A 574 8.86 -38.07 5.67
C VAL A 574 8.84 -36.75 4.87
N GLN A 575 9.39 -35.70 5.46
CA GLN A 575 9.38 -34.39 4.86
C GLN A 575 10.79 -33.87 4.79
N LYS A 576 10.96 -32.63 4.36
CA LYS A 576 12.29 -32.12 4.14
C LYS A 576 12.31 -30.63 4.34
N VAL A 577 12.88 -30.20 5.45
CA VAL A 577 13.11 -28.79 5.73
C VAL A 577 14.57 -28.45 5.38
N GLY A 578 14.77 -27.53 4.44
CA GLY A 578 16.11 -27.19 3.94
C GLY A 578 16.83 -28.38 3.33
N LYS A 579 17.94 -28.77 3.94
CA LYS A 579 18.67 -29.96 3.53
C LYS A 579 18.55 -31.08 4.57
N VAL A 580 17.68 -30.86 5.55
CA VAL A 580 17.49 -31.79 6.66
C VAL A 580 16.14 -32.51 6.53
N ILE A 581 16.15 -33.84 6.44
CA ILE A 581 14.91 -34.55 6.24
C ILE A 581 14.40 -35.09 7.58
N ILE A 582 13.16 -34.73 7.89
CA ILE A 582 12.48 -35.14 9.12
C ILE A 582 11.60 -36.39 8.93
N HIS A 583 11.49 -37.22 9.96
CA HIS A 583 10.74 -38.49 9.90
C HIS A 583 9.69 -38.56 11.00
N LYS A 584 8.42 -38.39 10.64
CA LYS A 584 7.35 -38.52 11.62
C LYS A 584 7.22 -39.99 12.02
N VAL A 585 7.35 -40.27 13.31
CA VAL A 585 7.21 -41.62 13.81
C VAL A 585 5.99 -41.65 14.69
N GLU A 586 5.59 -42.85 15.11
CA GLU A 586 4.48 -43.02 16.05
C GLU A 586 4.92 -42.91 17.53
N ASP A 587 6.20 -43.13 17.81
CA ASP A 587 6.75 -43.14 19.18
C ASP A 587 7.96 -42.19 19.37
N PRO A 588 7.70 -40.87 19.56
CA PRO A 588 8.82 -39.94 19.74
C PRO A 588 9.62 -40.24 21.00
N GLY A 589 8.99 -40.88 21.98
CA GLY A 589 9.65 -41.29 23.21
C GLY A 589 10.78 -42.29 23.01
N ALA A 590 10.57 -43.23 22.10
CA ALA A 590 11.45 -44.40 21.94
C ALA A 590 12.78 -44.10 21.24
N PHE A 591 13.00 -42.85 20.87
CA PHE A 591 14.17 -42.45 20.11
C PHE A 591 14.91 -41.39 20.88
N LYS A 592 16.21 -41.57 21.01
CA LYS A 592 17.06 -40.55 21.64
C LYS A 592 18.21 -40.13 20.73
N GLU A 593 18.57 -38.86 20.82
CA GLU A 593 19.79 -38.32 20.21
C GLU A 593 20.96 -39.27 20.45
N GLY A 594 21.83 -39.45 19.46
CA GLY A 594 22.89 -40.43 19.58
C GLY A 594 22.59 -41.82 19.06
N MET A 595 21.43 -42.39 19.42
CA MET A 595 21.00 -43.76 19.04
C MET A 595 21.16 -44.26 17.59
N ILE A 596 21.47 -45.55 17.45
CA ILE A 596 21.57 -46.22 16.13
C ILE A 596 20.28 -46.99 15.82
N VAL A 597 19.67 -46.66 14.66
CA VAL A 597 18.39 -47.22 14.22
C VAL A 597 18.49 -47.95 12.90
N HIS A 598 17.78 -49.06 12.79
CA HIS A 598 17.68 -49.76 11.53
C HIS A 598 16.39 -49.43 10.82
N GLY A 599 16.49 -48.78 9.66
CA GLY A 599 15.32 -48.36 8.89
C GLY A 599 14.99 -49.36 7.79
N LYS A 600 13.69 -49.53 7.55
CA LYS A 600 13.22 -50.40 6.46
C LYS A 600 12.06 -49.70 5.72
N ILE A 601 12.25 -49.52 4.41
CA ILE A 601 11.29 -48.81 3.58
C ILE A 601 10.14 -49.75 3.29
N ASP A 602 8.93 -49.19 3.25
CA ASP A 602 7.76 -49.92 2.75
C ASP A 602 7.93 -49.96 1.23
N TRP A 603 8.48 -51.08 0.75
CA TRP A 603 8.98 -51.19 -0.61
C TRP A 603 7.91 -51.14 -1.71
N LYS A 604 6.84 -51.92 -1.52
CA LYS A 604 5.71 -51.97 -2.45
C LYS A 604 5.26 -50.56 -2.82
N ARG A 605 4.93 -49.77 -1.80
CA ARG A 605 4.55 -48.37 -1.97
C ARG A 605 5.57 -47.61 -2.81
N ARG A 606 6.85 -47.90 -2.57
CA ARG A 606 7.92 -47.25 -3.31
C ARG A 606 8.04 -47.76 -4.75
N ILE A 607 8.12 -49.08 -4.94
CA ILE A 607 8.26 -49.61 -6.30
C ILE A 607 7.10 -49.14 -7.20
N GLN A 608 5.94 -48.96 -6.58
CA GLN A 608 4.80 -48.42 -7.27
C GLN A 608 5.04 -46.97 -7.65
N HIS A 609 5.42 -46.12 -6.69
CA HIS A 609 5.74 -44.70 -7.00
C HIS A 609 6.74 -44.54 -8.16
N MET A 610 7.82 -45.33 -8.16
CA MET A 610 8.88 -45.19 -9.16
C MET A 610 8.36 -45.40 -10.56
N ARG A 611 7.45 -46.38 -10.69
CA ARG A 611 6.81 -46.69 -11.98
C ARG A 611 6.00 -45.50 -12.47
N HIS A 612 5.16 -44.96 -11.61
CA HIS A 612 4.34 -43.80 -11.95
C HIS A 612 5.16 -42.54 -12.25
N HIS A 613 6.38 -42.52 -11.72
CA HIS A 613 7.31 -41.42 -11.94
C HIS A 613 7.97 -41.51 -13.30
N THR A 614 8.78 -42.57 -13.47
CA THR A 614 9.42 -42.86 -14.74
C THR A 614 8.41 -42.76 -15.89
N GLY A 615 7.24 -43.37 -15.69
CA GLY A 615 6.13 -43.32 -16.63
C GLY A 615 5.68 -41.92 -17.00
N THR A 616 5.65 -41.02 -16.01
CA THR A 616 5.31 -39.62 -16.24
C THR A 616 6.29 -38.97 -17.19
N HIS A 617 7.56 -39.33 -17.06
CA HIS A 617 8.53 -38.77 -17.98
C HIS A 617 8.40 -39.36 -19.38
N VAL A 618 8.08 -40.65 -19.47
CA VAL A 618 7.89 -41.32 -20.74
C VAL A 618 6.68 -40.71 -21.44
N LEU A 619 5.71 -40.29 -20.64
CA LEU A 619 4.50 -39.71 -21.16
C LEU A 619 4.75 -38.30 -21.64
N MET A 620 5.41 -37.53 -20.78
CA MET A 620 5.87 -36.19 -21.09
C MET A 620 6.55 -36.17 -22.46
N GLY A 621 7.40 -37.15 -22.72
CA GLY A 621 8.07 -37.26 -24.00
C GLY A 621 7.09 -37.38 -25.15
N ALA A 622 6.18 -38.32 -25.02
CA ALA A 622 5.15 -38.58 -26.02
C ALA A 622 4.25 -37.34 -26.24
N LEU A 623 3.83 -36.71 -25.16
CA LEU A 623 3.00 -35.52 -25.24
C LEU A 623 3.61 -34.48 -26.17
N VAL A 624 4.87 -34.12 -25.90
CA VAL A 624 5.60 -33.13 -26.69
C VAL A 624 5.65 -33.50 -28.16
N ARG A 625 5.79 -34.80 -28.42
CA ARG A 625 5.93 -35.29 -29.78
C ARG A 625 4.62 -35.23 -30.62
N VAL A 626 3.47 -35.41 -29.97
CA VAL A 626 2.21 -35.27 -30.69
C VAL A 626 1.78 -33.81 -30.59
N LEU A 627 1.30 -33.44 -29.42
CA LEU A 627 0.86 -32.07 -29.14
C LEU A 627 1.82 -30.96 -29.56
N GLY A 628 3.13 -31.20 -29.49
CA GLY A 628 4.14 -30.19 -29.89
C GLY A 628 4.99 -29.56 -28.79
N ARG A 629 5.64 -28.44 -29.12
CA ARG A 629 6.68 -27.87 -28.26
C ARG A 629 6.18 -27.02 -27.09
N HIS A 630 5.05 -26.33 -27.29
CA HIS A 630 4.44 -25.47 -26.25
C HIS A 630 4.11 -26.24 -24.94
N VAL A 631 4.22 -27.56 -25.02
CA VAL A 631 3.81 -28.44 -23.94
C VAL A 631 4.85 -28.42 -22.83
N TRP A 632 4.36 -28.14 -21.63
CA TRP A 632 5.19 -27.92 -20.49
C TRP A 632 4.38 -28.37 -19.31
N GLN A 633 5.02 -29.08 -18.39
CA GLN A 633 4.38 -29.45 -17.14
C GLN A 633 3.77 -28.22 -16.42
N ALA A 634 2.51 -28.34 -16.06
CA ALA A 634 1.83 -27.37 -15.22
C ALA A 634 1.58 -27.93 -13.83
N GLY A 635 1.78 -29.24 -13.65
CA GLY A 635 1.44 -29.88 -12.39
C GLY A 635 1.66 -31.38 -12.49
N SER A 636 1.91 -32.01 -11.35
CA SER A 636 2.08 -33.45 -11.27
C SER A 636 1.70 -34.03 -9.90
N GLN A 637 0.93 -35.11 -9.91
CA GLN A 637 0.61 -35.82 -8.68
C GLN A 637 0.63 -37.30 -8.99
N LEU A 638 1.37 -38.09 -8.21
CA LEU A 638 1.22 -39.52 -8.32
C LEU A 638 0.98 -40.23 -7.02
N THR A 639 0.21 -41.30 -7.09
CA THR A 639 -0.06 -42.17 -5.96
C THR A 639 0.53 -43.50 -6.36
N THR A 640 0.32 -44.55 -5.56
CA THR A 640 0.77 -45.90 -5.92
C THR A 640 -0.09 -46.54 -7.04
N ASP A 641 -1.19 -45.88 -7.39
CA ASP A 641 -2.24 -46.44 -8.23
C ASP A 641 -2.35 -45.78 -9.58
N TRP A 642 -2.59 -44.47 -9.54
CA TRP A 642 -2.65 -43.65 -10.71
C TRP A 642 -1.70 -42.48 -10.48
N ALA A 643 -1.53 -41.69 -11.53
CA ALA A 643 -0.68 -40.53 -11.51
C ALA A 643 -1.34 -39.54 -12.42
N ARG A 644 -1.16 -38.27 -12.18
CA ARG A 644 -1.68 -37.29 -13.11
C ARG A 644 -0.63 -36.27 -13.51
N LEU A 645 -0.77 -35.79 -14.74
CA LEU A 645 0.15 -34.87 -15.32
C LEU A 645 -0.63 -33.77 -16.00
N ASP A 646 -0.82 -32.62 -15.33
CA ASP A 646 -1.35 -31.41 -15.97
C ASP A 646 -0.28 -30.78 -16.89
N ILE A 647 -0.63 -30.50 -18.15
CA ILE A 647 0.26 -29.76 -19.05
C ILE A 647 -0.39 -28.47 -19.50
N SER A 648 0.39 -27.59 -20.14
CA SER A 648 -0.17 -26.37 -20.74
C SER A 648 -0.45 -26.54 -22.25
N HIS A 649 -1.73 -26.57 -22.60
CA HIS A 649 -2.20 -26.83 -23.95
C HIS A 649 -3.42 -25.94 -24.21
N TYR A 650 -3.70 -25.62 -25.47
CA TYR A 650 -4.80 -24.66 -25.80
C TYR A 650 -6.17 -25.30 -26.07
N LYS A 651 -6.25 -26.18 -27.07
CA LYS A 651 -7.46 -26.94 -27.32
C LYS A 651 -7.59 -28.12 -26.38
N ARG A 652 -8.59 -28.97 -26.59
CA ARG A 652 -8.73 -30.22 -25.85
C ARG A 652 -7.89 -31.27 -26.54
N ILE A 653 -7.37 -32.23 -25.77
CA ILE A 653 -6.73 -33.42 -26.33
C ILE A 653 -7.80 -34.41 -26.77
N SER A 654 -7.94 -34.56 -28.08
CA SER A 654 -8.91 -35.49 -28.64
C SER A 654 -8.66 -36.94 -28.20
N GLU A 655 -9.69 -37.75 -28.33
CA GLU A 655 -9.60 -39.16 -27.96
C GLU A 655 -8.79 -39.96 -28.97
N GLU A 656 -8.73 -39.47 -30.22
CA GLU A 656 -7.81 -40.02 -31.21
C GLU A 656 -6.33 -39.71 -30.86
N GLU A 657 -6.05 -38.53 -30.32
CA GLU A 657 -4.71 -38.17 -29.84
C GLU A 657 -4.34 -38.93 -28.58
N LEU A 658 -5.21 -38.85 -27.59
CA LEU A 658 -5.03 -39.56 -26.36
C LEU A 658 -4.53 -40.98 -26.61
N LYS A 659 -5.04 -41.59 -27.66
CA LYS A 659 -4.61 -42.91 -28.07
C LYS A 659 -3.21 -42.89 -28.67
N GLU A 660 -2.92 -41.93 -29.55
CA GLU A 660 -1.59 -41.81 -30.15
C GLU A 660 -0.51 -41.56 -29.09
N ILE A 661 -0.83 -40.72 -28.12
CA ILE A 661 0.05 -40.49 -26.99
C ILE A 661 0.32 -41.82 -26.28
N GLU A 662 -0.74 -42.46 -25.81
CA GLU A 662 -0.62 -43.70 -25.10
C GLU A 662 0.14 -44.74 -25.91
N MET A 663 -0.05 -44.72 -27.22
CA MET A 663 0.49 -45.77 -28.08
C MET A 663 2.02 -45.66 -28.20
N LEU A 664 2.47 -44.42 -28.33
CA LEU A 664 3.87 -44.06 -28.40
C LEU A 664 4.56 -44.35 -27.08
N ALA A 665 3.95 -43.86 -25.99
CA ALA A 665 4.41 -44.20 -24.66
C ALA A 665 4.71 -45.70 -24.52
N ASN A 666 3.72 -46.54 -24.81
CA ASN A 666 3.84 -47.97 -24.66
C ASN A 666 4.89 -48.58 -25.56
N ARG A 667 5.07 -48.01 -26.74
CA ARG A 667 6.15 -48.40 -27.64
C ARG A 667 7.56 -48.20 -26.99
N ILE A 668 7.71 -47.11 -26.23
CA ILE A 668 8.96 -46.83 -25.50
C ILE A 668 9.16 -47.72 -24.26
N VAL A 669 8.09 -48.00 -23.53
CA VAL A 669 8.18 -48.95 -22.41
C VAL A 669 8.57 -50.32 -22.96
N MET A 670 8.01 -50.64 -24.12
CA MET A 670 8.34 -51.86 -24.86
C MET A 670 9.81 -51.86 -25.29
N GLU A 671 10.28 -50.70 -25.76
CA GLU A 671 11.65 -50.52 -26.24
C GLU A 671 12.72 -50.56 -25.16
N ASP A 672 12.33 -50.46 -23.89
CA ASP A 672 13.26 -50.67 -22.77
C ASP A 672 14.50 -49.75 -22.73
N ARG A 673 14.28 -48.46 -23.02
CA ARG A 673 15.36 -47.47 -23.09
C ARG A 673 15.95 -47.16 -21.72
N LYS A 674 17.24 -46.81 -21.70
CA LYS A 674 17.96 -46.46 -20.48
C LYS A 674 17.44 -45.18 -19.85
N VAL A 675 17.27 -45.24 -18.53
CA VAL A 675 16.91 -44.08 -17.74
C VAL A 675 18.12 -43.78 -16.89
N THR A 676 18.77 -42.64 -17.11
CA THR A 676 20.05 -42.31 -16.45
C THR A 676 19.99 -40.92 -15.81
N TRP A 677 20.63 -40.76 -14.65
CA TRP A 677 20.64 -39.48 -13.92
C TRP A 677 22.05 -39.09 -13.51
N GLU A 678 22.34 -37.79 -13.48
CA GLU A 678 23.68 -37.30 -13.08
C GLU A 678 23.64 -35.84 -12.68
N TRP A 679 24.43 -35.49 -11.68
CA TRP A 679 24.53 -34.08 -11.25
C TRP A 679 25.32 -33.27 -12.27
N LEU A 680 24.77 -32.11 -12.62
CA LEU A 680 25.48 -31.23 -13.54
C LEU A 680 25.33 -29.81 -13.05
N PRO A 681 26.39 -29.00 -13.23
CA PRO A 681 26.24 -27.59 -12.91
C PRO A 681 25.19 -26.98 -13.82
N ARG A 682 24.35 -26.18 -13.20
CA ARG A 682 23.22 -25.56 -13.85
C ARG A 682 23.47 -25.14 -15.29
N THR A 683 24.48 -24.31 -15.52
CA THR A 683 24.75 -23.74 -16.85
C THR A 683 25.15 -24.76 -17.91
N THR A 684 25.98 -25.76 -17.56
CA THR A 684 26.33 -26.83 -18.49
C THR A 684 25.09 -27.63 -18.88
N ALA A 685 24.25 -27.89 -17.87
CA ALA A 685 22.97 -28.52 -18.04
C ALA A 685 22.03 -27.75 -19.02
N GLU A 686 21.70 -26.50 -18.69
CA GLU A 686 20.90 -25.67 -19.61
C GLU A 686 21.49 -25.59 -21.02
N GLN A 687 22.82 -25.69 -21.13
CA GLN A 687 23.51 -25.64 -22.41
C GLN A 687 23.29 -26.94 -23.15
N LYS A 688 23.64 -28.05 -22.51
CA LYS A 688 23.54 -29.35 -23.15
C LYS A 688 22.11 -29.69 -23.60
N TYR A 689 21.11 -29.23 -22.85
CA TYR A 689 19.70 -29.64 -23.02
C TYR A 689 18.66 -28.53 -23.13
N GLY A 690 19.05 -27.27 -23.02
CA GLY A 690 18.06 -26.19 -23.09
C GLY A 690 17.15 -26.11 -21.88
N PHE A 691 16.21 -25.18 -21.92
CA PHE A 691 15.37 -24.91 -20.77
C PHE A 691 14.32 -25.97 -20.47
N ARG A 692 14.18 -26.94 -21.39
CA ARG A 692 13.28 -28.08 -21.18
C ARG A 692 13.47 -28.73 -19.82
N LEU A 693 14.70 -28.72 -19.31
CA LEU A 693 14.99 -29.29 -17.99
C LEU A 693 14.11 -28.78 -16.87
N TYR A 694 13.70 -27.52 -16.97
CA TYR A 694 12.91 -26.86 -15.94
C TYR A 694 11.40 -27.06 -16.14
N GLN A 695 10.97 -28.32 -16.05
CA GLN A 695 9.57 -28.70 -16.26
C GLN A 695 8.73 -28.36 -15.04
N GLY A 696 8.55 -29.33 -14.17
CA GLY A 696 7.92 -29.06 -12.90
C GLY A 696 8.95 -28.41 -12.00
N GLY A 697 8.75 -27.10 -11.77
CA GLY A 697 9.52 -26.31 -10.80
C GLY A 697 10.83 -25.74 -11.31
N VAL A 698 11.53 -25.00 -10.46
CA VAL A 698 12.90 -24.54 -10.75
C VAL A 698 13.77 -24.75 -9.52
N VAL A 699 14.63 -25.76 -9.60
CA VAL A 699 15.41 -26.25 -8.46
C VAL A 699 16.57 -25.32 -8.05
N PRO A 700 16.77 -25.08 -6.73
CA PRO A 700 17.90 -24.22 -6.34
C PRO A 700 19.23 -25.01 -6.30
N GLY A 701 20.34 -24.28 -6.17
CA GLY A 701 21.66 -24.90 -5.96
C GLY A 701 22.62 -24.96 -7.14
N ARG A 702 23.91 -25.03 -6.82
CA ARG A 702 25.02 -24.98 -7.81
C ARG A 702 25.00 -26.15 -8.76
N GLU A 703 24.56 -27.29 -8.26
CA GLU A 703 24.34 -28.43 -9.13
C GLU A 703 22.89 -28.92 -9.17
N ILE A 704 22.51 -29.48 -10.31
CA ILE A 704 21.17 -30.00 -10.50
C ILE A 704 21.21 -31.48 -10.93
N ARG A 705 20.14 -32.20 -10.60
CA ARG A 705 20.02 -33.64 -10.93
C ARG A 705 19.23 -33.83 -12.19
N VAL A 706 19.89 -34.32 -13.22
CA VAL A 706 19.26 -34.45 -14.52
C VAL A 706 18.97 -35.91 -14.80
N VAL A 707 17.68 -36.25 -14.82
CA VAL A 707 17.18 -37.56 -15.24
C VAL A 707 16.85 -37.48 -16.73
N LYS A 708 17.33 -38.46 -17.48
CA LYS A 708 17.06 -38.50 -18.90
C LYS A 708 16.66 -39.91 -19.29
N ILE A 709 15.73 -40.00 -20.25
CA ILE A 709 15.36 -41.26 -20.86
C ILE A 709 15.89 -41.19 -22.27
N GLU A 710 16.66 -42.19 -22.66
CA GLU A 710 17.50 -42.10 -23.85
C GLU A 710 16.76 -41.56 -25.10
N ASP A 711 17.23 -40.44 -25.65
CA ASP A 711 16.61 -39.82 -26.81
C ASP A 711 15.10 -39.68 -26.68
N TRP A 712 14.63 -39.17 -25.54
CA TRP A 712 13.20 -39.07 -25.32
C TRP A 712 12.83 -37.88 -24.48
N ASP A 713 13.25 -37.94 -23.23
CA ASP A 713 12.91 -36.91 -22.29
C ASP A 713 14.16 -36.64 -21.50
N VAL A 714 14.27 -35.41 -20.99
CA VAL A 714 15.34 -35.02 -20.09
C VAL A 714 14.76 -33.95 -19.19
N GLN A 715 15.17 -33.90 -17.93
CA GLN A 715 14.38 -33.17 -16.96
C GLN A 715 15.11 -33.04 -15.65
N ALA A 716 15.20 -31.82 -15.13
CA ALA A 716 15.82 -31.61 -13.83
C ALA A 716 14.78 -32.05 -12.83
N CYS A 717 15.00 -33.23 -12.28
CA CYS A 717 14.01 -33.87 -11.44
C CYS A 717 14.75 -34.54 -10.32
N GLY A 718 14.20 -34.42 -9.11
CA GLY A 718 14.80 -35.04 -7.92
C GLY A 718 14.11 -36.25 -7.29
N GLY A 719 13.16 -36.86 -7.98
CA GLY A 719 12.46 -38.04 -7.43
C GLY A 719 13.25 -39.29 -7.71
N THR A 720 12.83 -40.42 -7.15
CA THR A 720 13.46 -41.72 -7.44
C THR A 720 12.85 -42.33 -8.69
N HIS A 721 13.71 -42.73 -9.62
CA HIS A 721 13.29 -43.31 -10.89
C HIS A 721 13.75 -44.77 -11.02
N LEU A 722 13.66 -45.32 -12.23
CA LEU A 722 13.98 -46.70 -12.53
C LEU A 722 15.04 -46.74 -13.62
N PRO A 723 15.88 -47.79 -13.62
CA PRO A 723 17.02 -47.85 -14.55
C PRO A 723 16.66 -47.89 -16.06
N SER A 724 15.44 -48.32 -16.34
CA SER A 724 15.06 -48.80 -17.65
C SER A 724 13.55 -48.74 -17.76
N THR A 725 13.05 -48.32 -18.92
CA THR A 725 11.60 -48.15 -19.06
C THR A 725 10.83 -49.48 -19.06
N GLY A 726 11.47 -50.57 -19.51
CA GLY A 726 10.84 -51.89 -19.48
C GLY A 726 10.10 -52.10 -18.17
N LEU A 727 10.67 -51.62 -17.09
CA LEU A 727 10.17 -51.88 -15.73
C LEU A 727 8.92 -51.08 -15.34
N VAL A 728 8.52 -50.13 -16.19
CA VAL A 728 7.28 -49.35 -15.99
C VAL A 728 6.05 -50.24 -16.14
N GLY A 729 6.06 -51.08 -17.17
CA GLY A 729 4.91 -51.93 -17.45
C GLY A 729 3.98 -51.12 -18.33
N PRO A 730 2.91 -51.75 -18.83
CA PRO A 730 2.01 -51.01 -19.71
C PRO A 730 1.47 -49.74 -19.06
N ILE A 731 1.17 -48.75 -19.90
CA ILE A 731 0.58 -47.50 -19.44
C ILE A 731 -0.81 -47.39 -20.02
N LYS A 732 -1.79 -47.34 -19.13
CA LYS A 732 -3.16 -47.17 -19.52
C LYS A 732 -3.47 -45.73 -19.23
N ILE A 733 -3.74 -44.94 -20.27
CA ILE A 733 -4.29 -43.61 -20.05
C ILE A 733 -5.76 -43.77 -19.69
N LEU A 734 -6.15 -43.33 -18.50
CA LEU A 734 -7.54 -43.44 -18.10
C LEU A 734 -8.39 -42.36 -18.76
N ARG A 735 -8.02 -41.10 -18.57
CA ARG A 735 -8.83 -40.01 -19.06
C ARG A 735 -8.08 -38.68 -19.09
N THR A 736 -8.52 -37.82 -20.00
CA THR A 736 -8.08 -36.45 -20.06
C THR A 736 -9.21 -35.54 -19.59
N GLU A 737 -8.88 -34.33 -19.11
CA GLU A 737 -9.88 -33.36 -18.61
C GLU A 737 -9.35 -31.94 -18.47
N ARG A 738 -10.24 -30.95 -18.59
CA ARG A 738 -9.77 -29.57 -18.59
C ARG A 738 -9.83 -28.93 -17.22
N ILE A 739 -8.67 -28.71 -16.64
CA ILE A 739 -8.56 -28.12 -15.31
C ILE A 739 -8.92 -26.66 -15.32
N GLN A 740 -8.40 -25.94 -16.31
CA GLN A 740 -8.70 -24.53 -16.52
C GLN A 740 -8.21 -24.17 -17.90
N ASP A 741 -8.45 -22.93 -18.31
CA ASP A 741 -7.96 -22.44 -19.60
C ASP A 741 -6.46 -22.56 -19.66
N GLY A 742 -5.97 -23.19 -20.73
CA GLY A 742 -4.55 -23.38 -20.96
C GLY A 742 -3.90 -24.55 -20.26
N VAL A 743 -4.64 -25.21 -19.35
CA VAL A 743 -4.17 -26.38 -18.61
C VAL A 743 -5.12 -27.58 -18.78
N GLU A 744 -4.67 -28.60 -19.51
CA GLU A 744 -5.40 -29.87 -19.65
C GLU A 744 -4.73 -30.94 -18.76
N ARG A 745 -5.45 -32.02 -18.45
CA ARG A 745 -4.95 -32.99 -17.46
C ARG A 745 -5.05 -34.43 -17.92
N ILE A 746 -3.94 -35.15 -17.92
CA ILE A 746 -3.93 -36.56 -18.33
C ILE A 746 -3.75 -37.46 -17.13
N ILE A 747 -4.69 -38.38 -16.94
CA ILE A 747 -4.62 -39.32 -15.82
C ILE A 747 -4.29 -40.67 -16.36
N PHE A 748 -3.50 -41.46 -15.62
CA PHE A 748 -3.05 -42.76 -16.11
C PHE A 748 -2.48 -43.58 -14.99
N ALA A 749 -2.21 -44.84 -15.29
CA ALA A 749 -1.71 -45.80 -14.31
C ALA A 749 -0.84 -46.83 -15.00
N CYS A 750 0.32 -47.11 -14.40
CA CYS A 750 1.32 -47.94 -15.07
C CYS A 750 1.38 -49.31 -14.41
N GLY A 751 2.33 -50.13 -14.84
CA GLY A 751 2.53 -51.42 -14.21
C GLY A 751 1.69 -52.53 -14.81
N GLU A 752 1.89 -53.73 -14.27
CA GLU A 752 1.22 -54.96 -14.71
C GLU A 752 -0.32 -54.92 -14.63
N GLU B 2 -31.85 14.58 40.81
CA GLU B 2 -31.59 15.39 39.58
C GLU B 2 -32.17 14.66 38.35
N PHE B 3 -31.73 13.42 38.12
CA PHE B 3 -32.18 12.69 36.93
C PHE B 3 -32.95 11.43 37.32
N ILE B 4 -34.16 11.26 36.76
CA ILE B 4 -35.08 10.20 37.21
C ILE B 4 -34.70 8.81 36.69
N MET B 5 -34.82 8.60 35.38
CA MET B 5 -34.31 7.38 34.70
C MET B 5 -35.20 6.12 34.76
N LYS B 6 -36.46 6.30 35.13
CA LYS B 6 -37.45 5.24 34.98
C LYS B 6 -37.52 4.92 33.49
N THR B 7 -37.57 3.65 33.14
CA THR B 7 -37.86 3.22 31.76
C THR B 7 -38.96 2.16 31.74
N ARG B 8 -39.69 2.13 30.62
CA ARG B 8 -40.73 1.15 30.38
C ARG B 8 -40.27 -0.24 30.80
N MET B 9 -39.15 -0.68 30.20
CA MET B 9 -38.57 -2.00 30.46
C MET B 9 -38.38 -2.36 31.94
N PHE B 10 -37.95 -1.40 32.73
CA PHE B 10 -37.66 -1.64 34.15
C PHE B 10 -38.96 -1.86 34.88
N GLU B 11 -39.93 -0.99 34.55
CA GLU B 11 -41.28 -1.00 35.09
C GLU B 11 -41.98 -2.32 34.76
N GLU B 12 -42.02 -2.63 33.46
CA GLU B 12 -42.62 -3.87 32.98
C GLU B 12 -41.99 -5.13 33.49
N GLU B 13 -40.69 -5.36 33.30
CA GLU B 13 -40.10 -6.67 33.59
C GLU B 13 -39.61 -6.83 35.02
N GLY B 14 -39.94 -5.87 35.87
CA GLY B 14 -39.73 -6.02 37.29
C GLY B 14 -38.29 -5.85 37.76
N TRP B 15 -37.64 -4.80 37.27
CA TRP B 15 -36.32 -4.40 37.72
C TRP B 15 -36.46 -3.58 39.01
N ILE B 16 -35.67 -3.91 40.02
CA ILE B 16 -35.64 -3.16 41.27
C ILE B 16 -34.53 -2.13 41.25
N ARG B 17 -34.81 -0.93 41.76
CA ARG B 17 -33.79 0.11 41.92
C ARG B 17 -33.29 0.22 43.37
N LYS B 18 -32.00 -0.01 43.55
CA LYS B 18 -31.37 0.09 44.86
C LYS B 18 -30.29 1.16 44.82
N LYS B 19 -29.87 1.65 46.01
CA LYS B 19 -28.60 2.35 46.14
C LYS B 19 -27.60 1.31 46.61
N CYS B 20 -26.36 1.44 46.15
CA CYS B 20 -25.30 0.48 46.45
C CYS B 20 -24.82 0.57 47.91
N LYS B 21 -24.59 -0.60 48.53
CA LYS B 21 -24.05 -0.68 49.90
C LYS B 21 -22.75 0.10 50.00
N VAL B 22 -21.82 -0.18 49.08
CA VAL B 22 -20.50 0.44 49.02
C VAL B 22 -20.50 1.90 48.51
N CYS B 23 -20.68 2.13 47.21
CA CYS B 23 -20.63 3.49 46.66
C CYS B 23 -21.88 4.35 46.91
N GLY B 24 -23.01 3.71 47.24
CA GLY B 24 -24.27 4.43 47.50
C GLY B 24 -24.97 4.96 46.26
N LYS B 25 -24.50 4.52 45.09
CA LYS B 25 -25.04 4.94 43.79
C LYS B 25 -26.31 4.17 43.36
N PRO B 26 -27.25 4.87 42.72
CA PRO B 26 -28.47 4.24 42.23
C PRO B 26 -28.17 3.21 41.16
N PHE B 27 -28.57 1.96 41.39
CA PHE B 27 -28.48 0.98 40.32
C PHE B 27 -29.77 0.15 40.21
N TRP B 28 -30.04 -0.32 39.00
CA TRP B 28 -31.19 -1.13 38.70
C TRP B 28 -30.75 -2.55 38.54
N THR B 29 -31.25 -3.43 39.40
CA THR B 29 -31.01 -4.86 39.20
C THR B 29 -32.29 -5.67 38.98
N LEU B 30 -32.10 -6.79 38.32
CA LEU B 30 -33.12 -7.78 38.15
C LEU B 30 -33.15 -8.76 39.35
N ASP B 31 -32.05 -8.81 40.11
CA ASP B 31 -31.88 -9.78 41.23
C ASP B 31 -32.06 -9.18 42.64
N PRO B 32 -33.05 -9.69 43.43
CA PRO B 32 -33.46 -8.98 44.67
C PRO B 32 -32.51 -9.16 45.87
N ASP B 33 -31.46 -9.96 45.68
CA ASP B 33 -30.42 -10.16 46.69
C ASP B 33 -29.34 -9.11 46.57
N ARG B 34 -28.84 -8.91 45.35
CA ARG B 34 -27.73 -8.02 45.04
C ARG B 34 -27.81 -6.67 45.73
N GLU B 35 -26.74 -6.29 46.42
CA GLU B 35 -26.69 -5.02 47.13
C GLU B 35 -25.60 -4.07 46.61
N THR B 36 -24.52 -4.63 46.09
CA THR B 36 -23.45 -3.86 45.48
C THR B 36 -23.92 -3.47 44.08
N CYS B 37 -23.34 -2.43 43.51
CA CYS B 37 -23.79 -1.90 42.22
C CYS B 37 -23.31 -2.73 41.04
N GLY B 38 -22.35 -3.62 41.29
CA GLY B 38 -21.75 -4.46 40.26
C GLY B 38 -20.50 -3.91 39.59
N ASP B 39 -19.80 -3.01 40.31
CA ASP B 39 -18.68 -2.22 39.77
C ASP B 39 -17.44 -2.19 40.72
N PRO B 40 -16.27 -2.70 40.25
CA PRO B 40 -15.00 -2.50 40.96
C PRO B 40 -14.91 -1.08 41.54
N PRO B 41 -14.57 -0.97 42.84
CA PRO B 41 -14.14 -2.07 43.71
C PRO B 41 -15.24 -2.78 44.52
N CYS B 42 -16.50 -2.40 44.35
CA CYS B 42 -17.61 -3.08 45.02
C CYS B 42 -17.71 -4.57 44.63
N ASP B 43 -17.61 -4.85 43.33
CA ASP B 43 -17.59 -6.22 42.85
C ASP B 43 -16.26 -6.56 42.21
N GLU B 44 -15.90 -7.84 42.32
CA GLU B 44 -14.71 -8.40 41.71
C GLU B 44 -15.00 -8.85 40.29
N TYR B 45 -13.96 -9.01 39.48
CA TYR B 45 -14.10 -9.74 38.21
C TYR B 45 -14.61 -11.14 38.56
N GLN B 46 -15.54 -11.65 37.77
CA GLN B 46 -16.17 -12.94 38.06
C GLN B 46 -16.21 -13.86 36.87
N PHE B 47 -15.29 -13.70 35.93
CA PHE B 47 -15.35 -14.43 34.67
C PHE B 47 -13.98 -14.89 34.20
N ILE B 48 -12.97 -14.78 35.06
CA ILE B 48 -11.68 -15.36 34.73
C ILE B 48 -11.74 -16.86 35.03
N GLY B 49 -11.59 -17.66 33.97
CA GLY B 49 -11.77 -19.10 34.03
C GLY B 49 -13.13 -19.49 33.46
N LYS B 50 -14.14 -18.72 33.84
CA LYS B 50 -15.52 -18.98 33.48
C LYS B 50 -16.13 -17.86 32.63
N PRO B 51 -15.87 -17.86 31.31
CA PRO B 51 -16.37 -16.75 30.46
C PRO B 51 -17.89 -16.58 30.50
N GLY B 52 -18.37 -15.37 30.80
CA GLY B 52 -19.81 -15.07 30.95
C GLY B 52 -20.60 -14.76 29.68
N ILE B 53 -20.09 -15.23 28.53
CA ILE B 53 -20.82 -15.29 27.26
C ILE B 53 -20.51 -16.69 26.79
N PRO B 54 -21.56 -17.53 26.60
CA PRO B 54 -21.46 -18.99 26.48
C PRO B 54 -20.59 -19.52 25.32
N ARG B 55 -20.25 -18.68 24.34
CA ARG B 55 -19.25 -19.02 23.30
C ARG B 55 -18.15 -17.96 23.13
N LYS B 56 -17.06 -18.34 22.47
CA LYS B 56 -15.93 -17.44 22.24
C LYS B 56 -16.13 -16.60 20.99
N TYR B 57 -15.88 -15.29 21.08
CA TYR B 57 -15.91 -14.43 19.88
C TYR B 57 -14.53 -13.86 19.59
N THR B 58 -14.22 -13.65 18.32
CA THR B 58 -13.04 -12.89 17.99
C THR B 58 -13.45 -11.45 17.86
N LEU B 59 -12.59 -10.56 18.35
CA LEU B 59 -12.65 -9.14 18.03
C LEU B 59 -13.26 -8.84 16.64
N ASP B 60 -13.01 -9.71 15.66
CA ASP B 60 -13.58 -9.53 14.33
C ASP B 60 -15.02 -10.00 14.16
N GLU B 61 -15.31 -11.20 14.66
CA GLU B 61 -16.68 -11.73 14.68
C GLU B 61 -17.58 -10.74 15.41
N MET B 62 -17.29 -10.55 16.69
CA MET B 62 -18.11 -9.79 17.59
C MET B 62 -18.43 -8.40 17.06
N ARG B 63 -17.46 -7.79 16.38
CA ARG B 63 -17.70 -6.46 15.81
C ARG B 63 -18.84 -6.53 14.80
N GLU B 64 -18.78 -7.53 13.93
CA GLU B 64 -19.75 -7.76 12.88
C GLU B 64 -21.10 -8.15 13.45
N LYS B 65 -21.09 -8.98 14.48
CA LYS B 65 -22.33 -9.39 15.13
C LYS B 65 -23.13 -8.15 15.53
N PHE B 66 -22.43 -7.22 16.19
CA PHE B 66 -23.00 -6.01 16.70
C PHE B 66 -23.54 -5.20 15.55
N LEU B 67 -22.72 -5.02 14.53
CA LEU B 67 -23.09 -4.10 13.47
C LEU B 67 -24.35 -4.57 12.77
N ARG B 68 -24.37 -5.86 12.43
CA ARG B 68 -25.50 -6.49 11.77
C ARG B 68 -26.76 -6.36 12.61
N PHE B 69 -26.72 -6.84 13.84
CA PHE B 69 -27.87 -6.78 14.72
C PHE B 69 -28.66 -5.48 14.64
N PHE B 70 -27.97 -4.35 14.56
CA PHE B 70 -28.66 -3.06 14.53
C PHE B 70 -29.07 -2.66 13.15
N GLU B 71 -28.22 -3.02 12.18
CA GLU B 71 -28.48 -2.82 10.77
C GLU B 71 -29.79 -3.53 10.37
N LYS B 72 -29.89 -4.80 10.72
CA LYS B 72 -31.00 -5.66 10.33
C LYS B 72 -32.15 -5.69 11.36
N HIS B 73 -32.13 -4.78 12.32
CA HIS B 73 -33.11 -4.86 13.39
C HIS B 73 -34.52 -4.73 12.85
N GLU B 74 -35.36 -5.70 13.26
CA GLU B 74 -36.78 -5.83 12.90
C GLU B 74 -37.57 -4.52 12.95
N ILE B 75 -37.51 -3.86 14.10
CA ILE B 75 -38.33 -2.66 14.37
C ILE B 75 -37.64 -1.34 13.99
N TYR B 76 -36.35 -1.20 14.33
CA TYR B 76 -35.52 -0.06 13.88
C TYR B 76 -34.25 -0.52 13.14
N PRO B 77 -34.27 -0.51 11.80
CA PRO B 77 -32.98 -0.72 11.16
C PRO B 77 -32.05 0.47 11.45
N HIS B 78 -30.75 0.20 11.57
CA HIS B 78 -29.74 1.24 11.72
C HIS B 78 -28.84 1.30 10.50
N GLY B 79 -28.65 2.51 9.97
CA GLY B 79 -27.77 2.73 8.84
C GLY B 79 -26.34 2.64 9.31
N ARG B 80 -25.58 1.74 8.70
CA ARG B 80 -24.17 1.50 9.01
C ARG B 80 -23.31 2.64 8.48
N VAL B 81 -22.47 3.23 9.34
CA VAL B 81 -21.53 4.31 8.97
C VAL B 81 -20.06 3.84 9.03
N LYS B 82 -19.31 4.18 7.99
CA LYS B 82 -17.89 3.86 7.93
C LYS B 82 -17.10 4.81 8.85
N ARG B 83 -16.28 4.20 9.72
CA ARG B 83 -15.59 4.88 10.83
C ARG B 83 -14.70 6.09 10.48
N TYR B 84 -14.74 7.09 11.36
CA TYR B 84 -13.97 8.34 11.23
C TYR B 84 -12.51 8.18 11.62
N PRO B 85 -11.64 9.11 11.16
CA PRO B 85 -10.25 9.03 11.57
C PRO B 85 -10.12 9.47 13.02
N VAL B 86 -9.18 8.88 13.75
CA VAL B 86 -8.97 9.22 15.16
C VAL B 86 -8.50 10.67 15.32
N LEU B 87 -7.94 11.24 14.25
CA LEU B 87 -7.55 12.64 14.23
C LEU B 87 -8.73 13.49 13.70
N PRO B 88 -9.37 14.28 14.58
CA PRO B 88 -10.65 14.96 14.33
C PRO B 88 -10.66 16.16 13.36
N ARG B 89 -10.43 15.94 12.07
CA ARG B 89 -10.42 17.05 11.08
C ARG B 89 -11.63 18.01 11.09
N TRP B 90 -12.81 17.49 11.39
CA TRP B 90 -14.06 18.25 11.44
C TRP B 90 -14.20 19.27 12.56
N ARG B 91 -13.28 19.24 13.54
CA ARG B 91 -13.39 20.14 14.70
C ARG B 91 -12.02 20.58 15.21
N ASP B 92 -11.99 21.56 16.11
CA ASP B 92 -10.74 22.11 16.64
C ASP B 92 -10.65 22.13 18.17
N ASP B 93 -11.42 21.28 18.85
CA ASP B 93 -11.48 21.34 20.33
C ASP B 93 -10.97 20.12 21.08
N VAL B 94 -10.62 19.07 20.34
CA VAL B 94 -10.23 17.81 20.98
C VAL B 94 -9.08 17.22 20.20
N LEU B 95 -8.06 16.74 20.89
CA LEU B 95 -6.87 16.23 20.22
C LEU B 95 -7.08 14.92 19.45
N LEU B 96 -7.83 13.98 20.03
CA LEU B 96 -8.14 12.69 19.41
C LEU B 96 -9.51 12.17 19.80
N VAL B 97 -10.18 11.49 18.85
CA VAL B 97 -11.50 10.90 19.07
C VAL B 97 -11.44 9.97 20.27
N GLY B 98 -12.23 10.32 21.28
CA GLY B 98 -12.21 9.65 22.57
C GLY B 98 -13.46 8.85 22.81
N ALA B 99 -14.50 9.21 22.06
CA ALA B 99 -15.76 8.48 21.97
C ALA B 99 -16.35 8.67 20.58
N SER B 100 -17.08 7.68 20.07
CA SER B 100 -17.80 7.79 18.78
C SER B 100 -18.67 9.05 18.66
N ILE B 101 -19.41 9.38 19.71
CA ILE B 101 -20.24 10.57 19.67
C ILE B 101 -19.47 11.80 19.19
N MET B 102 -18.15 11.80 19.41
CA MET B 102 -17.30 12.93 19.02
C MET B 102 -17.20 13.10 17.51
N ASP B 103 -17.58 12.07 16.77
CA ASP B 103 -17.69 12.17 15.33
C ASP B 103 -18.83 13.10 14.94
N PHE B 104 -19.79 13.30 15.84
CA PHE B 104 -21.03 13.98 15.48
C PHE B 104 -21.13 15.34 16.15
N GLN B 105 -19.98 15.91 16.46
CA GLN B 105 -19.90 17.12 17.28
C GLN B 105 -19.01 18.16 16.62
N PRO B 106 -19.34 19.44 16.77
CA PRO B 106 -20.55 19.98 17.34
C PRO B 106 -21.69 19.95 16.33
N TRP B 107 -21.35 19.72 15.05
CA TRP B 107 -22.18 20.02 13.88
C TRP B 107 -23.47 19.25 13.78
N VAL B 108 -23.36 17.92 13.69
CA VAL B 108 -24.54 17.05 13.64
C VAL B 108 -25.45 17.26 14.86
N ILE B 109 -24.87 17.38 16.05
CA ILE B 109 -25.66 17.52 17.26
C ILE B 109 -26.35 18.88 17.36
N SER B 110 -25.75 19.91 16.76
CA SER B 110 -26.41 21.23 16.69
C SER B 110 -27.37 21.30 15.50
N GLY B 111 -27.44 20.23 14.73
CA GLY B 111 -28.33 20.17 13.56
C GLY B 111 -27.80 20.93 12.36
N GLU B 112 -26.63 21.54 12.53
CA GLU B 112 -26.00 22.29 11.47
C GLU B 112 -25.48 21.38 10.35
N ALA B 113 -25.49 20.07 10.56
CA ALA B 113 -25.09 19.12 9.52
C ALA B 113 -25.86 17.82 9.67
N ASP B 114 -26.23 17.20 8.54
CA ASP B 114 -27.10 16.03 8.59
C ASP B 114 -26.37 14.77 9.01
N PRO B 115 -26.99 13.98 9.88
CA PRO B 115 -26.38 12.75 10.38
C PRO B 115 -26.30 11.77 9.24
N PRO B 116 -25.15 11.10 9.08
CA PRO B 116 -24.92 10.23 7.93
C PRO B 116 -25.98 9.14 7.75
N ALA B 117 -26.55 8.69 8.87
CA ALA B 117 -27.76 7.89 8.91
C ALA B 117 -28.52 8.37 10.13
N ASN B 118 -29.69 7.79 10.39
CA ASN B 118 -30.43 8.17 11.57
C ASN B 118 -31.63 7.29 11.82
N PRO B 119 -31.47 6.27 12.68
CA PRO B 119 -30.34 6.10 13.55
C PRO B 119 -29.17 5.40 12.83
N LEU B 120 -27.94 5.69 13.28
CA LEU B 120 -26.76 5.02 12.74
C LEU B 120 -26.06 4.10 13.72
N VAL B 121 -25.18 3.27 13.17
CA VAL B 121 -24.37 2.35 13.93
C VAL B 121 -22.91 2.31 13.36
N ILE B 122 -21.95 2.44 14.27
CA ILE B 122 -20.56 2.65 13.91
C ILE B 122 -19.65 1.82 14.80
N SER B 123 -18.50 1.43 14.29
CA SER B 123 -17.48 0.91 15.20
C SER B 123 -16.27 1.85 15.24
N GLN B 124 -16.23 2.73 16.25
CA GLN B 124 -15.28 3.85 16.26
C GLN B 124 -14.07 3.61 17.15
N PRO B 125 -12.88 3.49 16.51
CA PRO B 125 -11.63 3.48 17.24
C PRO B 125 -11.55 4.74 18.08
N SER B 126 -11.37 4.55 19.37
CA SER B 126 -11.29 5.64 20.31
C SER B 126 -9.97 5.56 21.09
N ILE B 127 -9.42 6.74 21.37
CA ILE B 127 -8.15 6.85 22.06
C ILE B 127 -8.32 7.64 23.35
N ARG B 128 -7.89 7.04 24.47
CA ARG B 128 -8.03 7.66 25.78
C ARG B 128 -6.72 7.58 26.55
N PHE B 129 -6.05 8.71 26.65
CA PHE B 129 -4.82 8.83 27.43
C PHE B 129 -5.11 9.07 28.90
N THR B 130 -6.37 9.40 29.20
CA THR B 130 -6.79 9.61 30.58
C THR B 130 -6.52 8.34 31.39
N ASP B 131 -6.19 7.26 30.69
CA ASP B 131 -6.14 5.92 31.26
C ASP B 131 -4.83 5.18 31.17
N ILE B 132 -3.92 5.75 30.41
CA ILE B 132 -2.65 5.14 30.08
C ILE B 132 -1.96 4.42 31.25
N ASP B 133 -2.12 4.97 32.45
CA ASP B 133 -1.44 4.43 33.63
C ASP B 133 -2.01 3.11 34.12
N ASN B 134 -3.12 2.67 33.54
CA ASN B 134 -3.78 1.42 33.92
C ASN B 134 -3.53 0.34 32.92
N VAL B 135 -3.33 0.73 31.66
CA VAL B 135 -2.97 -0.18 30.58
C VAL B 135 -1.85 -1.10 31.05
N GLY B 136 -2.09 -2.40 31.06
CA GLY B 136 -1.06 -3.34 31.50
C GLY B 136 -1.40 -3.89 32.86
N ILE B 137 -1.90 -3.02 33.72
CA ILE B 137 -2.14 -3.30 35.15
C ILE B 137 -3.49 -3.93 35.46
N THR B 138 -4.55 -3.38 34.89
CA THR B 138 -5.93 -3.66 35.29
C THR B 138 -6.59 -4.76 34.46
N GLY B 139 -5.95 -5.22 33.39
CA GLY B 139 -6.58 -6.19 32.52
C GLY B 139 -7.58 -5.60 31.55
N ARG B 140 -8.11 -4.42 31.84
CA ARG B 140 -9.29 -3.89 31.15
C ARG B 140 -9.14 -2.55 30.40
N HIS B 141 -8.06 -1.81 30.63
CA HIS B 141 -7.86 -0.55 29.87
C HIS B 141 -6.93 -0.69 28.70
N PHE B 142 -7.24 0.08 27.68
CA PHE B 142 -6.38 0.26 26.51
C PHE B 142 -6.22 1.75 26.33
N THR B 143 -5.37 2.10 25.38
CA THR B 143 -5.34 3.47 24.92
C THR B 143 -6.25 3.52 23.73
N ILE B 144 -6.05 2.56 22.83
CA ILE B 144 -6.81 2.40 21.60
C ILE B 144 -7.81 1.26 21.77
N PHE B 145 -9.09 1.58 21.60
CA PHE B 145 -10.13 0.55 21.71
C PHE B 145 -11.27 0.91 20.76
N GLU B 146 -12.12 -0.06 20.43
CA GLU B 146 -13.22 0.24 19.52
C GLU B 146 -14.50 0.36 20.26
N MET B 147 -15.10 1.53 20.11
CA MET B 147 -16.34 1.82 20.75
C MET B 147 -17.44 1.58 19.72
N MET B 148 -18.22 0.53 19.95
CA MET B 148 -19.34 0.24 19.09
C MET B 148 -20.54 1.01 19.55
N ALA B 149 -21.29 1.58 18.62
CA ALA B 149 -22.33 2.51 19.03
C ALA B 149 -23.48 2.60 18.05
N HIS B 150 -24.69 2.56 18.59
CA HIS B 150 -25.88 2.89 17.85
C HIS B 150 -26.33 4.25 18.33
N HIS B 151 -26.68 5.12 17.39
CA HIS B 151 -26.86 6.53 17.70
C HIS B 151 -28.13 7.03 17.11
N ALA B 152 -28.80 7.92 17.81
CA ALA B 152 -30.05 8.46 17.33
C ALA B 152 -30.19 9.91 17.70
N PHE B 153 -30.42 10.72 16.68
CA PHE B 153 -30.56 12.16 16.86
C PHE B 153 -32.03 12.55 16.75
N ASN B 154 -32.63 12.91 17.88
CA ASN B 154 -33.98 13.37 17.87
C ASN B 154 -34.03 14.88 17.89
N TYR B 155 -34.14 15.48 16.69
CA TYR B 155 -34.45 16.92 16.55
C TYR B 155 -35.92 17.17 16.86
N PRO B 156 -36.28 18.41 17.23
CA PRO B 156 -37.70 18.66 17.49
C PRO B 156 -38.47 18.63 16.18
N GLY B 157 -39.62 17.97 16.20
CA GLY B 157 -40.32 17.62 14.96
C GLY B 157 -40.15 16.14 14.65
N LYS B 158 -38.90 15.70 14.47
CA LYS B 158 -38.67 14.32 14.02
C LYS B 158 -38.08 13.37 15.08
N PRO B 159 -38.93 12.80 15.96
CA PRO B 159 -38.36 11.85 16.93
C PRO B 159 -37.92 10.57 16.25
N ILE B 160 -36.87 9.93 16.76
CA ILE B 160 -36.31 8.68 16.22
C ILE B 160 -36.48 7.49 17.19
N TYR B 161 -35.83 7.60 18.36
CA TYR B 161 -36.12 6.79 19.53
C TYR B 161 -35.34 7.37 20.71
N TRP B 162 -35.49 6.80 21.89
CA TRP B 162 -34.97 7.44 23.09
C TRP B 162 -34.82 6.39 24.20
N MET B 163 -34.95 6.79 25.46
CA MET B 163 -34.52 5.95 26.59
C MET B 163 -35.09 4.53 26.62
N ASP B 164 -36.41 4.41 26.43
CA ASP B 164 -37.08 3.13 26.58
C ASP B 164 -36.57 2.15 25.51
N GLU B 165 -36.52 2.63 24.28
CA GLU B 165 -36.06 1.83 23.16
C GLU B 165 -34.58 1.46 23.31
N THR B 166 -33.77 2.41 23.82
CA THR B 166 -32.31 2.25 23.96
C THR B 166 -31.95 1.12 24.92
N VAL B 167 -32.55 1.14 26.12
CA VAL B 167 -32.28 0.10 27.08
C VAL B 167 -32.83 -1.19 26.53
N GLU B 168 -33.91 -1.09 25.75
CA GLU B 168 -34.50 -2.25 25.12
C GLU B 168 -33.53 -2.88 24.15
N LEU B 169 -33.06 -2.09 23.19
CA LEU B 169 -32.03 -2.52 22.23
C LEU B 169 -30.77 -3.08 22.90
N ALA B 170 -30.32 -2.38 23.93
CA ALA B 170 -29.19 -2.85 24.71
C ALA B 170 -29.53 -4.24 25.24
N PHE B 171 -30.52 -4.29 26.12
CA PHE B 171 -30.81 -5.52 26.85
C PHE B 171 -31.10 -6.72 25.93
N GLU B 172 -31.72 -6.45 24.78
CA GLU B 172 -31.97 -7.47 23.81
C GLU B 172 -30.65 -8.07 23.39
N PHE B 173 -29.79 -7.26 22.78
CA PHE B 173 -28.49 -7.69 22.25
C PHE B 173 -27.65 -8.54 23.20
N PHE B 174 -27.61 -8.15 24.47
CA PHE B 174 -26.84 -8.90 25.44
C PHE B 174 -27.44 -10.26 25.71
N THR B 175 -28.76 -10.29 25.77
CA THR B 175 -29.47 -11.50 26.14
C THR B 175 -29.80 -12.33 24.91
N LYS B 176 -30.31 -11.70 23.87
CA LYS B 176 -30.67 -12.37 22.63
C LYS B 176 -29.49 -12.85 21.79
N GLU B 177 -28.47 -12.01 21.58
CA GLU B 177 -27.35 -12.35 20.67
C GLU B 177 -26.15 -12.93 21.37
N LEU B 178 -25.88 -12.42 22.56
CA LEU B 178 -24.68 -12.85 23.27
C LEU B 178 -25.00 -13.97 24.25
N LYS B 179 -26.29 -14.14 24.53
CA LYS B 179 -26.82 -15.11 25.50
C LYS B 179 -26.27 -14.85 26.88
N MET B 180 -26.37 -13.60 27.32
CA MET B 180 -25.94 -13.24 28.67
C MET B 180 -27.06 -13.43 29.71
N LYS B 181 -26.67 -13.81 30.93
CA LYS B 181 -27.62 -14.08 32.00
C LYS B 181 -28.27 -12.81 32.53
N PRO B 182 -29.55 -12.60 32.24
CA PRO B 182 -30.20 -11.32 32.54
C PRO B 182 -30.02 -10.77 33.96
N GLU B 183 -30.03 -11.62 34.99
CA GLU B 183 -29.95 -11.08 36.35
C GLU B 183 -28.55 -10.60 36.76
N ASP B 184 -27.57 -10.93 35.92
CA ASP B 184 -26.19 -10.48 36.13
C ASP B 184 -25.94 -9.07 35.56
N ILE B 185 -26.52 -8.76 34.40
CA ILE B 185 -26.70 -7.38 33.97
C ILE B 185 -27.30 -6.51 35.06
N THR B 186 -26.71 -5.33 35.23
CA THR B 186 -27.27 -4.28 36.07
C THR B 186 -27.04 -2.98 35.31
N PHE B 187 -27.75 -1.94 35.70
CA PHE B 187 -27.64 -0.65 35.03
C PHE B 187 -27.41 0.30 36.15
N LYS B 188 -26.28 1.00 36.09
CA LYS B 188 -25.86 1.88 37.18
C LYS B 188 -26.11 3.29 36.72
N GLU B 189 -26.65 4.12 37.59
CA GLU B 189 -27.02 5.45 37.14
C GLU B 189 -25.83 6.39 37.27
N ASN B 190 -25.36 6.84 36.12
CA ASN B 190 -24.22 7.73 36.12
C ASN B 190 -24.15 8.72 34.96
N PRO B 191 -24.20 10.02 35.29
CA PRO B 191 -24.11 11.13 34.34
C PRO B 191 -22.85 11.03 33.51
N TRP B 192 -22.90 11.52 32.28
CA TRP B 192 -21.74 11.43 31.42
C TRP B 192 -21.62 12.71 30.60
N ALA B 193 -20.50 13.41 30.80
CA ALA B 193 -20.14 14.60 30.06
C ALA B 193 -18.98 14.26 29.14
N GLY B 194 -18.90 14.89 27.99
CA GLY B 194 -17.83 14.59 27.08
C GLY B 194 -18.00 15.40 25.81
N GLY B 195 -16.92 16.04 25.39
CA GLY B 195 -16.86 16.71 24.10
C GLY B 195 -17.72 17.96 23.98
N GLY B 196 -18.36 18.37 25.05
CA GLY B 196 -19.17 19.57 24.98
C GLY B 196 -20.63 19.29 25.21
N ASN B 197 -20.95 18.03 25.55
CA ASN B 197 -22.33 17.62 25.85
C ASN B 197 -22.37 16.66 27.02
N ALA B 198 -23.48 16.71 27.77
CA ALA B 198 -23.68 15.80 28.88
C ALA B 198 -25.10 15.24 28.88
N GLY B 199 -25.41 14.39 29.83
CA GLY B 199 -26.75 13.88 29.97
C GLY B 199 -26.66 12.73 30.94
N PRO B 200 -27.81 12.26 31.45
CA PRO B 200 -27.78 11.14 32.37
C PRO B 200 -27.48 9.90 31.57
N ALA B 201 -26.96 8.86 32.23
CA ALA B 201 -26.52 7.67 31.51
C ALA B 201 -26.47 6.43 32.38
N PHE B 202 -26.62 5.27 31.75
CA PHE B 202 -26.49 4.03 32.49
C PHE B 202 -25.15 3.42 32.17
N GLU B 203 -24.50 2.89 33.21
CA GLU B 203 -23.32 2.06 33.02
C GLU B 203 -23.78 0.61 33.08
N VAL B 204 -23.78 -0.09 31.95
CA VAL B 204 -24.15 -1.50 32.00
C VAL B 204 -22.99 -2.35 32.49
N LEU B 205 -23.22 -3.04 33.60
CA LEU B 205 -22.20 -3.84 34.27
C LEU B 205 -22.65 -5.26 34.28
N TYR B 206 -21.70 -6.17 34.10
CA TYR B 206 -22.00 -7.60 34.02
C TYR B 206 -20.79 -8.38 34.49
N ARG B 207 -20.98 -9.08 35.61
CA ARG B 207 -19.89 -9.84 36.26
C ARG B 207 -18.68 -8.95 36.56
N GLY B 208 -18.92 -7.72 36.99
CA GLY B 208 -17.82 -6.83 37.41
C GLY B 208 -17.05 -6.13 36.31
N LEU B 209 -17.33 -6.51 35.06
CA LEU B 209 -16.85 -5.77 33.90
C LEU B 209 -17.95 -4.88 33.39
N GLU B 210 -17.70 -3.58 33.41
CA GLU B 210 -18.56 -2.60 32.75
C GLU B 210 -18.34 -2.74 31.26
N VAL B 211 -19.41 -2.97 30.50
CA VAL B 211 -19.25 -3.40 29.11
C VAL B 211 -19.76 -2.40 28.11
N ALA B 212 -20.61 -1.48 28.56
CA ALA B 212 -21.18 -0.48 27.66
C ALA B 212 -21.74 0.65 28.49
N THR B 213 -22.00 1.78 27.84
CA THR B 213 -22.52 2.95 28.55
C THR B 213 -23.57 3.59 27.67
N LEU B 214 -24.72 3.89 28.26
CA LEU B 214 -25.87 4.39 27.49
C LEU B 214 -26.18 5.79 27.96
N VAL B 215 -26.11 6.75 27.04
CA VAL B 215 -26.14 8.14 27.43
C VAL B 215 -27.25 8.88 26.73
N PHE B 216 -28.02 9.58 27.52
CA PHE B 216 -29.11 10.34 26.95
C PHE B 216 -28.79 11.80 27.03
N MET B 217 -28.09 12.24 26.00
CA MET B 217 -27.60 13.60 25.95
C MET B 217 -28.72 14.57 25.68
N GLN B 218 -28.77 15.61 26.49
CA GLN B 218 -29.71 16.71 26.28
C GLN B 218 -29.13 18.01 26.83
N TYR B 219 -27.79 18.08 26.83
CA TYR B 219 -27.09 19.23 27.40
C TYR B 219 -25.91 19.70 26.58
N LYS B 220 -25.62 20.99 26.70
CA LYS B 220 -24.48 21.60 26.03
C LYS B 220 -23.85 22.64 26.96
N LYS B 221 -22.61 22.98 26.67
CA LYS B 221 -21.78 23.78 27.55
C LYS B 221 -22.21 25.24 27.71
N ALA B 222 -21.79 25.84 28.85
CA ALA B 222 -21.63 27.32 29.02
C ALA B 222 -22.93 28.02 28.73
N PRO B 223 -22.96 29.02 27.80
CA PRO B 223 -21.94 29.86 27.17
C PRO B 223 -22.06 31.34 27.59
N GLN B 228 -26.64 33.18 32.80
CA GLN B 228 -27.99 32.63 32.99
C GLN B 228 -27.98 31.61 34.13
N ASP B 229 -29.18 31.15 34.51
CA ASP B 229 -29.32 30.14 35.57
C ASP B 229 -30.36 29.05 35.22
N GLN B 230 -30.39 28.69 33.94
CA GLN B 230 -31.04 27.48 33.46
C GLN B 230 -29.97 26.41 33.39
N VAL B 231 -28.94 26.56 34.22
CA VAL B 231 -27.73 25.78 34.13
C VAL B 231 -27.66 24.70 35.19
N VAL B 232 -27.09 23.55 34.82
CA VAL B 232 -26.87 22.48 35.77
C VAL B 232 -25.41 22.05 35.70
N VAL B 233 -24.83 21.81 36.86
CA VAL B 233 -23.47 21.29 36.88
C VAL B 233 -23.56 19.77 36.76
N ILE B 234 -22.68 19.21 35.95
CA ILE B 234 -22.36 17.80 36.07
C ILE B 234 -20.99 17.49 35.54
N LYS B 235 -20.29 16.63 36.27
CA LYS B 235 -18.84 16.46 36.18
C LYS B 235 -18.13 17.83 36.30
N GLY B 236 -18.65 18.69 37.19
CA GLY B 236 -18.24 20.09 37.32
C GLY B 236 -18.79 20.96 36.20
N GLU B 237 -17.97 21.12 35.17
CA GLU B 237 -18.27 21.86 33.93
C GLU B 237 -19.47 22.82 33.77
N LYS B 238 -20.72 22.43 34.06
CA LYS B 238 -21.86 23.36 33.85
C LYS B 238 -22.47 23.41 32.42
N TYR B 239 -23.70 22.94 32.31
CA TYR B 239 -24.39 22.80 31.03
C TYR B 239 -25.78 23.43 31.04
N ILE B 240 -26.35 23.66 29.85
CA ILE B 240 -27.76 24.04 29.68
C ILE B 240 -28.48 23.06 28.76
N PRO B 241 -29.82 22.99 28.85
CA PRO B 241 -30.57 22.06 28.01
C PRO B 241 -30.41 22.34 26.52
N MET B 242 -30.40 21.28 25.72
CA MET B 242 -30.36 21.36 24.26
C MET B 242 -31.73 21.06 23.71
N GLU B 243 -32.03 21.66 22.56
CA GLU B 243 -33.22 21.26 21.80
C GLU B 243 -33.08 19.82 21.27
N THR B 244 -31.95 19.49 20.67
CA THR B 244 -31.70 18.12 20.25
C THR B 244 -31.62 17.18 21.46
N LYS B 245 -32.05 15.94 21.27
CA LYS B 245 -31.93 14.94 22.30
C LYS B 245 -31.22 13.79 21.66
N VAL B 246 -30.10 13.37 22.23
CA VAL B 246 -29.26 12.38 21.55
C VAL B 246 -28.97 11.11 22.31
N VAL B 247 -29.28 10.00 21.64
CA VAL B 247 -28.92 8.69 22.12
C VAL B 247 -27.46 8.49 21.77
N ASP B 248 -26.62 8.53 22.79
CA ASP B 248 -25.22 8.26 22.59
C ASP B 248 -24.91 7.01 23.38
N THR B 249 -24.35 6.01 22.72
CA THR B 249 -24.11 4.74 23.39
C THR B 249 -22.68 4.30 23.11
N GLY B 250 -22.16 3.38 23.91
CA GLY B 250 -20.79 2.92 23.71
C GLY B 250 -20.54 1.55 24.28
N TYR B 251 -20.10 0.66 23.42
CA TYR B 251 -19.97 -0.73 23.78
C TYR B 251 -18.52 -1.18 23.64
N GLY B 252 -17.93 -1.61 24.75
CA GLY B 252 -16.56 -2.07 24.74
C GLY B 252 -16.36 -3.34 23.94
N LEU B 253 -15.88 -3.17 22.71
CA LEU B 253 -15.63 -4.29 21.83
C LEU B 253 -14.75 -5.32 22.52
N GLU B 254 -13.52 -4.92 22.80
CA GLU B 254 -12.57 -5.78 23.50
C GLU B 254 -13.20 -6.31 24.80
N ARG B 255 -13.95 -5.48 25.50
CA ARG B 255 -14.46 -5.89 26.79
C ARG B 255 -15.44 -7.02 26.67
N LEU B 256 -16.29 -6.95 25.65
CA LEU B 256 -17.22 -8.03 25.31
C LEU B 256 -16.45 -9.27 24.86
N VAL B 257 -15.45 -9.07 24.00
CA VAL B 257 -14.62 -10.16 23.50
C VAL B 257 -13.84 -10.87 24.63
N TRP B 258 -13.42 -10.10 25.63
CA TRP B 258 -12.68 -10.67 26.76
C TRP B 258 -13.66 -11.46 27.59
N MET B 259 -14.83 -10.86 27.79
CA MET B 259 -15.96 -11.49 28.49
C MET B 259 -16.36 -12.81 27.84
N SER B 260 -16.14 -12.92 26.53
CA SER B 260 -16.44 -14.12 25.76
C SER B 260 -15.28 -15.12 25.72
N GLN B 261 -14.32 -14.96 26.62
CA GLN B 261 -13.06 -15.68 26.56
C GLN B 261 -12.54 -16.06 27.95
N GLY B 262 -12.66 -15.15 28.90
CA GLY B 262 -12.35 -15.47 30.29
C GLY B 262 -10.88 -15.67 30.60
N THR B 263 -10.04 -15.27 29.64
CA THR B 263 -8.59 -15.27 29.79
C THR B 263 -8.22 -14.29 30.90
N PRO B 264 -6.97 -14.37 31.40
CA PRO B 264 -6.61 -13.47 32.52
C PRO B 264 -6.68 -11.95 32.24
N THR B 265 -6.49 -11.52 30.98
CA THR B 265 -6.62 -10.09 30.58
C THR B 265 -7.24 -9.91 29.20
N ALA B 266 -7.86 -8.75 28.98
CA ALA B 266 -8.41 -8.41 27.68
C ALA B 266 -7.29 -8.40 26.64
N TYR B 267 -6.09 -8.04 27.09
CA TYR B 267 -4.90 -7.98 26.23
C TYR B 267 -4.55 -9.36 25.67
N ASP B 268 -4.78 -10.41 26.47
CA ASP B 268 -4.66 -11.78 25.98
C ASP B 268 -5.70 -12.17 24.92
N ALA B 269 -6.87 -11.55 24.97
CA ALA B 269 -7.92 -11.89 24.02
C ALA B 269 -7.85 -11.16 22.67
N VAL B 270 -7.40 -9.91 22.67
CA VAL B 270 -7.44 -9.12 21.42
C VAL B 270 -6.06 -8.86 20.80
N LEU B 271 -5.00 -9.16 21.56
CA LEU B 271 -3.63 -8.76 21.18
C LEU B 271 -2.61 -9.88 21.25
N GLY B 272 -3.09 -11.11 21.37
CA GLY B 272 -2.23 -12.30 21.36
C GLY B 272 -1.25 -12.30 20.21
N TYR B 273 -1.66 -11.81 19.04
CA TYR B 273 -0.79 -11.77 17.87
C TYR B 273 0.46 -10.89 18.04
N VAL B 274 0.48 -10.13 19.12
CA VAL B 274 1.57 -9.23 19.48
C VAL B 274 2.18 -9.70 20.80
N VAL B 275 1.31 -9.97 21.77
CA VAL B 275 1.74 -10.35 23.12
C VAL B 275 2.53 -11.64 23.10
N GLU B 276 2.02 -12.64 22.39
CA GLU B 276 2.69 -13.93 22.29
C GLU B 276 4.08 -13.87 21.62
N PRO B 277 4.18 -13.27 20.41
CA PRO B 277 5.50 -13.08 19.81
C PRO B 277 6.45 -12.40 20.77
N LEU B 278 5.94 -11.43 21.51
CA LEU B 278 6.76 -10.71 22.46
C LEU B 278 7.17 -11.58 23.62
N LYS B 279 6.22 -12.31 24.19
CA LYS B 279 6.54 -13.15 25.32
C LYS B 279 7.65 -14.11 24.96
N LYS B 280 7.63 -14.60 23.72
CA LYS B 280 8.64 -15.51 23.24
C LYS B 280 10.01 -14.85 23.11
N MET B 281 10.08 -13.71 22.43
CA MET B 281 11.31 -12.96 22.18
C MET B 281 12.00 -12.57 23.48
N ALA B 282 11.20 -12.27 24.50
CA ALA B 282 11.71 -11.90 25.82
C ALA B 282 12.18 -13.13 26.59
N GLY B 283 11.77 -14.30 26.09
CA GLY B 283 12.09 -15.60 26.69
C GLY B 283 11.55 -15.80 28.10
N ILE B 284 10.39 -15.20 28.38
CA ILE B 284 9.91 -15.08 29.76
C ILE B 284 9.28 -16.32 30.36
N GLU B 285 9.67 -16.59 31.61
CA GLU B 285 9.02 -17.57 32.48
C GLU B 285 7.51 -17.34 32.39
N LYS B 286 6.74 -18.41 32.19
CA LYS B 286 5.28 -18.28 32.08
C LYS B 286 4.59 -18.31 33.46
N ILE B 287 4.56 -17.15 34.13
CA ILE B 287 4.01 -16.92 35.50
C ILE B 287 3.09 -17.98 36.17
N ASP B 288 3.46 -18.39 37.38
CA ASP B 288 2.72 -19.39 38.17
C ASP B 288 1.20 -19.21 38.13
N GLU B 289 0.50 -20.33 37.96
CA GLU B 289 -0.96 -20.37 37.97
C GLU B 289 -1.55 -19.63 39.17
N LYS B 290 -1.18 -20.02 40.38
CA LYS B 290 -1.71 -19.36 41.57
C LYS B 290 -1.40 -17.86 41.53
N ILE B 291 -0.14 -17.50 41.25
CA ILE B 291 0.23 -16.09 41.14
C ILE B 291 -0.57 -15.38 40.04
N LEU B 292 -0.70 -16.02 38.88
CA LEU B 292 -1.48 -15.42 37.79
C LEU B 292 -2.92 -15.14 38.21
N MET B 293 -3.71 -16.20 38.37
CA MET B 293 -5.17 -16.05 38.51
C MET B 293 -5.56 -15.23 39.74
N GLU B 294 -4.95 -15.51 40.88
CA GLU B 294 -5.15 -14.70 42.09
C GLU B 294 -5.11 -13.19 41.80
N ASN B 295 -3.99 -12.76 41.21
CA ASN B 295 -3.75 -11.35 40.90
C ASN B 295 -4.67 -10.85 39.80
N SER B 296 -4.92 -11.72 38.84
CA SER B 296 -5.78 -11.42 37.70
C SER B 296 -7.15 -10.93 38.13
N ARG B 297 -7.73 -11.64 39.08
CA ARG B 297 -9.07 -11.35 39.60
C ARG B 297 -9.11 -10.08 40.45
N LEU B 298 -8.07 -9.88 41.25
CA LEU B 298 -7.98 -8.72 42.13
C LEU B 298 -7.38 -7.50 41.41
N ALA B 299 -7.19 -7.63 40.10
CA ALA B 299 -6.56 -6.58 39.27
C ALA B 299 -7.45 -5.36 39.12
N GLY B 300 -8.76 -5.60 39.05
CA GLY B 300 -9.74 -4.54 38.81
C GLY B 300 -9.95 -3.61 39.98
N MET B 301 -9.50 -4.04 41.15
CA MET B 301 -9.59 -3.26 42.37
C MET B 301 -8.94 -1.91 42.24
N PHE B 302 -7.87 -1.86 41.46
CA PHE B 302 -6.94 -0.72 41.48
C PHE B 302 -6.85 0.07 40.18
N ASP B 303 -7.49 1.23 40.19
CA ASP B 303 -7.27 2.27 39.19
C ASP B 303 -6.30 3.24 39.84
N ILE B 304 -5.97 4.33 39.16
CA ILE B 304 -5.11 5.33 39.79
C ILE B 304 -5.42 6.79 39.51
N GLU B 305 -5.81 7.48 40.57
CA GLU B 305 -5.84 8.92 40.64
C GLU B 305 -5.32 9.31 42.04
N ASP B 306 -5.09 8.29 42.87
CA ASP B 306 -4.55 8.44 44.22
C ASP B 306 -3.05 8.09 44.23
N LEU B 310 -1.25 2.36 44.58
CA LEU B 310 -0.81 1.16 43.83
C LEU B 310 0.28 0.41 44.56
N ARG B 311 1.19 1.18 45.17
CA ARG B 311 2.08 0.71 46.21
C ARG B 311 1.38 -0.37 47.06
N TYR B 312 0.13 -0.06 47.44
CA TYR B 312 -0.65 -0.85 48.38
C TYR B 312 -1.49 -1.99 47.78
N LEU B 313 -1.92 -1.87 46.52
CA LEU B 313 -2.55 -3.02 45.84
C LEU B 313 -1.56 -4.19 45.83
N ARG B 314 -0.29 -3.87 45.61
CA ARG B 314 0.77 -4.88 45.49
C ARG B 314 1.16 -5.54 46.81
N GLU B 315 0.77 -4.94 47.94
CA GLU B 315 0.98 -5.55 49.26
C GLU B 315 -0.23 -6.41 49.58
N GLN B 316 -1.39 -5.93 49.16
CA GLN B 316 -2.67 -6.58 49.39
C GLN B 316 -2.81 -7.88 48.60
N VAL B 317 -2.07 -7.96 47.49
CA VAL B 317 -2.14 -9.11 46.60
C VAL B 317 -0.95 -10.03 46.86
N ALA B 318 0.11 -9.48 47.47
CA ALA B 318 1.22 -10.27 47.95
C ALA B 318 0.77 -11.11 49.14
N LYS B 319 0.28 -10.44 50.19
CA LYS B 319 -0.26 -11.13 51.36
C LYS B 319 -1.34 -12.11 50.93
N ARG B 320 -2.18 -11.67 50.01
CA ARG B 320 -3.24 -12.49 49.43
C ARG B 320 -2.73 -13.84 48.92
N VAL B 321 -1.60 -13.82 48.21
CA VAL B 321 -1.03 -15.03 47.59
C VAL B 321 0.00 -15.72 48.50
N GLY B 322 0.74 -14.91 49.28
CA GLY B 322 1.71 -15.44 50.23
C GLY B 322 3.16 -15.35 49.79
N ILE B 323 3.49 -14.31 49.02
CA ILE B 323 4.88 -13.98 48.67
C ILE B 323 5.12 -12.49 48.86
N THR B 324 6.38 -12.06 48.82
CA THR B 324 6.71 -10.65 49.05
C THR B 324 6.28 -9.78 47.86
N VAL B 325 6.23 -8.46 48.05
CA VAL B 325 5.96 -7.55 46.93
C VAL B 325 7.05 -7.67 45.87
N GLU B 326 8.29 -7.88 46.30
CA GLU B 326 9.43 -8.06 45.41
C GLU B 326 9.33 -9.36 44.63
N GLU B 327 8.81 -10.41 45.26
CA GLU B 327 8.61 -11.69 44.58
C GLU B 327 7.56 -11.52 43.50
N LEU B 328 6.50 -10.79 43.84
CA LEU B 328 5.35 -10.59 42.98
C LEU B 328 5.67 -9.61 41.87
N GLU B 329 6.19 -8.44 42.24
CA GLU B 329 6.67 -7.44 41.28
C GLU B 329 7.55 -8.11 40.22
N LYS B 330 8.49 -8.94 40.66
CA LYS B 330 9.32 -9.77 39.77
C LYS B 330 8.52 -10.51 38.68
N ALA B 331 7.36 -11.03 39.06
CA ALA B 331 6.60 -11.95 38.20
C ALA B 331 5.60 -11.28 37.24
N ILE B 332 4.81 -10.34 37.75
CA ILE B 332 3.84 -9.61 36.92
C ILE B 332 4.52 -8.59 36.03
N ARG B 333 5.49 -7.87 36.60
CA ARG B 333 6.24 -6.83 35.92
C ARG B 333 6.48 -7.04 34.41
N PRO B 334 7.10 -8.17 34.03
CA PRO B 334 7.34 -8.41 32.61
C PRO B 334 6.08 -8.33 31.76
N TYR B 335 5.01 -8.95 32.27
CA TYR B 335 3.70 -9.01 31.63
C TYR B 335 3.05 -7.64 31.44
N GLU B 336 3.14 -6.78 32.45
CA GLU B 336 2.66 -5.41 32.33
C GLU B 336 3.28 -4.66 31.17
N LEU B 337 4.58 -4.81 31.00
CA LEU B 337 5.30 -4.09 29.95
C LEU B 337 4.91 -4.59 28.59
N ILE B 338 4.90 -5.92 28.45
CA ILE B 338 4.49 -6.56 27.21
C ILE B 338 3.08 -6.14 26.82
N TYR B 339 2.16 -6.10 27.79
CA TYR B 339 0.81 -5.62 27.54
C TYR B 339 0.83 -4.16 27.13
N ALA B 340 1.43 -3.32 27.97
CA ALA B 340 1.58 -1.89 27.69
C ALA B 340 2.13 -1.62 26.29
N ILE B 341 3.12 -2.38 25.84
CA ILE B 341 3.68 -2.20 24.49
C ILE B 341 2.65 -2.58 23.44
N ALA B 342 2.01 -3.73 23.64
CA ALA B 342 1.07 -4.29 22.68
C ALA B 342 -0.01 -3.24 22.39
N ASP B 343 -0.53 -2.65 23.45
CA ASP B 343 -1.51 -1.61 23.30
C ASP B 343 -0.89 -0.43 22.58
N HIS B 344 0.16 0.15 23.16
CA HIS B 344 0.66 1.45 22.70
C HIS B 344 1.03 1.43 21.23
N THR B 345 1.64 0.34 20.79
CA THR B 345 2.02 0.20 19.38
C THR B 345 0.81 0.14 18.45
N LYS B 346 -0.34 -0.28 18.98
CA LYS B 346 -1.60 -0.34 18.21
C LYS B 346 -2.24 1.05 18.10
N ALA B 347 -2.33 1.76 19.22
CA ALA B 347 -2.73 3.17 19.21
C ALA B 347 -1.89 3.91 18.21
N LEU B 348 -0.59 3.61 18.25
CA LEU B 348 0.39 4.18 17.33
C LEU B 348 0.00 4.04 15.86
N THR B 349 -0.28 2.81 15.46
CA THR B 349 -0.65 2.50 14.10
C THR B 349 -1.86 3.32 13.68
N PHE B 350 -2.86 3.37 14.57
CA PHE B 350 -4.09 4.12 14.30
C PHE B 350 -3.88 5.61 14.15
N MET B 351 -2.93 6.14 14.91
CA MET B 351 -2.63 7.58 14.90
C MET B 351 -1.88 7.99 13.66
N LEU B 352 -0.76 7.34 13.41
CA LEU B 352 0.09 7.65 12.26
C LEU B 352 -0.66 7.44 10.96
N ALA B 353 -1.36 6.30 10.86
CA ALA B 353 -2.18 5.95 9.69
C ALA B 353 -3.20 7.03 9.38
N ASP B 354 -3.83 7.57 10.42
CA ASP B 354 -4.82 8.62 10.23
C ASP B 354 -4.21 10.01 10.11
N GLY B 355 -2.90 10.11 9.96
CA GLY B 355 -2.24 11.41 9.69
C GLY B 355 -1.60 12.21 10.81
N VAL B 356 -1.52 11.64 12.01
CA VAL B 356 -0.80 12.24 13.13
C VAL B 356 0.70 12.15 12.92
N VAL B 357 1.34 13.29 12.66
CA VAL B 357 2.82 13.40 12.59
C VAL B 357 3.43 13.63 13.96
N PRO B 358 4.29 12.70 14.43
CA PRO B 358 4.86 12.77 15.75
C PRO B 358 5.55 14.09 15.87
N SER B 359 5.40 14.77 17.02
CA SER B 359 5.90 16.14 17.18
C SER B 359 5.97 16.51 18.65
N ASN B 360 5.94 17.81 18.93
CA ASN B 360 6.00 18.26 20.32
C ASN B 360 4.70 18.92 20.75
N VAL B 361 3.72 18.92 19.86
CA VAL B 361 2.50 19.65 20.12
C VAL B 361 1.22 18.84 19.80
N LYS B 362 0.16 19.14 20.54
CA LYS B 362 -1.13 18.50 20.37
C LYS B 362 -1.02 16.99 20.22
N ALA B 363 -1.63 16.44 19.19
CA ALA B 363 -1.67 14.98 19.01
C ALA B 363 -0.30 14.35 18.78
N GLY B 364 0.58 15.08 18.08
CA GLY B 364 1.90 14.59 17.72
C GLY B 364 2.71 14.38 18.99
N TYR B 365 2.58 15.36 19.88
CA TYR B 365 3.15 15.29 21.23
C TYR B 365 2.85 13.93 21.87
N LEU B 366 1.57 13.57 21.86
CA LEU B 366 1.08 12.34 22.43
C LEU B 366 1.64 11.13 21.69
N ALA B 367 1.56 11.17 20.36
CA ALA B 367 2.14 10.12 19.52
C ALA B 367 3.56 9.78 20.00
N ARG B 368 4.35 10.84 20.15
CA ARG B 368 5.73 10.75 20.60
C ARG B 368 5.80 10.14 22.00
N LEU B 369 4.91 10.60 22.87
CA LEU B 369 4.92 10.14 24.25
C LEU B 369 4.80 8.63 24.32
N LEU B 370 3.90 8.09 23.50
CA LEU B 370 3.75 6.65 23.40
C LEU B 370 5.06 5.99 22.94
N ILE B 371 5.63 6.47 21.84
CA ILE B 371 6.87 5.90 21.28
C ILE B 371 7.95 5.81 22.37
N ARG B 372 8.19 6.93 23.03
CA ARG B 372 9.14 6.99 24.11
C ARG B 372 8.82 6.00 25.22
N LYS B 373 7.54 5.94 25.60
CA LYS B 373 7.07 5.02 26.63
C LYS B 373 7.31 3.54 26.23
N SER B 374 7.02 3.22 24.98
CA SER B 374 7.15 1.86 24.47
C SER B 374 8.60 1.41 24.31
N ILE B 375 9.47 2.27 23.77
CA ILE B 375 10.89 1.95 23.59
C ILE B 375 11.56 1.66 24.94
N ARG B 376 11.32 2.54 25.90
CA ARG B 376 11.78 2.32 27.26
C ARG B 376 11.31 1.00 27.88
N HIS B 377 10.07 0.61 27.63
CA HIS B 377 9.56 -0.68 28.09
C HIS B 377 10.37 -1.80 27.43
N LEU B 378 10.56 -1.70 26.12
CA LEU B 378 11.36 -2.67 25.37
C LEU B 378 12.71 -2.90 25.99
N ARG B 379 13.31 -1.82 26.49
CA ARG B 379 14.58 -1.85 27.17
C ARG B 379 14.43 -2.58 28.50
N GLU B 380 13.37 -2.30 29.23
CA GLU B 380 13.16 -2.91 30.53
C GLU B 380 13.01 -4.42 30.46
N LEU B 381 12.58 -4.91 29.29
CA LEU B 381 12.43 -6.34 29.01
C LEU B 381 13.75 -6.90 28.49
N GLY B 382 14.72 -6.00 28.32
CA GLY B 382 16.00 -6.35 27.75
C GLY B 382 15.93 -6.65 26.27
N LEU B 383 14.84 -6.26 25.63
CA LEU B 383 14.68 -6.51 24.20
C LEU B 383 15.35 -5.46 23.31
N GLU B 384 15.85 -5.93 22.17
CA GLU B 384 16.49 -5.05 21.18
C GLU B 384 15.64 -4.76 19.92
N VAL B 385 14.70 -5.65 19.60
CA VAL B 385 13.77 -5.47 18.48
C VAL B 385 13.36 -4.00 18.21
N PRO B 386 13.48 -3.53 16.95
CA PRO B 386 12.94 -2.22 16.65
C PRO B 386 11.42 -2.15 16.81
N LEU B 387 10.96 -1.01 17.32
CA LEU B 387 9.56 -0.75 17.54
C LEU B 387 8.77 -0.93 16.26
N SER B 388 9.28 -0.36 15.17
CA SER B 388 8.77 -0.58 13.82
C SER B 388 8.31 -2.01 13.54
N GLU B 389 9.09 -2.98 14.01
CA GLU B 389 8.76 -4.38 13.77
C GLU B 389 7.47 -4.77 14.47
N ILE B 390 7.38 -4.45 15.76
CA ILE B 390 6.15 -4.64 16.51
C ILE B 390 4.94 -3.95 15.86
N VAL B 391 5.09 -2.71 15.42
CA VAL B 391 4.02 -2.04 14.65
C VAL B 391 3.55 -2.84 13.42
N ALA B 392 4.49 -3.43 12.66
CA ALA B 392 4.18 -4.24 11.45
C ALA B 392 3.24 -5.43 11.72
N LEU B 393 3.39 -6.03 12.89
CA LEU B 393 2.50 -7.09 13.35
C LEU B 393 1.08 -6.60 13.40
N HIS B 394 0.86 -5.41 13.95
CA HIS B 394 -0.45 -4.74 13.95
C HIS B 394 -0.96 -4.44 12.54
N ILE B 395 -0.07 -4.31 11.58
CA ILE B 395 -0.48 -4.03 10.21
C ILE B 395 -0.79 -5.31 9.47
N LYS B 396 0.13 -6.29 9.52
CA LYS B 396 -0.12 -7.61 8.93
C LYS B 396 -1.52 -8.09 9.32
N GLU B 397 -1.89 -7.76 10.56
CA GLU B 397 -3.09 -8.27 11.24
C GLU B 397 -4.41 -7.60 10.89
N LEU B 398 -4.42 -6.27 10.89
CA LEU B 398 -5.66 -5.55 10.92
C LEU B 398 -5.99 -4.91 9.58
N HIS B 399 -5.07 -5.00 8.64
CA HIS B 399 -5.20 -4.24 7.41
C HIS B 399 -6.29 -4.82 6.54
N LYS B 400 -6.61 -6.08 6.80
CA LYS B 400 -7.78 -6.74 6.23
C LYS B 400 -9.00 -5.91 6.64
N THR B 401 -9.22 -5.75 7.94
CA THR B 401 -10.33 -4.94 8.41
C THR B 401 -10.11 -3.41 8.24
N PHE B 402 -8.84 -2.97 8.17
CA PHE B 402 -8.51 -1.55 7.96
C PHE B 402 -7.49 -1.38 6.83
N PRO B 403 -7.97 -1.20 5.60
CA PRO B 403 -7.08 -1.16 4.45
C PRO B 403 -6.20 0.13 4.34
N GLU B 404 -6.29 1.05 5.31
CA GLU B 404 -5.43 2.24 5.32
C GLU B 404 -4.04 1.92 5.86
N PHE B 405 -3.98 0.96 6.76
CA PHE B 405 -2.72 0.48 7.30
C PHE B 405 -1.79 -0.02 6.18
N LYS B 406 -2.36 -0.71 5.19
CA LYS B 406 -1.60 -1.27 4.08
C LYS B 406 -1.11 -0.17 3.12
N GLU B 407 -1.98 0.82 2.88
CA GLU B 407 -1.69 1.99 2.04
C GLU B 407 -0.67 2.99 2.61
N MET B 408 -0.68 3.14 3.93
CA MET B 408 0.20 4.08 4.62
C MET B 408 1.46 3.41 5.11
N GLU B 409 1.53 2.08 5.00
CA GLU B 409 2.58 1.26 5.59
C GLU B 409 3.99 1.88 5.61
N ASP B 410 4.48 2.32 4.44
CA ASP B 410 5.81 2.96 4.34
C ASP B 410 5.97 4.26 5.13
N ILE B 411 4.99 5.17 5.03
CA ILE B 411 5.01 6.42 5.79
C ILE B 411 5.00 6.08 7.28
N ILE B 412 4.05 5.25 7.72
CA ILE B 412 3.95 4.87 9.13
C ILE B 412 5.28 4.32 9.62
N LEU B 413 5.83 3.32 8.92
CA LEU B 413 6.99 2.60 9.41
C LEU B 413 8.21 3.48 9.51
N GLU B 414 8.45 4.25 8.46
CA GLU B 414 9.57 5.20 8.40
C GLU B 414 9.56 6.25 9.51
N MET B 415 8.37 6.74 9.85
CA MET B 415 8.18 7.68 10.94
C MET B 415 8.65 7.06 12.24
N ILE B 416 8.34 5.77 12.43
CA ILE B 416 8.71 5.02 13.64
C ILE B 416 10.24 4.88 13.71
N GLU B 417 10.84 4.45 12.59
CA GLU B 417 12.29 4.39 12.45
C GLU B 417 12.95 5.72 12.77
N LEU B 418 12.41 6.80 12.22
CA LEU B 418 12.98 8.14 12.40
C LEU B 418 12.94 8.60 13.82
N GLU B 419 11.80 8.41 14.48
CA GLU B 419 11.62 8.85 15.86
C GLU B 419 12.40 7.96 16.82
N GLU B 420 12.57 6.71 16.44
CA GLU B 420 13.38 5.79 17.19
C GLU B 420 14.86 6.13 17.07
N LYS B 421 15.27 6.58 15.89
CA LYS B 421 16.60 7.11 15.64
C LYS B 421 16.80 8.35 16.50
N LYS B 422 16.01 9.39 16.25
CA LYS B 422 16.21 10.66 16.94
C LYS B 422 15.78 10.63 18.40
N TYR B 423 15.85 9.46 19.01
CA TYR B 423 15.61 9.29 20.44
C TYR B 423 16.84 8.75 21.14
N ALA B 424 17.63 7.95 20.42
CA ALA B 424 18.96 7.58 20.90
C ALA B 424 19.82 8.84 21.06
N GLU B 425 19.72 9.76 20.10
CA GLU B 425 20.41 11.04 20.20
C GLU B 425 19.89 11.83 21.41
N THR B 426 18.57 11.90 21.52
CA THR B 426 17.86 12.65 22.57
C THR B 426 18.26 12.18 23.97
N LEU B 427 18.46 10.87 24.10
CA LEU B 427 18.77 10.24 25.37
C LEU B 427 20.17 10.61 25.85
N ARG B 428 21.19 10.37 25.01
CA ARG B 428 22.61 10.71 25.29
C ARG B 428 22.73 12.12 25.87
N ARG B 429 22.33 13.09 25.07
CA ARG B 429 22.33 14.48 25.43
C ARG B 429 21.51 14.74 26.68
N GLY B 430 20.35 14.10 26.77
CA GLY B 430 19.36 14.43 27.77
C GLY B 430 19.73 13.94 29.14
N SER B 431 20.28 12.73 29.22
CA SER B 431 20.71 12.14 30.48
C SER B 431 21.77 13.00 31.17
N ASP B 432 22.76 13.40 30.39
CA ASP B 432 23.86 14.19 30.89
C ASP B 432 23.42 15.58 31.27
N LEU B 433 22.62 16.20 30.42
CA LEU B 433 22.06 17.51 30.70
C LEU B 433 21.32 17.58 32.02
N VAL B 434 20.56 16.53 32.34
CA VAL B 434 19.80 16.50 33.60
C VAL B 434 20.69 16.12 34.76
N ARG B 435 21.45 15.02 34.60
CA ARG B 435 22.41 14.59 35.61
C ARG B 435 23.22 15.77 36.11
N ARG B 436 23.53 16.70 35.20
CA ARG B 436 24.03 18.01 35.57
C ARG B 436 23.05 18.74 36.45
N GLU B 437 21.97 19.28 35.87
CA GLU B 437 20.99 20.04 36.67
C GLU B 437 20.29 19.24 37.80
N ILE B 438 20.65 17.97 37.94
CA ILE B 438 20.33 17.19 39.13
C ILE B 438 21.34 17.47 40.23
N ALA B 439 22.64 17.28 39.93
CA ALA B 439 23.73 17.52 40.89
C ALA B 439 23.69 18.96 41.38
N LYS B 440 23.35 19.86 40.45
CA LYS B 440 23.04 21.25 40.79
C LYS B 440 22.08 21.31 41.96
N LEU B 441 21.10 20.42 41.96
CA LEU B 441 20.09 20.41 43.02
C LEU B 441 20.48 19.55 44.25
N LYS B 442 21.18 18.43 44.02
CA LYS B 442 21.67 17.54 45.10
C LYS B 442 22.46 18.31 46.14
N LYS B 443 23.45 19.09 45.66
CA LYS B 443 24.23 19.97 46.52
C LYS B 443 23.56 21.34 46.70
N LYS B 444 22.26 21.40 46.44
CA LYS B 444 21.45 22.57 46.77
C LYS B 444 20.51 22.19 47.93
N GLY B 445 20.75 21.01 48.50
CA GLY B 445 19.92 20.46 49.58
C GLY B 445 18.54 19.99 49.11
N ILE B 446 18.55 18.92 48.30
CA ILE B 446 17.33 18.32 47.75
C ILE B 446 17.60 16.82 47.57
N LYS B 447 16.92 15.96 48.34
CA LYS B 447 17.24 14.52 48.30
C LYS B 447 16.24 13.61 47.57
N GLU B 448 15.13 14.18 47.10
CA GLU B 448 14.01 13.42 46.51
C GLU B 448 13.70 13.68 45.01
N ILE B 449 13.44 14.96 44.66
CA ILE B 449 12.95 15.44 43.35
C ILE B 449 11.42 15.57 43.28
N PRO B 450 10.90 16.81 43.25
CA PRO B 450 9.46 17.02 43.07
C PRO B 450 8.94 16.49 41.73
N VAL B 451 7.63 16.25 41.69
CA VAL B 451 6.98 15.74 40.49
C VAL B 451 6.93 16.81 39.40
N GLU B 452 6.70 18.06 39.82
CA GLU B 452 6.79 19.22 38.93
C GLU B 452 8.06 19.25 38.07
N LYS B 453 9.19 18.88 38.66
CA LYS B 453 10.48 18.89 37.96
C LYS B 453 10.60 17.64 37.09
N LEU B 454 9.97 16.56 37.53
CA LEU B 454 9.92 15.34 36.77
C LEU B 454 9.24 15.57 35.43
N VAL B 455 8.24 16.46 35.44
CA VAL B 455 7.51 16.88 34.24
C VAL B 455 8.36 17.70 33.26
N THR B 456 9.09 18.69 33.77
CA THR B 456 9.94 19.54 32.92
C THR B 456 11.04 18.70 32.26
N PHE B 457 11.50 17.68 32.99
CA PHE B 457 12.49 16.74 32.49
C PHE B 457 11.97 15.92 31.31
N TYR B 458 10.66 15.72 31.23
CA TYR B 458 10.08 15.12 30.03
C TYR B 458 9.85 16.18 28.96
N GLU B 459 9.25 17.30 29.36
CA GLU B 459 8.86 18.35 28.44
C GLU B 459 9.99 18.80 27.58
N SER B 460 11.12 19.10 28.21
CA SER B 460 12.25 19.69 27.49
C SER B 460 13.39 18.73 27.11
N HIS B 461 13.52 17.59 27.79
CA HIS B 461 14.64 16.68 27.52
C HIS B 461 14.19 15.33 27.02
N GLY B 462 12.91 15.02 27.19
CA GLY B 462 12.34 13.81 26.60
C GLY B 462 12.69 12.57 27.39
N LEU B 463 12.88 12.75 28.69
CA LEU B 463 13.21 11.66 29.59
C LEU B 463 12.03 11.30 30.46
N THR B 464 11.70 10.01 30.43
CA THR B 464 10.68 9.42 31.26
C THR B 464 11.27 9.25 32.65
N PRO B 465 10.44 9.29 33.69
CA PRO B 465 10.97 9.23 35.05
C PRO B 465 11.74 7.96 35.37
N GLU B 466 11.43 6.86 34.71
CA GLU B 466 12.21 5.64 34.93
C GLU B 466 13.70 5.87 34.63
N ILE B 467 14.00 6.72 33.63
CA ILE B 467 15.38 7.12 33.33
C ILE B 467 15.87 8.12 34.39
N VAL B 468 15.09 9.16 34.65
CA VAL B 468 15.43 10.16 35.64
C VAL B 468 15.75 9.59 37.03
N LYS B 469 15.31 8.37 37.33
CA LYS B 469 15.66 7.77 38.62
C LYS B 469 17.01 7.05 38.60
N GLU B 470 17.31 6.32 37.54
CA GLU B 470 18.60 5.62 37.45
C GLU B 470 19.81 6.58 37.30
N ILE B 471 19.52 7.87 37.34
CA ILE B 471 20.52 8.93 37.30
C ILE B 471 20.58 9.57 38.68
N ALA B 472 19.41 9.92 39.21
CA ALA B 472 19.35 10.57 40.49
C ALA B 472 19.61 9.60 41.62
N GLU B 473 19.39 8.31 41.39
CA GLU B 473 19.73 7.32 42.42
C GLU B 473 21.22 7.01 42.35
N LYS B 474 21.72 6.94 41.12
CA LYS B 474 23.14 6.85 40.78
C LYS B 474 23.93 8.07 41.32
N GLU B 475 23.29 8.86 42.18
CA GLU B 475 23.95 9.95 42.93
C GLU B 475 23.18 10.48 44.17
N GLY B 476 22.54 9.55 44.89
CA GLY B 476 21.95 9.82 46.21
C GLY B 476 20.67 10.65 46.29
N VAL B 477 19.87 10.61 45.22
CA VAL B 477 18.54 11.24 45.18
C VAL B 477 17.47 10.15 44.89
N LYS B 478 16.18 10.45 45.08
CA LYS B 478 15.16 9.37 45.17
C LYS B 478 14.23 9.09 43.97
N VAL B 479 13.97 7.78 43.79
CA VAL B 479 13.05 7.22 42.78
C VAL B 479 11.57 7.25 43.25
N ASN B 480 10.89 8.38 43.05
CA ASN B 480 9.47 8.47 43.38
C ASN B 480 8.60 8.81 42.19
N ILE B 481 8.37 7.80 41.36
CA ILE B 481 7.49 7.94 40.20
C ILE B 481 6.04 7.86 40.67
N PRO B 482 5.24 8.92 40.44
CA PRO B 482 3.82 8.82 40.74
C PRO B 482 3.21 7.80 39.79
N ASP B 483 2.25 7.00 40.26
CA ASP B 483 1.61 5.98 39.42
C ASP B 483 0.88 6.63 38.25
N ASN B 484 0.24 7.77 38.50
CA ASN B 484 -0.52 8.45 37.48
C ASN B 484 0.31 9.43 36.67
N PHE B 485 1.59 9.14 36.52
CA PHE B 485 2.47 10.04 35.83
C PHE B 485 2.02 10.29 34.40
N TYR B 486 1.94 9.24 33.61
CA TYR B 486 1.78 9.40 32.19
C TYR B 486 0.54 10.19 31.75
N SER B 487 -0.54 10.08 32.50
CA SER B 487 -1.75 10.86 32.19
C SER B 487 -1.55 12.32 32.56
N MET B 488 -1.01 12.53 33.75
CA MET B 488 -0.66 13.83 34.24
C MET B 488 0.24 14.53 33.23
N VAL B 489 1.12 13.75 32.61
CA VAL B 489 2.01 14.27 31.58
C VAL B 489 1.28 14.52 30.26
N ALA B 490 0.30 13.67 29.96
CA ALA B 490 -0.44 13.79 28.72
C ALA B 490 -1.25 15.10 28.63
N LYS B 491 -1.79 15.54 29.77
CA LYS B 491 -2.56 16.79 29.86
C LYS B 491 -1.81 18.00 29.27
N GLU B 492 -0.49 17.94 29.28
CA GLU B 492 0.37 19.02 28.79
C GLU B 492 0.35 19.14 27.27
N ALA B 493 -0.78 18.80 26.67
CA ALA B 493 -0.86 18.78 25.21
C ALA B 493 -1.73 19.90 24.60
N GLU B 494 -2.07 20.93 25.40
CA GLU B 494 -2.93 22.04 24.96
C GLU B 494 -2.60 23.44 25.49
N ARG B 495 -2.74 24.44 24.61
CA ARG B 495 -2.67 25.89 24.95
C ARG B 495 -4.10 26.45 25.03
N THR B 496 -4.26 27.60 25.69
CA THR B 496 -5.58 28.21 25.96
C THR B 496 -6.50 27.26 26.71
N LEU B 504 -10.24 41.54 20.14
CA LEU B 504 -9.64 41.73 18.82
C LEU B 504 -9.98 43.11 18.18
N VAL B 505 -10.85 43.14 17.15
CA VAL B 505 -11.00 44.35 16.29
C VAL B 505 -12.15 45.33 16.63
N ASP B 506 -13.42 44.95 16.41
CA ASP B 506 -14.58 45.81 16.69
C ASP B 506 -15.85 45.02 16.96
N PHE B 507 -16.61 45.41 17.99
CA PHE B 507 -17.70 44.58 18.50
C PHE B 507 -18.94 45.37 18.97
N GLU B 508 -20.01 44.61 19.23
CA GLU B 508 -21.22 45.09 19.92
C GLU B 508 -22.30 45.63 18.98
N LEU B 509 -22.15 46.89 18.60
CA LEU B 509 -23.09 47.65 17.76
C LEU B 509 -23.55 46.91 16.50
N LEU B 510 -22.92 45.77 16.21
CA LEU B 510 -23.14 45.05 14.96
C LEU B 510 -24.33 44.09 15.01
N LYS B 511 -24.64 43.59 16.20
CA LYS B 511 -25.56 42.47 16.37
C LYS B 511 -27.03 42.78 16.03
N ASP B 512 -27.27 43.93 15.40
CA ASP B 512 -28.61 44.31 14.97
C ASP B 512 -28.77 44.22 13.45
N LEU B 513 -27.66 44.33 12.73
CA LEU B 513 -27.62 44.50 11.28
C LEU B 513 -27.95 43.24 10.47
N PRO B 514 -28.46 43.44 9.23
CA PRO B 514 -28.56 42.33 8.28
C PRO B 514 -27.21 42.04 7.64
N ASP B 515 -26.95 40.76 7.39
CA ASP B 515 -25.68 40.24 6.85
C ASP B 515 -25.17 41.05 5.65
N THR B 516 -23.86 41.21 5.52
CA THR B 516 -23.32 41.80 4.30
C THR B 516 -23.27 40.71 3.23
N ARG B 517 -23.89 40.98 2.07
CA ARG B 517 -23.86 40.08 0.93
C ARG B 517 -22.50 40.19 0.26
N ARG B 518 -21.96 39.04 -0.17
CA ARG B 518 -20.56 38.97 -0.61
C ARG B 518 -20.41 38.88 -2.14
N LEU B 519 -20.11 40.01 -2.76
CA LEU B 519 -20.09 40.11 -4.22
C LEU B 519 -18.87 39.39 -4.81
N TYR B 520 -17.78 39.34 -4.05
CA TYR B 520 -16.60 38.58 -4.47
C TYR B 520 -16.88 37.08 -4.56
N TYR B 521 -17.92 36.62 -3.87
CA TYR B 521 -18.35 35.23 -3.95
C TYR B 521 -19.22 34.93 -5.15
N GLU B 522 -19.45 35.92 -6.00
CA GLU B 522 -20.14 35.67 -7.25
C GLU B 522 -19.34 36.14 -8.44
N ASP B 523 -18.67 37.28 -8.28
CA ASP B 523 -17.64 37.68 -9.23
C ASP B 523 -16.31 37.96 -8.55
N PRO B 524 -15.30 37.11 -8.82
CA PRO B 524 -13.92 37.39 -8.42
C PRO B 524 -13.23 38.44 -9.32
N PHE B 525 -13.88 38.83 -10.40
CA PHE B 525 -13.30 39.75 -11.41
C PHE B 525 -13.75 41.22 -11.28
N MET B 526 -14.82 41.45 -10.52
CA MET B 526 -15.45 42.77 -10.41
C MET B 526 -14.64 43.75 -9.55
N LYS B 527 -14.28 44.91 -10.13
CA LYS B 527 -13.51 45.94 -9.38
C LYS B 527 -14.27 47.24 -9.07
N GLU B 528 -15.52 47.32 -9.51
CA GLU B 528 -16.36 48.50 -9.29
C GLU B 528 -17.76 48.15 -8.80
N PHE B 529 -18.14 48.76 -7.69
CA PHE B 529 -19.50 48.61 -7.13
C PHE B 529 -19.90 49.85 -6.30
N ASP B 530 -21.20 50.12 -6.25
CA ASP B 530 -21.75 51.27 -5.54
C ASP B 530 -22.82 50.79 -4.56
N ALA B 531 -22.84 51.36 -3.35
CA ALA B 531 -23.71 50.82 -2.29
C ALA B 531 -24.06 51.79 -1.15
N LYS B 532 -25.16 51.46 -0.46
CA LYS B 532 -25.69 52.25 0.67
C LYS B 532 -24.97 51.91 1.99
N VAL B 533 -24.37 52.91 2.62
CA VAL B 533 -23.78 52.76 3.95
C VAL B 533 -24.87 52.43 4.97
N LEU B 534 -24.54 51.60 5.97
CA LEU B 534 -25.51 51.13 6.98
C LEU B 534 -25.18 51.57 8.41
N ARG B 535 -23.93 51.97 8.64
CA ARG B 535 -23.46 52.53 9.93
C ARG B 535 -22.00 52.97 9.77
N VAL B 536 -21.61 53.96 10.55
CA VAL B 536 -20.19 54.30 10.71
C VAL B 536 -19.83 54.24 12.20
N ILE B 537 -18.98 53.28 12.56
CA ILE B 537 -18.49 53.09 13.94
C ILE B 537 -17.00 53.36 13.96
N LYS B 538 -16.53 54.16 14.93
CA LYS B 538 -15.14 54.65 14.97
C LYS B 538 -14.70 55.27 13.62
N ASP B 539 -14.25 54.41 12.71
CA ASP B 539 -13.99 54.78 11.31
C ASP B 539 -14.42 53.66 10.34
N TRP B 540 -14.96 52.59 10.93
CA TRP B 540 -15.35 51.38 10.21
C TRP B 540 -16.74 51.49 9.59
N VAL B 541 -16.78 51.42 8.26
CA VAL B 541 -18.01 51.54 7.49
C VAL B 541 -18.59 50.16 7.19
N ILE B 542 -19.92 50.07 7.17
CA ILE B 542 -20.61 48.84 6.81
C ILE B 542 -21.49 49.15 5.61
N LEU B 543 -21.27 48.43 4.50
CA LEU B 543 -22.11 48.57 3.31
C LEU B 543 -23.09 47.40 3.26
N ASP B 544 -24.15 47.54 2.49
CA ASP B 544 -25.18 46.51 2.42
C ASP B 544 -24.64 45.22 1.80
N ALA B 545 -23.74 45.39 0.84
CA ALA B 545 -23.07 44.30 0.15
C ALA B 545 -21.74 44.82 -0.37
N THR B 546 -20.74 43.94 -0.47
CA THR B 546 -19.39 44.37 -0.82
C THR B 546 -18.67 43.47 -1.81
N ALA B 547 -17.73 44.07 -2.51
CA ALA B 547 -16.81 43.37 -3.36
C ALA B 547 -15.38 43.68 -2.90
N PHE B 548 -15.26 44.17 -1.66
CA PHE B 548 -13.99 44.18 -0.94
C PHE B 548 -13.88 42.88 -0.14
N TYR B 549 -12.79 42.13 -0.36
CA TYR B 549 -12.59 40.85 0.34
C TYR B 549 -12.00 41.09 1.72
N PRO B 550 -12.72 40.63 2.77
CA PRO B 550 -12.23 40.72 4.14
C PRO B 550 -11.18 39.66 4.44
N GLU B 551 -10.07 40.11 5.04
CA GLU B 551 -8.94 39.25 5.42
C GLU B 551 -9.40 37.91 6.01
N GLY B 552 -8.76 36.83 5.55
CA GLY B 552 -9.07 35.50 6.06
C GLY B 552 -8.58 34.39 5.15
N GLY B 553 -8.27 33.25 5.77
CA GLY B 553 -7.82 32.05 5.07
C GLY B 553 -6.47 32.22 4.41
N GLY B 554 -5.51 32.82 5.13
CA GLY B 554 -4.18 33.10 4.60
C GLY B 554 -4.10 34.29 3.65
N GLN B 555 -5.24 34.65 3.05
CA GLN B 555 -5.35 35.72 2.06
C GLN B 555 -5.74 37.06 2.72
N PRO B 556 -4.89 38.09 2.56
CA PRO B 556 -5.11 39.44 3.10
C PRO B 556 -6.39 40.09 2.59
N TYR B 557 -6.73 41.25 3.15
CA TYR B 557 -7.92 42.00 2.76
C TYR B 557 -7.74 42.72 1.42
N ASP B 558 -8.86 43.00 0.76
CA ASP B 558 -8.88 43.79 -0.46
C ASP B 558 -8.79 45.28 -0.14
N THR B 559 -7.87 45.99 -0.79
CA THR B 559 -7.81 47.46 -0.65
C THR B 559 -8.19 48.17 -1.97
N GLY B 560 -8.06 49.50 -1.99
CA GLY B 560 -8.54 50.32 -3.11
C GLY B 560 -9.07 51.66 -2.65
N VAL B 561 -10.15 52.14 -3.27
CA VAL B 561 -10.76 53.45 -2.89
C VAL B 561 -12.28 53.44 -2.77
N LEU B 562 -12.80 54.43 -2.04
CA LEU B 562 -14.23 54.68 -1.94
C LEU B 562 -14.57 56.17 -2.18
N ILE B 563 -15.44 56.41 -3.17
CA ILE B 563 -15.81 57.78 -3.57
C ILE B 563 -17.27 58.16 -3.18
N VAL B 564 -17.39 58.93 -2.09
CA VAL B 564 -18.67 59.56 -1.69
C VAL B 564 -18.78 60.93 -2.37
N ASN B 565 -19.83 61.10 -3.18
CA ASN B 565 -20.02 62.29 -4.04
C ASN B 565 -18.89 62.45 -5.10
N GLY B 566 -17.70 62.86 -4.64
CA GLY B 566 -16.55 63.04 -5.52
C GLY B 566 -15.19 62.92 -4.82
N ARG B 567 -15.22 62.55 -3.54
CA ARG B 567 -14.00 62.39 -2.72
C ARG B 567 -13.41 60.96 -2.74
N GLU B 568 -12.09 60.87 -2.79
CA GLU B 568 -11.39 59.58 -2.80
C GLU B 568 -10.96 59.12 -1.41
N VAL B 569 -11.90 58.49 -0.70
CA VAL B 569 -11.63 57.93 0.62
C VAL B 569 -10.98 56.55 0.46
N LYS B 570 -9.67 56.49 0.61
CA LYS B 570 -8.93 55.24 0.47
C LYS B 570 -9.36 54.21 1.53
N VAL B 571 -9.67 53.00 1.07
CA VAL B 571 -10.01 51.87 1.93
C VAL B 571 -8.70 51.16 2.33
N THR B 572 -8.38 51.17 3.61
CA THR B 572 -7.07 50.63 4.07
C THR B 572 -7.11 49.26 4.75
N ASN B 573 -8.31 48.76 5.04
CA ASN B 573 -8.49 47.50 5.77
C ASN B 573 -9.93 46.99 5.63
N VAL B 574 -10.10 45.68 5.62
CA VAL B 574 -11.42 45.03 5.64
C VAL B 574 -11.36 43.77 6.51
N GLN B 575 -12.33 43.65 7.44
CA GLN B 575 -12.43 42.48 8.33
C GLN B 575 -13.87 41.99 8.39
N LYS B 576 -14.06 40.73 8.78
CA LYS B 576 -15.39 40.16 8.84
C LYS B 576 -15.77 39.86 10.28
N VAL B 577 -16.47 40.79 10.92
CA VAL B 577 -16.97 40.52 12.27
C VAL B 577 -18.36 39.85 12.19
N GLY B 578 -18.41 38.57 12.56
CA GLY B 578 -19.64 37.77 12.41
C GLY B 578 -19.91 37.46 10.96
N LYS B 579 -21.11 37.82 10.48
CA LYS B 579 -21.48 37.76 9.06
C LYS B 579 -21.47 39.15 8.40
N VAL B 580 -21.17 40.16 9.21
CA VAL B 580 -21.16 41.56 8.77
C VAL B 580 -19.72 41.97 8.48
N ILE B 581 -19.46 42.54 7.30
CA ILE B 581 -18.10 42.93 6.97
C ILE B 581 -17.96 44.46 7.03
N ILE B 582 -16.79 44.89 7.49
CA ILE B 582 -16.55 46.30 7.86
C ILE B 582 -15.28 46.89 7.21
N HIS B 583 -15.40 48.11 6.71
CA HIS B 583 -14.35 48.69 5.87
C HIS B 583 -13.64 49.86 6.57
N LYS B 584 -12.32 49.80 6.63
CA LYS B 584 -11.52 50.90 7.17
C LYS B 584 -11.27 51.93 6.08
N VAL B 585 -11.71 53.15 6.36
CA VAL B 585 -11.55 54.31 5.50
C VAL B 585 -10.72 55.37 6.25
N GLU B 586 -10.19 56.35 5.53
CA GLU B 586 -9.43 57.46 6.14
C GLU B 586 -10.29 58.70 6.47
N ASP B 587 -11.50 58.73 5.90
CA ASP B 587 -12.42 59.86 6.01
C ASP B 587 -13.78 59.37 6.57
N PRO B 588 -13.84 59.05 7.89
CA PRO B 588 -15.10 58.53 8.46
C PRO B 588 -16.17 59.62 8.68
N GLY B 589 -15.74 60.88 8.74
CA GLY B 589 -16.65 62.02 8.83
C GLY B 589 -17.43 62.24 7.55
N ALA B 590 -16.76 62.08 6.41
CA ALA B 590 -17.39 62.19 5.09
C ALA B 590 -18.41 61.07 4.82
N PHE B 591 -18.66 60.25 5.84
CA PHE B 591 -19.58 59.12 5.74
C PHE B 591 -20.72 59.18 6.75
N LYS B 592 -21.96 59.11 6.24
CA LYS B 592 -23.15 59.09 7.11
C LYS B 592 -24.10 57.94 6.79
N GLU B 593 -24.66 57.37 7.85
CA GLU B 593 -25.55 56.21 7.80
C GLU B 593 -26.69 56.40 6.80
N GLY B 594 -26.44 56.03 5.54
CA GLY B 594 -27.48 56.04 4.52
C GLY B 594 -27.04 56.30 3.10
N MET B 595 -26.08 57.22 2.93
CA MET B 595 -25.72 57.75 1.60
C MET B 595 -24.95 56.78 0.68
N ILE B 596 -25.47 56.59 -0.54
CA ILE B 596 -24.88 55.69 -1.57
C ILE B 596 -23.47 56.12 -2.02
N VAL B 597 -22.53 55.16 -2.05
CA VAL B 597 -21.11 55.45 -2.39
C VAL B 597 -20.56 54.63 -3.55
N HIS B 598 -19.47 55.11 -4.15
CA HIS B 598 -18.75 54.40 -5.21
C HIS B 598 -17.46 53.76 -4.64
N GLY B 599 -16.99 52.67 -5.26
CA GLY B 599 -15.83 51.92 -4.76
C GLY B 599 -15.00 51.14 -5.76
N LYS B 600 -13.72 51.45 -5.84
CA LYS B 600 -12.77 50.73 -6.70
C LYS B 600 -11.81 49.90 -5.85
N ILE B 601 -11.38 48.76 -6.39
CA ILE B 601 -10.51 47.85 -5.67
C ILE B 601 -9.11 47.80 -6.27
N ASP B 602 -8.12 48.07 -5.42
CA ASP B 602 -6.69 47.91 -5.73
C ASP B 602 -6.51 46.61 -6.49
N TRP B 603 -6.27 46.69 -7.80
CA TRP B 603 -6.35 45.50 -8.64
C TRP B 603 -5.16 44.56 -8.60
N LYS B 604 -4.03 44.99 -9.15
CA LYS B 604 -2.81 44.16 -9.13
C LYS B 604 -2.64 43.45 -7.79
N ARG B 605 -3.17 44.06 -6.72
CA ARG B 605 -3.34 43.41 -5.41
C ARG B 605 -4.25 42.18 -5.52
N ARG B 606 -5.55 42.40 -5.74
CA ARG B 606 -6.51 41.30 -5.86
C ARG B 606 -6.14 40.26 -6.94
N ILE B 607 -5.47 40.68 -8.00
CA ILE B 607 -5.09 39.73 -9.05
C ILE B 607 -3.93 38.85 -8.58
N GLN B 608 -2.93 39.45 -7.94
CA GLN B 608 -1.79 38.69 -7.44
C GLN B 608 -2.17 37.80 -6.24
N HIS B 609 -3.15 38.22 -5.44
CA HIS B 609 -3.66 37.37 -4.37
C HIS B 609 -4.31 36.15 -5.02
N MET B 610 -5.39 36.37 -5.75
CA MET B 610 -6.07 35.32 -6.48
C MET B 610 -5.08 34.36 -7.14
N ARG B 611 -4.12 34.93 -7.87
CA ARG B 611 -3.05 34.16 -8.51
C ARG B 611 -2.32 33.27 -7.50
N HIS B 612 -2.02 33.84 -6.33
CA HIS B 612 -1.27 33.16 -5.26
C HIS B 612 -2.14 32.21 -4.43
N HIS B 613 -3.42 32.51 -4.34
CA HIS B 613 -4.33 31.65 -3.61
C HIS B 613 -4.55 30.38 -4.41
N THR B 614 -4.90 30.56 -5.67
CA THR B 614 -5.09 29.43 -6.56
C THR B 614 -3.82 28.58 -6.67
N GLY B 615 -2.67 29.23 -6.84
CA GLY B 615 -1.40 28.51 -6.83
C GLY B 615 -1.26 27.59 -5.63
N THR B 616 -1.56 28.10 -4.44
CA THR B 616 -1.43 27.36 -3.19
C THR B 616 -2.16 26.01 -3.26
N HIS B 617 -3.41 26.03 -3.69
CA HIS B 617 -4.13 24.79 -3.89
C HIS B 617 -3.44 23.91 -4.92
N VAL B 618 -2.96 24.50 -6.01
CA VAL B 618 -2.27 23.73 -7.05
C VAL B 618 -1.06 23.03 -6.45
N LEU B 619 -0.34 23.77 -5.61
CA LEU B 619 0.84 23.25 -4.94
C LEU B 619 0.48 22.12 -3.98
N MET B 620 -0.50 22.38 -3.11
CA MET B 620 -1.06 21.39 -2.21
C MET B 620 -1.33 20.05 -2.92
N GLY B 621 -2.00 20.11 -4.05
CA GLY B 621 -2.21 18.94 -4.87
C GLY B 621 -0.90 18.21 -5.13
N ALA B 622 0.12 18.94 -5.53
CA ALA B 622 1.40 18.34 -5.83
C ALA B 622 2.03 17.70 -4.58
N LEU B 623 1.99 18.42 -3.46
CA LEU B 623 2.62 17.95 -2.22
C LEU B 623 2.12 16.61 -1.78
N VAL B 624 0.79 16.48 -1.76
CA VAL B 624 0.11 15.22 -1.41
C VAL B 624 0.55 14.11 -2.35
N ARG B 625 0.58 14.42 -3.65
CA ARG B 625 1.06 13.47 -4.67
C ARG B 625 2.55 13.07 -4.60
N VAL B 626 3.36 13.89 -3.96
CA VAL B 626 4.80 13.65 -3.91
C VAL B 626 5.26 13.15 -2.55
N LEU B 627 4.68 13.69 -1.49
CA LEU B 627 5.11 13.38 -0.13
C LEU B 627 4.25 12.35 0.62
N GLY B 628 3.04 12.10 0.14
CA GLY B 628 2.13 11.17 0.82
C GLY B 628 0.86 11.79 1.38
N ARG B 629 -0.06 10.92 1.82
CA ARG B 629 -1.38 11.31 2.30
C ARG B 629 -1.36 12.07 3.64
N HIS B 630 -0.40 11.73 4.50
CA HIS B 630 -0.24 12.39 5.82
C HIS B 630 -0.09 13.90 5.74
N VAL B 631 0.26 14.39 4.55
CA VAL B 631 0.43 15.81 4.30
C VAL B 631 -0.88 16.53 4.53
N TRP B 632 -0.83 17.59 5.31
CA TRP B 632 -2.01 18.35 5.63
C TRP B 632 -1.57 19.74 5.99
N GLN B 633 -2.24 20.75 5.43
CA GLN B 633 -1.93 22.12 5.76
C GLN B 633 -1.97 22.41 7.26
N ALA B 634 -0.95 23.11 7.73
CA ALA B 634 -0.81 23.46 9.13
C ALA B 634 -1.02 24.95 9.30
N GLY B 635 -0.73 25.70 8.23
CA GLY B 635 -0.76 27.15 8.25
C GLY B 635 -0.58 27.64 6.84
N SER B 636 -0.84 28.93 6.64
CA SER B 636 -0.72 29.57 5.32
C SER B 636 -0.43 31.06 5.52
N GLN B 637 -0.11 31.75 4.42
CA GLN B 637 0.00 33.21 4.38
C GLN B 637 0.43 33.57 2.97
N LEU B 638 -0.25 34.53 2.36
CA LEU B 638 0.15 34.99 1.03
C LEU B 638 -0.06 36.46 0.80
N THR B 639 1.04 37.17 0.76
CA THR B 639 1.05 38.57 0.37
C THR B 639 1.03 38.66 -1.16
N THR B 640 0.91 39.89 -1.64
CA THR B 640 0.96 40.23 -3.06
C THR B 640 2.17 39.65 -3.84
N ASP B 641 3.28 39.38 -3.15
CA ASP B 641 4.53 39.00 -3.82
C ASP B 641 4.72 37.50 -3.82
N TRP B 642 4.79 36.96 -2.60
CA TRP B 642 5.16 35.57 -2.32
C TRP B 642 4.05 34.89 -1.52
N ALA B 643 4.13 33.56 -1.44
CA ALA B 643 3.15 32.79 -0.67
C ALA B 643 3.85 31.72 0.14
N ARG B 644 3.31 31.46 1.32
CA ARG B 644 3.80 30.39 2.16
C ARG B 644 2.70 29.41 2.48
N LEU B 645 3.09 28.15 2.51
CA LEU B 645 2.26 27.09 2.98
C LEU B 645 3.05 26.30 4.04
N ASP B 646 2.53 26.25 5.25
CA ASP B 646 3.06 25.37 6.28
C ASP B 646 2.31 24.06 6.18
N ILE B 647 2.98 22.98 5.81
CA ILE B 647 2.34 21.67 5.80
C ILE B 647 2.85 20.90 6.99
N SER B 648 2.14 19.85 7.38
CA SER B 648 2.65 18.95 8.39
C SER B 648 3.43 17.83 7.74
N HIS B 649 4.75 17.86 7.91
CA HIS B 649 5.59 16.81 7.37
C HIS B 649 6.63 16.26 8.37
N TYR B 650 7.07 15.02 8.17
CA TYR B 650 7.87 14.32 9.18
C TYR B 650 9.40 14.35 9.00
N LYS B 651 9.92 15.33 8.25
CA LYS B 651 11.36 15.46 7.97
C LYS B 651 11.55 16.56 6.94
N ARG B 652 12.80 16.89 6.61
CA ARG B 652 13.08 17.90 5.60
C ARG B 652 12.70 17.45 4.19
N ILE B 653 12.22 18.40 3.39
CA ILE B 653 11.96 18.17 1.98
C ILE B 653 13.25 18.37 1.19
N SER B 654 13.72 17.29 0.57
CA SER B 654 14.89 17.34 -0.32
C SER B 654 14.66 18.30 -1.49
N GLU B 655 15.75 18.94 -1.93
CA GLU B 655 15.67 19.90 -3.03
C GLU B 655 15.27 19.21 -4.34
N GLU B 656 15.58 17.92 -4.44
CA GLU B 656 15.18 17.12 -5.60
C GLU B 656 13.66 16.99 -5.65
N GLU B 657 13.05 16.72 -4.49
CA GLU B 657 11.59 16.69 -4.35
C GLU B 657 11.03 18.05 -4.61
N LEU B 658 11.60 19.05 -3.95
CA LEU B 658 11.24 20.43 -4.16
C LEU B 658 11.08 20.76 -5.65
N LYS B 659 11.99 20.27 -6.48
CA LYS B 659 11.87 20.37 -7.94
C LYS B 659 10.70 19.55 -8.47
N GLU B 660 10.73 18.25 -8.17
CA GLU B 660 9.63 17.33 -8.50
C GLU B 660 8.25 17.94 -8.18
N ILE B 661 8.11 18.49 -6.98
CA ILE B 661 6.89 19.21 -6.56
C ILE B 661 6.63 20.39 -7.50
N GLU B 662 7.67 21.18 -7.76
CA GLU B 662 7.51 22.38 -8.59
C GLU B 662 7.14 21.93 -10.00
N MET B 663 7.88 20.96 -10.55
CA MET B 663 7.70 20.51 -11.93
C MET B 663 6.24 20.15 -12.22
N LEU B 664 5.65 19.47 -11.25
CA LEU B 664 4.32 18.94 -11.33
C LEU B 664 3.35 20.09 -11.19
N ALA B 665 3.51 20.87 -10.13
CA ALA B 665 2.68 22.06 -9.94
C ALA B 665 2.64 22.84 -11.24
N ASN B 666 3.76 22.90 -11.95
CA ASN B 666 3.81 23.66 -13.17
C ASN B 666 3.18 22.93 -14.29
N ARG B 667 3.35 21.61 -14.32
CA ARG B 667 2.70 20.83 -15.34
C ARG B 667 1.19 21.15 -15.33
N ILE B 668 0.62 21.32 -14.14
CA ILE B 668 -0.83 21.57 -13.98
C ILE B 668 -1.27 22.97 -14.39
N VAL B 669 -0.49 23.97 -14.02
CA VAL B 669 -0.74 25.34 -14.46
C VAL B 669 -0.62 25.39 -15.99
N MET B 670 0.41 24.71 -16.50
CA MET B 670 0.61 24.52 -17.92
C MET B 670 -0.58 23.82 -18.57
N GLU B 671 -1.21 22.91 -17.82
CA GLU B 671 -2.37 22.19 -18.31
C GLU B 671 -3.67 22.99 -18.31
N ASP B 672 -3.71 24.06 -17.52
CA ASP B 672 -4.88 24.93 -17.46
C ASP B 672 -6.19 24.15 -17.18
N ARG B 673 -6.35 23.76 -15.92
CA ARG B 673 -7.48 22.94 -15.50
C ARG B 673 -8.55 23.82 -14.91
N LYS B 674 -9.82 23.44 -15.06
CA LYS B 674 -10.94 24.25 -14.52
C LYS B 674 -10.96 24.26 -12.99
N VAL B 675 -11.15 25.43 -12.43
CA VAL B 675 -11.26 25.57 -11.00
C VAL B 675 -12.70 25.95 -10.70
N THR B 676 -13.47 25.03 -10.13
CA THR B 676 -14.87 25.28 -9.78
C THR B 676 -14.99 25.49 -8.27
N TRP B 677 -16.19 25.83 -7.79
CA TRP B 677 -16.36 26.22 -6.38
C TRP B 677 -17.80 26.33 -5.84
N GLU B 678 -18.60 25.27 -5.97
CA GLU B 678 -19.99 25.28 -5.47
C GLU B 678 -20.16 25.45 -3.93
N TRP B 679 -21.39 25.64 -3.46
CA TRP B 679 -21.75 25.57 -2.03
C TRP B 679 -22.43 24.24 -1.76
N LEU B 680 -21.84 23.41 -0.90
CA LEU B 680 -22.44 22.11 -0.56
C LEU B 680 -22.77 22.01 0.93
N PRO B 681 -23.87 21.30 1.26
CA PRO B 681 -24.16 21.02 2.67
C PRO B 681 -23.12 20.07 3.26
N ARG B 682 -22.70 20.44 4.47
CA ARG B 682 -21.59 19.82 5.20
C ARG B 682 -21.44 18.32 4.99
N THR B 683 -22.39 17.53 5.47
CA THR B 683 -22.32 16.08 5.36
C THR B 683 -22.10 15.59 3.94
N THR B 684 -22.75 16.23 2.97
CA THR B 684 -22.65 15.78 1.58
C THR B 684 -21.26 16.02 1.06
N ALA B 685 -20.78 17.24 1.32
CA ALA B 685 -19.42 17.62 1.03
C ALA B 685 -18.44 16.56 1.59
N GLU B 686 -18.52 16.33 2.90
CA GLU B 686 -17.70 15.30 3.55
C GLU B 686 -17.83 13.93 2.91
N GLN B 687 -19.04 13.43 2.73
CA GLN B 687 -19.24 12.12 2.08
C GLN B 687 -18.65 12.10 0.66
N LYS B 688 -18.88 13.16 -0.12
CA LYS B 688 -18.42 13.21 -1.50
C LYS B 688 -16.89 13.32 -1.66
N TYR B 689 -16.25 14.18 -0.87
CA TYR B 689 -14.84 14.51 -1.06
C TYR B 689 -13.87 13.96 0.00
N GLY B 690 -14.36 13.76 1.22
CA GLY B 690 -13.53 13.30 2.33
C GLY B 690 -13.17 14.43 3.29
N PHE B 691 -12.57 14.09 4.43
CA PHE B 691 -12.17 15.10 5.41
C PHE B 691 -11.03 15.98 4.91
N ARG B 692 -10.44 15.57 3.79
CA ARG B 692 -9.47 16.40 3.10
C ARG B 692 -9.95 17.82 2.80
N LEU B 693 -11.23 18.07 2.91
CA LEU B 693 -11.76 19.41 2.72
C LEU B 693 -11.28 20.38 3.78
N TYR B 694 -11.13 19.90 5.01
CA TYR B 694 -10.82 20.76 6.14
C TYR B 694 -9.35 20.92 6.26
N GLN B 695 -8.84 21.85 5.48
CA GLN B 695 -7.42 22.15 5.46
C GLN B 695 -7.13 23.32 6.40
N GLY B 696 -7.42 24.53 5.94
CA GLY B 696 -7.13 25.72 6.72
C GLY B 696 -8.12 25.96 7.84
N GLY B 697 -8.27 24.97 8.71
CA GLY B 697 -9.16 25.09 9.87
C GLY B 697 -10.52 24.44 9.62
N VAL B 698 -11.53 24.88 10.39
CA VAL B 698 -12.89 24.32 10.28
C VAL B 698 -13.97 25.41 10.20
N VAL B 699 -14.41 25.65 8.96
CA VAL B 699 -15.45 26.62 8.59
C VAL B 699 -16.80 26.38 9.30
N PRO B 700 -17.40 27.41 9.93
CA PRO B 700 -18.77 27.21 10.46
C PRO B 700 -19.84 27.38 9.37
N GLY B 701 -21.04 26.80 9.59
CA GLY B 701 -22.15 26.92 8.65
C GLY B 701 -22.81 25.61 8.20
N ARG B 702 -24.08 25.70 7.78
CA ARG B 702 -24.85 24.57 7.23
C ARG B 702 -24.32 24.20 5.85
N GLU B 703 -24.01 25.23 5.07
CA GLU B 703 -23.39 25.04 3.77
C GLU B 703 -21.95 25.52 3.80
N ILE B 704 -21.08 24.81 3.09
CA ILE B 704 -19.68 25.18 3.01
C ILE B 704 -19.26 25.33 1.56
N ARG B 705 -18.44 26.35 1.32
CA ARG B 705 -18.01 26.69 -0.01
C ARG B 705 -16.81 25.84 -0.39
N VAL B 706 -16.98 25.01 -1.40
CA VAL B 706 -16.00 23.98 -1.75
C VAL B 706 -15.31 24.23 -3.11
N VAL B 707 -14.07 24.73 -3.02
CA VAL B 707 -13.22 25.04 -4.17
C VAL B 707 -12.54 23.77 -4.65
N LYS B 708 -12.51 23.58 -5.97
CA LYS B 708 -11.98 22.36 -6.54
C LYS B 708 -11.13 22.60 -7.78
N ILE B 709 -9.91 22.07 -7.77
CA ILE B 709 -9.14 22.01 -8.99
C ILE B 709 -9.34 20.64 -9.61
N GLU B 710 -9.88 20.66 -10.83
CA GLU B 710 -10.27 19.48 -11.58
C GLU B 710 -9.28 18.31 -11.51
N ASP B 711 -9.74 17.21 -10.93
CA ASP B 711 -8.93 16.03 -10.63
C ASP B 711 -7.60 16.35 -10.04
N TRP B 712 -7.58 17.29 -9.11
CA TRP B 712 -6.34 17.67 -8.46
C TRP B 712 -6.47 17.86 -6.98
N ASP B 713 -7.25 18.86 -6.59
CA ASP B 713 -7.34 19.28 -5.22
C ASP B 713 -8.76 19.75 -4.92
N VAL B 714 -9.25 19.39 -3.75
CA VAL B 714 -10.54 19.89 -3.26
C VAL B 714 -10.36 20.29 -1.80
N GLN B 715 -11.04 21.34 -1.38
CA GLN B 715 -10.68 22.07 -0.16
C GLN B 715 -11.82 23.03 0.15
N ALA B 716 -12.26 23.09 1.40
CA ALA B 716 -13.42 23.91 1.75
C ALA B 716 -13.06 25.35 2.02
N CYS B 717 -12.31 25.94 1.12
CA CYS B 717 -11.75 27.29 1.28
C CYS B 717 -12.76 28.41 1.01
N GLY B 718 -12.53 29.57 1.63
CA GLY B 718 -13.38 30.74 1.44
C GLY B 718 -12.76 31.88 0.63
N GLY B 719 -11.59 31.65 0.06
CA GLY B 719 -10.83 32.73 -0.59
C GLY B 719 -11.30 33.02 -2.01
N THR B 720 -10.78 34.10 -2.60
CA THR B 720 -11.08 34.40 -4.00
C THR B 720 -10.06 33.71 -4.91
N HIS B 721 -10.56 33.21 -6.04
CA HIS B 721 -9.80 32.32 -6.92
C HIS B 721 -10.00 32.64 -8.40
N LEU B 722 -8.99 32.34 -9.21
CA LEU B 722 -9.09 32.35 -10.65
C LEU B 722 -9.90 31.14 -11.13
N PRO B 723 -10.47 31.21 -12.36
CA PRO B 723 -11.35 30.12 -12.82
C PRO B 723 -10.62 29.00 -13.57
N SER B 724 -9.29 29.12 -13.67
CA SER B 724 -8.50 28.16 -14.42
C SER B 724 -7.06 28.25 -13.93
N THR B 725 -6.33 27.14 -13.98
CA THR B 725 -4.95 27.14 -13.46
C THR B 725 -3.95 27.72 -14.47
N GLY B 726 -4.40 27.94 -15.71
CA GLY B 726 -3.60 28.59 -16.73
C GLY B 726 -3.24 29.99 -16.27
N LEU B 727 -4.25 30.70 -15.75
CA LEU B 727 -4.14 32.11 -15.37
C LEU B 727 -3.37 32.31 -14.06
N VAL B 728 -2.50 31.37 -13.74
CA VAL B 728 -1.64 31.49 -12.56
C VAL B 728 -0.22 31.84 -12.99
N GLY B 729 0.18 31.28 -14.12
CA GLY B 729 1.50 31.53 -14.68
C GLY B 729 2.56 30.78 -13.89
N PRO B 730 3.79 30.75 -14.41
CA PRO B 730 4.88 29.95 -13.83
C PRO B 730 4.94 29.99 -12.29
N ILE B 731 5.07 28.81 -11.67
CA ILE B 731 5.22 28.69 -10.22
C ILE B 731 6.68 28.44 -9.88
N LYS B 732 7.26 29.37 -9.13
CA LYS B 732 8.64 29.24 -8.71
C LYS B 732 8.63 28.98 -7.19
N ILE B 733 9.22 27.85 -6.81
CA ILE B 733 9.40 27.52 -5.40
C ILE B 733 10.71 28.14 -5.00
N LEU B 734 10.66 28.96 -3.98
CA LEU B 734 11.83 29.71 -3.54
C LEU B 734 12.64 28.86 -2.57
N ARG B 735 12.16 28.69 -1.34
CA ARG B 735 12.82 27.70 -0.50
C ARG B 735 11.91 26.99 0.49
N THR B 736 12.34 25.80 0.87
CA THR B 736 11.72 24.98 1.88
C THR B 736 12.40 25.34 3.21
N GLU B 737 11.72 25.22 4.34
CA GLU B 737 12.36 25.41 5.66
C GLU B 737 11.59 24.91 6.90
N ARG B 738 12.29 24.19 7.80
CA ARG B 738 11.67 23.56 8.97
C ARG B 738 11.20 24.55 10.06
N ILE B 739 9.88 24.70 10.19
CA ILE B 739 9.29 25.60 11.19
C ILE B 739 9.45 25.08 12.62
N GLN B 740 9.14 23.80 12.83
CA GLN B 740 9.28 23.13 14.12
C GLN B 740 9.18 21.63 13.91
N ASP B 741 9.04 20.86 14.99
CA ASP B 741 8.90 19.41 14.88
C ASP B 741 7.61 19.03 14.17
N GLY B 742 7.76 18.57 12.92
CA GLY B 742 6.63 18.09 12.14
C GLY B 742 5.91 19.11 11.28
N VAL B 743 6.40 20.34 11.24
CA VAL B 743 5.85 21.35 10.36
C VAL B 743 6.98 21.84 9.46
N GLU B 744 6.79 21.73 8.15
CA GLU B 744 7.75 22.30 7.19
C GLU B 744 7.06 23.43 6.44
N ARG B 745 7.86 24.33 5.87
CA ARG B 745 7.33 25.48 5.15
C ARG B 745 7.91 25.57 3.77
N ILE B 746 7.05 25.77 2.79
CA ILE B 746 7.49 26.01 1.44
C ILE B 746 6.99 27.39 1.11
N ILE B 747 7.94 28.28 0.79
CA ILE B 747 7.60 29.59 0.29
C ILE B 747 7.80 29.56 -1.21
N PHE B 748 6.99 30.33 -1.93
CA PHE B 748 6.97 30.29 -3.38
C PHE B 748 6.36 31.55 -3.96
N ALA B 749 6.59 31.76 -5.26
CA ALA B 749 6.03 32.89 -5.94
C ALA B 749 5.52 32.46 -7.31
N CYS B 750 4.23 32.72 -7.54
CA CYS B 750 3.57 32.43 -8.81
C CYS B 750 3.96 33.54 -9.77
N GLY B 751 3.02 34.44 -10.07
CA GLY B 751 3.29 35.59 -10.94
C GLY B 751 3.64 35.23 -12.39
N GLU B 752 3.62 36.24 -13.24
CA GLU B 752 3.93 36.07 -14.67
C GLU B 752 5.43 36.28 -14.92
ZN ZN C . 15.48 17.14 -16.00
ZN ZN D . 9.99 -36.31 -12.33
N A5A E . 18.22 -3.02 -16.61
CA A5A E . 18.38 -1.72 -17.20
CB A5A E . 19.52 -1.72 -18.20
C A5A E . 17.17 -1.41 -17.99
O A5A E . 16.53 -2.28 -18.54
N3S A5A E . 16.88 -0.12 -18.05
S A5A E . 15.69 0.42 -18.81
O1S A5A E . 14.46 0.09 -18.07
O2S A5A E . 15.80 1.87 -18.89
O5' A5A E . 15.81 -0.18 -20.33
C5' A5A E . 16.94 0.17 -21.12
C4' A5A E . 16.56 0.75 -22.48
O4' A5A E . 15.55 -0.08 -23.09
C3' A5A E . 15.93 2.15 -22.45
O3' A5A E . 16.87 3.23 -22.50
C2' A5A E . 15.11 2.19 -23.69
O2' A5A E . 15.88 2.63 -24.81
C1' A5A E . 14.68 0.74 -23.88
N9 A5A E . 13.25 0.67 -23.45
C8 A5A E . 12.79 0.70 -22.19
N7 A5A E . 11.44 0.66 -22.23
C5 A5A E . 11.08 0.60 -23.54
C6 A5A E . 9.85 0.53 -24.19
N6 A5A E . 8.70 0.50 -23.48
N1 A5A E . 9.83 0.49 -25.56
C2 A5A E . 10.98 0.51 -26.26
N3 A5A E . 12.17 0.58 -25.65
C4 A5A E . 12.23 0.62 -24.30
ZN ZN F . -21.12 0.36 44.16
ZN ZN G . -7.61 28.56 -0.18
N A5A H . -19.87 8.24 24.88
CA A5A H . -20.11 7.36 26.01
CB A5A H . -21.09 6.27 25.63
C A5A H . -18.82 6.72 26.44
O A5A H . -17.87 6.71 25.69
N3S A5A H . -18.81 6.17 27.65
S A5A H . -17.60 5.47 28.27
O1S A5A H . -16.61 6.55 28.45
O2S A5A H . -17.93 4.89 29.59
O5' A5A H . -17.09 4.26 27.30
C5' A5A H . -18.08 3.37 26.86
C4' A5A H . -17.61 1.94 27.04
O4' A5A H . -16.38 1.76 26.37
C3' A5A H . -17.36 1.57 28.50
O3' A5A H . -18.52 1.02 29.10
C2' A5A H . -16.27 0.55 28.44
O2' A5A H . -16.79 -0.73 28.10
C1' A5A H . -15.51 0.97 27.21
N9 A5A H . -14.24 1.70 27.52
C8 A5A H . -14.10 2.98 27.88
N7 A5A H . -12.78 3.22 28.02
C5 A5A H . -12.10 2.08 27.73
C6 A5A H . -10.75 1.73 27.68
N6 A5A H . -9.77 2.62 27.98
N1 A5A H . -10.41 0.46 27.33
C2 A5A H . -11.36 -0.45 27.04
N3 A5A H . -12.66 -0.14 27.07
C4 A5A H . -13.04 1.12 27.41
#